data_5XVD
#
_entry.id   5XVD
#
_cell.length_a   63.940
_cell.length_b   118.980
_cell.length_c   96.810
_cell.angle_alpha   90.00
_cell.angle_beta   100.57
_cell.angle_gamma   90.00
#
_symmetry.space_group_name_H-M   'P 1 21 1'
#
loop_
_entity.id
_entity.type
_entity.pdbx_description
1 polymer '[NiFe]-hydrogenase 2 large subunit'
2 polymer 'Hydrogenase-2 small chain'
3 non-polymer 'MAGNESIUM ION'
4 non-polymer 'NI-FE OXIDIZED ACTIVE CENTER'
5 non-polymer GLYCEROL
6 non-polymer 'SODIUM ION'
7 non-polymer 'IRON/SULFUR CLUSTER'
8 non-polymer 'FE3-S4 CLUSTER'
9 non-polymer 'FE4-S4-O CLUSTER'
10 water water
#
loop_
_entity_poly.entity_id
_entity_poly.type
_entity_poly.pdbx_seq_one_letter_code
_entity_poly.pdbx_strand_id
1 'polypeptide(L)'
;MSQRITIDPVTRIEGHLRIDCEIENGVVSKAWASGTMWRGMEEIVKNRDPRDAWMIVQRICGVCTTTHAISSVRAAESAL
NIDVPVNAQYIRNIILAAHTTHDHIVHFYQLSALDWVDITSALKADPAKASAMLNGVSTWHLNSAEEFTKVQNKIKDLVA
SGQLGIFANGCWGHPAMQLPPEVNLIAVAHYLQALECQRDANRVVALLGGKTPHIQNLAVGGVANPINLDGLGVLNLERL
MYIKSFIDKLSDFVEQVYKVDTAVIAAFYPEWLERGQGAVNYLSAPEFPTDGKNGSFLFPGGYITDADLSTYRPITSHSD
EYLIKGIQESAKHAWYKDEAPQAPWEGTTVPDYTGWSDDGKYSWVKAPTFYGKTVEVGPLANMLCKLAAKRESTHAKLNE
IVAIYTKLTGKTIEVAQLHSTLGRIIGRTVHCCELQNVLQDQYNALIVNIGKGDHTTFVKPDIPATGEFKGVGFLEAPRG
MLSHWMVIKDGIISNYQAVVPSTWNSGPRNFNDEVGPYERSLVGTPIADPNKPLEVVRTIHSFDP(CSO)MSCAVH
;
L,M
2 'polypeptide(L)'
;EMAESVSRPQRPPVIWIGAQECTGCTESLLRATHPTVENLVLETISLEYHEVLSAAFGHQVEENKHNALEKYKGQYVLVV
DGSIPLKDNGIYCMVAGEPIVDHIRRAAEGAAAIIAIGSCAAWGGVAAAGVNPTGAVGLQEVLPGKTIINIPGCPPNPHN
FLATVAHIITYGKPPKLDAKNRPTFAYGRLIHEHCERRPHFDAGRFAKEFGDEGHREGWCLYHLGCKGPETYGNCSTLQF
CDVGGVWPVAIGHPCYGCNEEGIGFHKGIHQLAHVENQTPRSEKPDVNIKEGGNISAGAVGLLGGVVGLVAGVSVMAVRE
LGRQQKKDNADSRGE
;
S,T
#
# COMPACT_ATOMS: atom_id res chain seq x y z
N SER A 2 -25.86 45.76 -20.98
CA SER A 2 -24.95 44.68 -21.36
C SER A 2 -23.64 44.80 -20.60
N GLN A 3 -23.24 43.72 -19.92
CA GLN A 3 -22.00 43.70 -19.16
C GLN A 3 -21.09 42.60 -19.70
N ARG A 4 -19.81 42.93 -19.82
CA ARG A 4 -18.81 41.98 -20.32
C ARG A 4 -17.95 41.51 -19.17
N ILE A 5 -17.79 40.19 -19.03
CA ILE A 5 -16.96 39.63 -17.97
C ILE A 5 -15.91 38.70 -18.50
N THR A 6 -14.84 38.53 -17.72
N THR A 6 -14.82 38.54 -17.74
CA THR A 6 -13.78 37.61 -18.07
CA THR A 6 -13.77 37.61 -18.09
C THR A 6 -13.48 36.69 -16.88
C THR A 6 -13.43 36.71 -16.90
N ILE A 7 -13.28 35.41 -17.17
CA ILE A 7 -12.84 34.47 -16.15
C ILE A 7 -11.49 33.94 -16.57
N ASP A 8 -10.45 34.38 -15.87
CA ASP A 8 -9.08 34.08 -16.28
C ASP A 8 -8.20 34.21 -15.04
N PRO A 9 -7.73 33.07 -14.50
CA PRO A 9 -7.86 31.71 -15.03
C PRO A 9 -9.12 30.99 -14.57
N VAL A 10 -9.65 30.12 -15.42
CA VAL A 10 -10.60 29.12 -14.96
C VAL A 10 -9.79 28.05 -14.21
N THR A 11 -10.12 27.80 -12.95
CA THR A 11 -9.39 26.83 -12.15
C THR A 11 -10.09 25.49 -12.14
N ARG A 12 -9.46 24.50 -11.50
CA ARG A 12 -9.99 23.14 -11.41
C ARG A 12 -10.31 22.55 -12.78
N ILE A 13 -9.39 22.82 -13.70
CA ILE A 13 -9.32 22.14 -14.98
C ILE A 13 -7.84 21.86 -15.15
N GLU A 14 -7.48 21.20 -16.25
CA GLU A 14 -6.08 21.12 -16.60
C GLU A 14 -5.78 22.29 -17.51
N GLY A 15 -4.67 22.96 -17.24
CA GLY A 15 -4.15 23.91 -18.20
C GLY A 15 -4.74 25.29 -18.10
N HIS A 16 -4.47 26.10 -19.12
CA HIS A 16 -4.77 27.52 -19.09
C HIS A 16 -5.96 27.91 -19.97
N LEU A 17 -7.06 28.28 -19.33
CA LEU A 17 -8.30 28.63 -20.02
C LEU A 17 -8.81 29.99 -19.57
N ARG A 18 -9.23 30.78 -20.56
CA ARG A 18 -9.93 32.04 -20.33
C ARG A 18 -11.32 31.93 -20.94
N ILE A 19 -12.34 32.36 -20.20
CA ILE A 19 -13.69 32.41 -20.71
C ILE A 19 -14.19 33.84 -20.62
N ASP A 20 -14.71 34.39 -21.72
CA ASP A 20 -15.37 35.70 -21.69
C ASP A 20 -16.85 35.54 -21.99
N CYS A 21 -17.68 36.38 -21.35
CA CYS A 21 -19.11 36.35 -21.59
C CYS A 21 -19.69 37.75 -21.68
N GLU A 22 -20.60 37.94 -22.62
CA GLU A 22 -21.49 39.11 -22.58
C GLU A 22 -22.76 38.71 -21.82
N ILE A 23 -23.21 39.59 -20.93
CA ILE A 23 -24.42 39.35 -20.14
C ILE A 23 -25.48 40.41 -20.43
N GLU A 24 -26.69 39.95 -20.75
CA GLU A 24 -27.82 40.84 -21.02
C GLU A 24 -29.01 40.40 -20.17
N ASN A 25 -29.59 41.34 -19.42
CA ASN A 25 -30.73 41.05 -18.55
C ASN A 25 -30.46 39.86 -17.63
N GLY A 26 -29.25 39.80 -17.10
CA GLY A 26 -28.87 38.80 -16.11
C GLY A 26 -28.60 37.42 -16.66
N VAL A 27 -28.46 37.31 -17.99
CA VAL A 27 -28.27 36.02 -18.63
C VAL A 27 -27.15 36.13 -19.68
N VAL A 28 -26.30 35.13 -19.77
CA VAL A 28 -25.25 35.12 -20.79
C VAL A 28 -25.86 35.11 -22.19
N SER A 29 -25.44 36.06 -23.03
CA SER A 29 -25.94 36.15 -24.40
C SER A 29 -24.93 35.68 -25.45
N LYS A 30 -23.66 35.70 -25.10
CA LYS A 30 -22.59 35.36 -26.04
C LYS A 30 -21.34 35.02 -25.24
N ALA A 31 -20.53 34.09 -25.74
CA ALA A 31 -19.33 33.69 -25.01
C ALA A 31 -18.13 33.40 -25.92
N TRP A 32 -16.94 33.44 -25.34
CA TRP A 32 -15.70 33.12 -26.03
C TRP A 32 -14.89 32.21 -25.13
N ALA A 33 -14.37 31.12 -25.69
CA ALA A 33 -13.44 30.24 -24.97
C ALA A 33 -12.05 30.39 -25.58
N SER A 34 -11.04 30.49 -24.73
CA SER A 34 -9.68 30.77 -25.18
C SER A 34 -8.64 29.92 -24.47
N GLY A 35 -7.91 29.10 -25.23
CA GLY A 35 -6.73 28.43 -24.70
C GLY A 35 -5.55 29.40 -24.76
N THR A 36 -4.90 29.65 -23.62
CA THR A 36 -3.93 30.74 -23.53
C THR A 36 -2.45 30.30 -23.48
N MET A 37 -2.20 29.01 -23.65
CA MET A 37 -0.83 28.49 -23.65
C MET A 37 -0.62 27.50 -24.80
N TRP A 38 0.49 27.66 -25.52
CA TRP A 38 0.87 26.75 -26.60
C TRP A 38 2.31 26.27 -26.44
N ARG A 39 2.59 25.01 -26.80
CA ARG A 39 3.95 24.46 -26.75
C ARG A 39 4.49 24.03 -28.12
N GLY A 40 3.58 23.70 -29.04
CA GLY A 40 3.98 23.23 -30.36
C GLY A 40 4.42 21.79 -30.37
N MET A 41 3.66 20.93 -29.72
CA MET A 41 4.03 19.51 -29.62
C MET A 41 4.07 18.82 -30.97
N GLU A 42 3.23 19.26 -31.89
CA GLU A 42 3.19 18.67 -33.22
C GLU A 42 4.49 18.92 -33.98
N GLU A 43 5.07 20.11 -33.79
CA GLU A 43 6.33 20.46 -34.44
C GLU A 43 7.51 19.80 -33.76
N ILE A 44 7.46 19.68 -32.45
CA ILE A 44 8.54 19.05 -31.68
C ILE A 44 8.78 17.60 -32.10
N VAL A 45 7.71 16.89 -32.45
CA VAL A 45 7.82 15.48 -32.77
C VAL A 45 8.18 15.22 -34.24
N LYS A 46 8.14 16.27 -35.06
CA LYS A 46 8.45 16.13 -36.48
C LYS A 46 9.91 15.70 -36.75
N ASN A 47 10.09 14.98 -37.85
CA ASN A 47 11.40 14.54 -38.34
C ASN A 47 12.07 13.46 -37.51
N ARG A 48 11.27 12.80 -36.68
CA ARG A 48 11.77 11.70 -35.86
C ARG A 48 11.32 10.35 -36.39
N ASP A 49 11.95 9.30 -35.88
CA ASP A 49 11.52 7.93 -36.15
C ASP A 49 10.10 7.77 -35.63
N PRO A 50 9.21 7.16 -36.42
CA PRO A 50 7.81 6.95 -35.98
C PRO A 50 7.71 6.24 -34.63
N ARG A 51 8.69 5.40 -34.31
CA ARG A 51 8.66 4.68 -33.05
C ARG A 51 8.83 5.58 -31.83
N ASP A 52 9.40 6.77 -32.04
CA ASP A 52 9.75 7.64 -30.94
C ASP A 52 8.60 8.55 -30.55
N ALA A 53 7.62 8.68 -31.42
CA ALA A 53 6.59 9.69 -31.23
C ALA A 53 5.83 9.55 -29.91
N TRP A 54 5.52 8.32 -29.51
CA TRP A 54 4.59 8.15 -28.40
C TRP A 54 5.13 8.67 -27.07
N MET A 55 6.44 8.54 -26.87
CA MET A 55 7.04 9.01 -25.63
C MET A 55 7.03 10.52 -25.53
N ILE A 56 7.07 11.18 -26.68
CA ILE A 56 7.04 12.63 -26.74
C ILE A 56 5.62 13.18 -26.63
N VAL A 57 4.72 12.66 -27.45
CA VAL A 57 3.38 13.23 -27.47
C VAL A 57 2.54 12.79 -26.28
N GLN A 58 2.97 11.77 -25.53
CA GLN A 58 2.29 11.49 -24.26
C GLN A 58 2.31 12.74 -23.36
N ARG A 59 3.35 13.54 -23.52
CA ARG A 59 3.54 14.76 -22.73
C ARG A 59 2.64 15.92 -23.15
N ILE A 60 1.76 15.69 -24.12
CA ILE A 60 0.70 16.64 -24.37
C ILE A 60 -0.07 16.87 -23.07
N CYS A 61 -0.26 15.81 -22.29
CA CYS A 61 -1.03 15.94 -21.06
C CYS A 61 -0.77 14.86 -20.03
N GLY A 62 -0.60 15.27 -18.77
CA GLY A 62 -0.40 14.32 -17.68
C GLY A 62 -1.64 14.03 -16.88
N VAL A 63 -2.71 14.79 -17.08
CA VAL A 63 -3.99 14.45 -16.49
C VAL A 63 -4.56 13.23 -17.21
N CYS A 64 -4.71 13.35 -18.53
CA CYS A 64 -5.09 12.21 -19.36
C CYS A 64 -3.84 11.51 -19.87
N THR A 65 -2.96 11.20 -18.94
CA THR A 65 -1.79 10.40 -19.28
C THR A 65 -2.30 9.05 -19.83
N THR A 66 -1.42 8.31 -20.50
CA THR A 66 -1.75 7.10 -21.30
C THR A 66 -2.43 7.36 -22.66
N THR A 67 -3.30 8.36 -22.73
CA THR A 67 -4.19 8.47 -23.89
C THR A 67 -3.44 8.80 -25.20
N HIS A 68 -2.61 9.84 -25.14
CA HIS A 68 -1.84 10.23 -26.31
C HIS A 68 -0.79 9.20 -26.67
N ALA A 69 -0.30 8.49 -25.65
CA ALA A 69 0.66 7.42 -25.87
C ALA A 69 0.03 6.30 -26.71
N ILE A 70 -1.15 5.85 -26.31
CA ILE A 70 -1.83 4.77 -27.03
C ILE A 70 -2.27 5.24 -28.41
N SER A 71 -2.83 6.45 -28.49
CA SER A 71 -3.25 6.99 -29.79
C SER A 71 -2.06 7.11 -30.77
N SER A 72 -0.91 7.52 -30.27
CA SER A 72 0.28 7.66 -31.10
C SER A 72 0.75 6.31 -31.67
N VAL A 73 0.88 5.29 -30.82
CA VAL A 73 1.28 3.99 -31.37
C VAL A 73 0.23 3.44 -32.34
N ARG A 74 -1.05 3.67 -32.05
CA ARG A 74 -2.11 3.26 -32.97
C ARG A 74 -1.98 3.96 -34.32
N ALA A 75 -1.56 5.24 -34.31
CA ALA A 75 -1.36 5.95 -35.58
C ALA A 75 -0.22 5.37 -36.40
N ALA A 76 0.89 5.05 -35.74
CA ALA A 76 2.03 4.45 -36.43
C ALA A 76 1.68 3.05 -36.94
N GLU A 77 0.96 2.29 -36.11
CA GLU A 77 0.50 0.96 -36.49
C GLU A 77 -0.44 1.01 -37.70
N SER A 78 -1.29 2.03 -37.72
CA SER A 78 -2.14 2.30 -38.89
C SER A 78 -1.31 2.56 -40.14
N ALA A 79 -0.32 3.45 -40.03
CA ALA A 79 0.49 3.81 -41.18
C ALA A 79 1.29 2.63 -41.72
N LEU A 80 1.66 1.73 -40.83
CA LEU A 80 2.56 0.63 -41.17
C LEU A 80 1.84 -0.71 -41.33
N ASN A 81 0.51 -0.69 -41.21
N ASN A 81 0.51 -0.68 -41.27
CA ASN A 81 -0.35 -1.87 -41.45
CA ASN A 81 -0.29 -1.89 -41.43
C ASN A 81 -0.16 -3.01 -40.44
C ASN A 81 0.18 -2.98 -40.49
N ILE A 82 0.18 -2.67 -39.21
CA ILE A 82 0.49 -3.63 -38.18
C ILE A 82 -0.77 -4.12 -37.46
N ASP A 83 -0.88 -5.44 -37.33
CA ASP A 83 -1.88 -6.08 -36.47
C ASP A 83 -1.29 -6.27 -35.07
N VAL A 84 -1.87 -5.60 -34.08
CA VAL A 84 -1.37 -5.66 -32.70
C VAL A 84 -1.71 -7.00 -32.04
N PRO A 85 -0.72 -7.64 -31.40
CA PRO A 85 -1.01 -8.92 -30.71
C PRO A 85 -2.12 -8.74 -29.68
N VAL A 86 -3.00 -9.74 -29.57
CA VAL A 86 -4.14 -9.62 -28.69
C VAL A 86 -3.74 -9.40 -27.21
N ASN A 87 -2.65 -9.99 -26.76
CA ASN A 87 -2.19 -9.73 -25.38
C ASN A 87 -1.86 -8.27 -25.15
N ALA A 88 -1.28 -7.62 -26.16
CA ALA A 88 -0.97 -6.20 -26.05
C ALA A 88 -2.26 -5.37 -26.01
N GLN A 89 -3.30 -5.81 -26.72
CA GLN A 89 -4.59 -5.15 -26.62
C GLN A 89 -5.19 -5.27 -25.21
N TYR A 90 -5.13 -6.47 -24.62
CA TYR A 90 -5.65 -6.65 -23.27
C TYR A 90 -4.96 -5.68 -22.30
N ILE A 91 -3.63 -5.58 -22.44
CA ILE A 91 -2.84 -4.76 -21.54
C ILE A 91 -3.11 -3.27 -21.75
N ARG A 92 -3.13 -2.84 -23.02
CA ARG A 92 -3.53 -1.47 -23.33
C ARG A 92 -4.93 -1.15 -22.79
N ASN A 93 -5.85 -2.09 -22.96
CA ASN A 93 -7.23 -1.89 -22.51
C ASN A 93 -7.35 -1.73 -21.00
N ILE A 94 -6.64 -2.59 -20.27
CA ILE A 94 -6.66 -2.53 -18.80
C ILE A 94 -6.10 -1.18 -18.35
N ILE A 95 -4.99 -0.79 -18.94
CA ILE A 95 -4.39 0.52 -18.62
C ILE A 95 -5.36 1.68 -18.87
N LEU A 96 -5.96 1.71 -20.06
CA LEU A 96 -6.87 2.81 -20.41
C LEU A 96 -8.10 2.83 -19.50
N ALA A 97 -8.62 1.65 -19.19
CA ALA A 97 -9.83 1.57 -18.35
C ALA A 97 -9.54 1.97 -16.91
N ALA A 98 -8.40 1.53 -16.37
CA ALA A 98 -8.02 1.91 -15.00
C ALA A 98 -7.68 3.39 -14.93
N HIS A 99 -6.95 3.89 -15.92
CA HIS A 99 -6.66 5.30 -15.93
C HIS A 99 -7.94 6.13 -15.95
N THR A 100 -8.87 5.76 -16.82
CA THR A 100 -10.10 6.53 -16.96
C THR A 100 -10.93 6.52 -15.69
N THR A 101 -10.83 5.43 -14.93
CA THR A 101 -11.53 5.33 -13.64
C THR A 101 -10.96 6.40 -12.70
N HIS A 102 -9.63 6.45 -12.60
CA HIS A 102 -8.98 7.49 -11.79
C HIS A 102 -9.38 8.88 -12.27
N ASP A 103 -9.40 9.06 -13.59
CA ASP A 103 -9.61 10.37 -14.21
C ASP A 103 -11.02 10.89 -13.91
N HIS A 104 -12.03 10.05 -14.15
CA HIS A 104 -13.41 10.45 -13.89
C HIS A 104 -13.69 10.72 -12.40
N ILE A 105 -13.16 9.88 -11.52
CA ILE A 105 -13.35 10.10 -10.08
C ILE A 105 -12.75 11.44 -9.65
N VAL A 106 -11.52 11.70 -10.10
CA VAL A 106 -10.88 12.96 -9.76
C VAL A 106 -11.65 14.14 -10.35
N HIS A 107 -12.17 13.97 -11.56
CA HIS A 107 -12.96 15.05 -12.13
C HIS A 107 -14.23 15.36 -11.34
N PHE A 108 -14.99 14.33 -10.97
CA PHE A 108 -16.22 14.58 -10.24
C PHE A 108 -15.96 15.24 -8.88
N TYR A 109 -14.95 14.74 -8.16
CA TYR A 109 -14.70 15.22 -6.80
C TYR A 109 -13.73 16.41 -6.72
N GLN A 110 -12.47 16.18 -7.05
CA GLN A 110 -11.45 17.22 -6.88
C GLN A 110 -11.61 18.41 -7.82
N LEU A 111 -12.12 18.17 -9.02
CA LEU A 111 -12.21 19.24 -9.99
C LEU A 111 -13.59 19.92 -9.98
N SER A 112 -14.64 19.12 -9.81
CA SER A 112 -15.98 19.67 -10.04
C SER A 112 -16.83 19.91 -8.80
N ALA A 113 -16.65 19.11 -7.76
CA ALA A 113 -17.61 19.11 -6.65
C ALA A 113 -17.77 20.48 -6.00
N LEU A 114 -16.68 21.23 -5.91
CA LEU A 114 -16.73 22.52 -5.24
C LEU A 114 -17.46 23.62 -6.03
N ASP A 115 -17.98 23.26 -7.21
CA ASP A 115 -18.94 24.10 -7.93
C ASP A 115 -20.34 23.96 -7.35
N TRP A 116 -20.60 22.82 -6.72
CA TRP A 116 -21.96 22.42 -6.32
C TRP A 116 -22.08 22.27 -4.82
N VAL A 117 -20.92 22.19 -4.15
CA VAL A 117 -20.83 21.89 -2.73
C VAL A 117 -20.20 23.09 -2.02
N ASP A 118 -20.80 23.48 -0.89
CA ASP A 118 -20.33 24.62 -0.11
C ASP A 118 -19.71 24.08 1.18
N ILE A 119 -18.39 24.17 1.30
CA ILE A 119 -17.74 23.55 2.45
C ILE A 119 -18.06 24.25 3.77
N THR A 120 -18.34 25.55 3.71
CA THR A 120 -18.69 26.30 4.92
C THR A 120 -20.04 25.89 5.46
N SER A 121 -20.93 25.52 4.55
CA SER A 121 -22.25 25.03 4.92
C SER A 121 -22.15 23.71 5.66
N ALA A 122 -21.19 22.88 5.25
CA ALA A 122 -20.96 21.58 5.90
C ALA A 122 -20.68 21.72 7.40
N LEU A 123 -20.14 22.86 7.81
CA LEU A 123 -19.89 23.15 9.22
C LEU A 123 -21.18 23.20 10.04
N LYS A 124 -22.29 23.55 9.40
CA LYS A 124 -23.58 23.68 10.08
C LYS A 124 -24.30 22.34 10.19
N ALA A 125 -23.79 21.33 9.51
CA ALA A 125 -24.53 20.07 9.41
C ALA A 125 -24.60 19.29 10.71
N ASP A 126 -25.69 18.54 10.87
CA ASP A 126 -25.80 17.52 11.91
C ASP A 126 -25.34 16.19 11.28
N PRO A 127 -24.18 15.66 11.73
CA PRO A 127 -23.67 14.41 11.14
C PRO A 127 -24.62 13.22 11.26
N ALA A 128 -25.39 13.14 12.33
CA ALA A 128 -26.33 12.04 12.49
C ALA A 128 -27.46 12.13 11.45
N LYS A 129 -27.93 13.34 11.20
CA LYS A 129 -28.97 13.55 10.18
C LYS A 129 -28.42 13.26 8.78
N ALA A 130 -27.17 13.65 8.54
CA ALA A 130 -26.51 13.38 7.26
C ALA A 130 -26.41 11.87 6.99
N SER A 131 -26.02 11.11 8.01
CA SER A 131 -25.92 9.66 7.86
C SER A 131 -27.31 9.07 7.61
N ALA A 132 -28.30 9.56 8.34
CA ALA A 132 -29.65 9.01 8.28
C ALA A 132 -30.28 9.19 6.90
N MET A 133 -29.97 10.29 6.21
CA MET A 133 -30.62 10.52 4.94
C MET A 133 -30.09 9.61 3.82
N LEU A 134 -28.98 8.92 4.10
CA LEU A 134 -28.44 7.96 3.15
C LEU A 134 -28.92 6.53 3.42
N ASN A 135 -29.67 6.34 4.51
N ASN A 135 -29.68 6.35 4.51
CA ASN A 135 -30.25 5.05 4.81
CA ASN A 135 -30.23 5.03 4.82
C ASN A 135 -31.13 4.59 3.65
C ASN A 135 -31.16 4.55 3.71
N GLY A 136 -30.81 3.42 3.10
CA GLY A 136 -31.59 2.88 2.00
C GLY A 136 -31.23 3.46 0.65
N VAL A 137 -30.34 4.46 0.65
CA VAL A 137 -29.92 5.11 -0.59
C VAL A 137 -28.64 4.46 -1.11
N SER A 138 -27.72 4.14 -0.21
CA SER A 138 -26.45 3.54 -0.56
C SER A 138 -26.09 2.44 0.44
N THR A 139 -25.42 1.39 -0.04
CA THR A 139 -24.94 0.33 0.85
C THR A 139 -23.49 0.58 1.30
N TRP A 140 -22.94 1.74 0.93
CA TRP A 140 -21.56 2.09 1.26
C TRP A 140 -21.34 2.06 2.77
N HIS A 141 -20.18 1.55 3.16
CA HIS A 141 -19.91 1.26 4.57
C HIS A 141 -19.25 2.42 5.32
N LEU A 142 -18.98 3.53 4.62
CA LEU A 142 -18.33 4.68 5.25
C LEU A 142 -19.21 5.93 5.23
N ASN A 143 -20.48 5.76 5.55
CA ASN A 143 -21.42 6.87 5.65
C ASN A 143 -21.99 7.03 7.06
N SER A 144 -21.25 6.58 8.06
CA SER A 144 -21.71 6.68 9.44
C SER A 144 -21.62 8.12 9.95
N ALA A 145 -22.41 8.42 10.99
CA ALA A 145 -22.35 9.72 11.65
C ALA A 145 -20.94 9.97 12.17
N GLU A 146 -20.29 8.92 12.65
CA GLU A 146 -18.94 9.03 13.18
C GLU A 146 -17.93 9.43 12.09
N GLU A 147 -18.06 8.85 10.90
CA GLU A 147 -17.19 9.24 9.77
C GLU A 147 -17.44 10.70 9.40
N PHE A 148 -18.71 11.09 9.32
CA PHE A 148 -19.05 12.44 8.94
C PHE A 148 -18.59 13.46 10.01
N THR A 149 -18.58 13.04 11.26
CA THR A 149 -18.09 13.88 12.34
C THR A 149 -16.59 14.11 12.24
N LYS A 150 -15.84 13.04 12.00
CA LYS A 150 -14.40 13.18 11.76
C LYS A 150 -14.13 14.15 10.62
N VAL A 151 -14.90 14.03 9.53
CA VAL A 151 -14.72 14.92 8.39
C VAL A 151 -15.07 16.37 8.73
N GLN A 152 -16.18 16.56 9.44
CA GLN A 152 -16.62 17.89 9.81
C GLN A 152 -15.56 18.58 10.67
N ASN A 153 -14.95 17.81 11.57
CA ASN A 153 -13.89 18.32 12.42
C ASN A 153 -12.64 18.73 11.63
N LYS A 154 -12.33 18.00 10.55
CA LYS A 154 -11.23 18.39 9.67
C LYS A 154 -11.51 19.74 9.02
N ILE A 155 -12.75 19.95 8.57
CA ILE A 155 -13.12 21.22 7.93
C ILE A 155 -13.06 22.33 8.96
N LYS A 156 -13.57 22.01 10.15
CA LYS A 156 -13.60 22.98 11.23
C LYS A 156 -12.19 23.43 11.63
N ASP A 157 -11.28 22.47 11.75
CA ASP A 157 -9.89 22.81 12.09
C ASP A 157 -9.22 23.63 10.98
N LEU A 158 -9.49 23.28 9.73
CA LEU A 158 -8.98 24.05 8.59
C LEU A 158 -9.48 25.50 8.65
N VAL A 159 -10.78 25.67 8.84
CA VAL A 159 -11.37 27.00 8.91
C VAL A 159 -10.89 27.79 10.13
N ALA A 160 -10.82 27.12 11.27
CA ALA A 160 -10.37 27.76 12.51
C ALA A 160 -8.93 28.30 12.40
N SER A 161 -8.13 27.67 11.55
CA SER A 161 -6.71 28.01 11.43
C SER A 161 -6.50 29.35 10.74
N GLY A 162 -7.50 29.78 9.96
CA GLY A 162 -7.37 31.00 9.21
C GLY A 162 -6.54 30.81 7.95
N GLN A 163 -6.16 29.56 7.70
CA GLN A 163 -5.41 29.22 6.48
C GLN A 163 -6.20 28.24 5.63
N LEU A 164 -7.16 28.76 4.87
CA LEU A 164 -8.04 27.89 4.09
C LEU A 164 -7.38 27.36 2.83
N GLY A 165 -6.29 27.99 2.42
CA GLY A 165 -5.50 27.52 1.29
C GLY A 165 -6.31 27.38 0.02
N ILE A 166 -6.30 26.18 -0.56
CA ILE A 166 -7.04 25.96 -1.79
C ILE A 166 -8.55 26.10 -1.61
N PHE A 167 -9.02 26.11 -0.36
CA PHE A 167 -10.45 26.28 -0.11
C PHE A 167 -10.83 27.72 0.21
N ALA A 168 -9.88 28.63 0.12
CA ALA A 168 -10.13 30.04 0.44
C ALA A 168 -10.92 30.75 -0.66
N ASN A 169 -11.89 31.56 -0.26
CA ASN A 169 -12.51 32.53 -1.17
C ASN A 169 -13.22 31.82 -2.34
N GLY A 170 -13.74 30.63 -2.06
CA GLY A 170 -14.57 29.89 -3.00
C GLY A 170 -15.97 30.49 -3.03
N CYS A 171 -16.89 29.87 -3.75
CA CYS A 171 -18.24 30.43 -3.88
C CYS A 171 -19.11 30.06 -2.69
N TRP A 172 -18.55 30.22 -1.49
CA TRP A 172 -19.26 29.90 -0.28
C TRP A 172 -20.41 30.87 -0.05
N GLY A 173 -21.60 30.34 0.22
CA GLY A 173 -22.77 31.15 0.44
C GLY A 173 -23.38 31.71 -0.84
N HIS A 174 -22.84 31.33 -1.99
CA HIS A 174 -23.37 31.81 -3.28
C HIS A 174 -24.83 31.35 -3.43
N PRO A 175 -25.71 32.20 -3.99
CA PRO A 175 -27.12 31.81 -4.02
C PRO A 175 -27.42 30.57 -4.88
N ALA A 176 -26.52 30.22 -5.78
CA ALA A 176 -26.74 29.03 -6.61
C ALA A 176 -26.25 27.75 -5.93
N MET A 177 -25.70 27.87 -4.72
CA MET A 177 -25.40 26.70 -3.88
C MET A 177 -26.70 26.26 -3.21
N GLN A 178 -27.13 25.04 -3.52
CA GLN A 178 -28.47 24.59 -3.16
C GLN A 178 -28.53 23.34 -2.29
N LEU A 179 -27.37 22.76 -1.97
CA LEU A 179 -27.37 21.61 -1.08
C LEU A 179 -27.62 22.05 0.36
N PRO A 180 -28.40 21.25 1.11
CA PRO A 180 -28.52 21.44 2.56
C PRO A 180 -27.18 21.15 3.23
N PRO A 181 -26.95 21.71 4.43
CA PRO A 181 -25.68 21.48 5.14
C PRO A 181 -25.29 20.00 5.21
N GLU A 182 -26.26 19.13 5.53
CA GLU A 182 -25.99 17.70 5.63
C GLU A 182 -25.42 17.11 4.34
N VAL A 183 -25.96 17.51 3.20
CA VAL A 183 -25.50 16.97 1.92
C VAL A 183 -24.13 17.53 1.53
N ASN A 184 -23.87 18.79 1.88
CA ASN A 184 -22.53 19.34 1.73
C ASN A 184 -21.50 18.51 2.52
N LEU A 185 -21.85 18.12 3.74
CA LEU A 185 -20.94 17.33 4.56
C LEU A 185 -20.71 15.95 3.95
N ILE A 186 -21.79 15.32 3.48
CA ILE A 186 -21.68 14.05 2.78
C ILE A 186 -20.70 14.14 1.61
N ALA A 187 -20.87 15.19 0.80
CA ALA A 187 -20.02 15.37 -0.36
C ALA A 187 -18.54 15.56 -0.01
N VAL A 188 -18.26 16.32 1.04
CA VAL A 188 -16.87 16.54 1.46
C VAL A 188 -16.24 15.22 1.97
N ALA A 189 -17.00 14.44 2.72
CA ALA A 189 -16.53 13.14 3.16
C ALA A 189 -16.17 12.27 1.96
N HIS A 190 -17.03 12.28 0.95
CA HIS A 190 -16.78 11.46 -0.23
C HIS A 190 -15.62 11.98 -1.10
N TYR A 191 -15.44 13.30 -1.11
CA TYR A 191 -14.30 13.93 -1.79
C TYR A 191 -13.00 13.36 -1.23
N LEU A 192 -12.94 13.21 0.09
CA LEU A 192 -11.75 12.66 0.74
C LEU A 192 -11.62 11.16 0.47
N GLN A 193 -12.72 10.43 0.57
CA GLN A 193 -12.71 9.00 0.30
C GLN A 193 -12.33 8.68 -1.16
N ALA A 194 -12.73 9.57 -2.07
CA ALA A 194 -12.40 9.40 -3.49
C ALA A 194 -10.91 9.35 -3.73
N LEU A 195 -10.14 10.06 -2.91
CA LEU A 195 -8.69 10.10 -3.11
C LEU A 195 -8.05 8.72 -2.94
N GLU A 196 -8.60 7.90 -2.07
CA GLU A 196 -8.07 6.55 -1.90
C GLU A 196 -8.43 5.65 -3.09
N CYS A 197 -9.66 5.77 -3.58
CA CYS A 197 -10.08 4.95 -4.71
C CYS A 197 -9.29 5.26 -5.98
N GLN A 198 -9.10 6.54 -6.27
CA GLN A 198 -8.32 6.89 -7.46
C GLN A 198 -6.87 6.42 -7.33
N ARG A 199 -6.36 6.38 -6.10
CA ARG A 199 -5.01 5.85 -5.90
C ARG A 199 -4.94 4.36 -6.25
N ASP A 200 -5.95 3.60 -5.86
CA ASP A 200 -6.00 2.18 -6.23
C ASP A 200 -6.09 1.99 -7.76
N ALA A 201 -6.83 2.87 -8.43
CA ALA A 201 -6.96 2.74 -9.88
C ALA A 201 -5.60 2.93 -10.52
N ASN A 202 -4.86 3.91 -10.03
CA ASN A 202 -3.55 4.17 -10.59
C ASN A 202 -2.49 3.14 -10.23
N ARG A 203 -2.73 2.37 -9.18
CA ARG A 203 -1.83 1.27 -8.88
C ARG A 203 -1.94 0.17 -9.94
N VAL A 204 -3.15 0.01 -10.50
CA VAL A 204 -3.33 -0.89 -11.64
C VAL A 204 -2.53 -0.38 -12.84
N VAL A 205 -2.67 0.90 -13.15
CA VAL A 205 -1.93 1.49 -14.25
C VAL A 205 -0.43 1.33 -14.06
N ALA A 206 0.06 1.62 -12.85
CA ALA A 206 1.49 1.56 -12.57
C ALA A 206 2.08 0.16 -12.76
N LEU A 207 1.37 -0.85 -12.29
CA LEU A 207 1.88 -2.22 -12.39
C LEU A 207 2.05 -2.72 -13.83
N LEU A 208 1.27 -2.17 -14.76
CA LEU A 208 1.44 -2.50 -16.18
C LEU A 208 2.24 -1.43 -16.94
N GLY A 209 2.11 -0.17 -16.55
CA GLY A 209 2.76 0.90 -17.29
C GLY A 209 4.20 1.21 -16.88
N GLY A 210 4.59 0.83 -15.66
CA GLY A 210 5.94 1.08 -15.19
C GLY A 210 6.02 2.29 -14.30
N LYS A 211 4.94 3.06 -14.28
CA LYS A 211 4.73 4.24 -13.44
C LYS A 211 3.52 4.97 -14.00
N THR A 212 3.03 5.95 -13.23
CA THR A 212 2.05 6.91 -13.70
C THR A 212 2.13 8.10 -12.74
N PRO A 213 2.08 9.34 -13.25
CA PRO A 213 1.85 9.73 -14.64
C PRO A 213 2.93 9.31 -15.63
N HIS A 214 2.48 9.17 -16.88
CA HIS A 214 3.29 8.84 -18.05
C HIS A 214 3.82 7.41 -18.06
N ILE A 215 3.02 6.54 -18.64
CA ILE A 215 3.38 5.13 -18.72
C ILE A 215 4.56 4.93 -19.66
N GLN A 216 5.21 3.79 -19.54
CA GLN A 216 6.40 3.58 -20.32
C GLN A 216 6.47 2.12 -20.76
N ASN A 217 5.35 1.53 -21.16
CA ASN A 217 5.33 0.13 -21.52
C ASN A 217 4.82 -0.11 -22.94
N LEU A 218 4.65 0.95 -23.71
CA LEU A 218 4.13 0.78 -25.05
C LEU A 218 5.24 0.61 -26.08
N ALA A 219 4.84 0.24 -27.29
CA ALA A 219 5.74 0.24 -28.44
C ALA A 219 4.86 0.24 -29.67
N VAL A 220 5.36 0.83 -30.76
CA VAL A 220 4.73 0.59 -32.04
C VAL A 220 4.92 -0.89 -32.32
N GLY A 221 3.81 -1.63 -32.31
CA GLY A 221 3.86 -3.07 -32.43
C GLY A 221 3.35 -3.85 -31.22
N GLY A 222 3.09 -3.16 -30.13
CA GLY A 222 2.54 -3.85 -28.96
C GLY A 222 2.85 -3.22 -27.62
N VAL A 223 3.38 -4.04 -26.71
CA VAL A 223 3.79 -3.54 -25.41
C VAL A 223 5.14 -4.13 -25.04
N ALA A 224 5.77 -3.52 -24.03
CA ALA A 224 7.07 -3.95 -23.54
C ALA A 224 6.99 -4.87 -22.31
N ASN A 225 5.79 -5.21 -21.86
CA ASN A 225 5.67 -6.15 -20.75
C ASN A 225 6.07 -7.54 -21.20
N PRO A 226 6.97 -8.21 -20.46
CA PRO A 226 7.36 -9.57 -20.84
C PRO A 226 6.52 -10.58 -20.09
N ILE A 227 5.64 -11.30 -20.80
CA ILE A 227 4.77 -12.28 -20.15
C ILE A 227 5.49 -13.61 -19.97
N ASN A 228 5.69 -14.01 -18.71
CA ASN A 228 6.31 -15.28 -18.41
C ASN A 228 5.90 -15.71 -17.01
N LEU A 229 4.95 -16.63 -16.92
CA LEU A 229 4.42 -17.05 -15.63
C LEU A 229 5.50 -17.59 -14.70
N ASP A 230 6.58 -18.09 -15.28
CA ASP A 230 7.62 -18.73 -14.50
C ASP A 230 8.92 -17.94 -14.44
N GLY A 231 8.85 -16.68 -14.88
CA GLY A 231 10.01 -15.83 -14.90
C GLY A 231 10.15 -14.97 -13.66
N LEU A 232 11.38 -14.76 -13.24
CA LEU A 232 11.69 -13.84 -12.16
C LEU A 232 11.92 -12.47 -12.77
N GLY A 233 11.33 -11.44 -12.18
CA GLY A 233 11.56 -10.07 -12.61
C GLY A 233 10.74 -9.61 -13.80
N VAL A 234 9.74 -10.41 -14.17
CA VAL A 234 8.92 -10.11 -15.34
C VAL A 234 7.44 -10.20 -14.98
N LEU A 235 6.56 -10.13 -15.98
CA LEU A 235 5.12 -10.20 -15.72
C LEU A 235 4.70 -11.66 -15.51
N ASN A 236 4.74 -12.08 -14.25
CA ASN A 236 4.47 -13.48 -13.89
C ASN A 236 3.14 -13.55 -13.13
N LEU A 237 2.80 -14.71 -12.59
CA LEU A 237 1.48 -14.85 -11.97
C LEU A 237 1.34 -14.00 -10.70
N GLU A 238 2.42 -13.86 -9.94
CA GLU A 238 2.40 -13.02 -8.75
C GLU A 238 2.08 -11.56 -9.10
N ARG A 239 2.70 -11.05 -10.16
CA ARG A 239 2.43 -9.69 -10.58
C ARG A 239 0.98 -9.54 -11.06
N LEU A 240 0.48 -10.53 -11.78
CA LEU A 240 -0.91 -10.49 -12.25
C LEU A 240 -1.89 -10.51 -11.07
N MET A 241 -1.60 -11.31 -10.06
CA MET A 241 -2.42 -11.34 -8.85
C MET A 241 -2.44 -10.00 -8.14
N TYR A 242 -1.31 -9.31 -8.14
CA TYR A 242 -1.22 -8.00 -7.51
C TYR A 242 -2.11 -7.00 -8.27
N ILE A 243 -2.02 -7.02 -9.59
CA ILE A 243 -2.87 -6.19 -10.44
C ILE A 243 -4.35 -6.43 -10.13
N LYS A 244 -4.71 -7.71 -10.06
CA LYS A 244 -6.10 -8.08 -9.80
C LYS A 244 -6.57 -7.58 -8.44
N SER A 245 -5.68 -7.61 -7.44
CA SER A 245 -6.05 -7.18 -6.10
C SER A 245 -6.49 -5.71 -6.09
N PHE A 246 -5.89 -4.89 -6.96
CA PHE A 246 -6.27 -3.48 -7.03
C PHE A 246 -7.52 -3.26 -7.90
N ILE A 247 -7.64 -4.02 -8.98
CA ILE A 247 -8.84 -3.96 -9.82
C ILE A 247 -10.07 -4.24 -8.96
N ASP A 248 -9.93 -5.20 -8.05
CA ASP A 248 -11.05 -5.62 -7.21
C ASP A 248 -11.46 -4.55 -6.17
N LYS A 249 -10.61 -3.56 -5.94
CA LYS A 249 -10.91 -2.55 -4.91
C LYS A 249 -11.67 -1.34 -5.43
N LEU A 250 -11.92 -1.30 -6.74
CA LEU A 250 -12.48 -0.09 -7.34
C LEU A 250 -14.00 -0.05 -7.35
N SER A 251 -14.61 -1.21 -7.55
CA SER A 251 -16.04 -1.28 -7.88
C SER A 251 -16.97 -0.73 -6.80
N ASP A 252 -16.67 -1.03 -5.54
CA ASP A 252 -17.57 -0.61 -4.47
C ASP A 252 -17.70 0.91 -4.38
N PHE A 253 -16.58 1.62 -4.41
CA PHE A 253 -16.65 3.09 -4.37
C PHE A 253 -17.40 3.64 -5.59
N VAL A 254 -17.08 3.10 -6.76
CA VAL A 254 -17.70 3.58 -7.99
C VAL A 254 -19.22 3.41 -7.95
N GLU A 255 -19.68 2.24 -7.54
CA GLU A 255 -21.11 1.93 -7.54
C GLU A 255 -21.86 2.53 -6.36
N GLN A 256 -21.22 2.57 -5.20
CA GLN A 256 -21.94 2.93 -3.97
C GLN A 256 -21.70 4.37 -3.51
N VAL A 257 -20.74 5.04 -4.12
CA VAL A 257 -20.45 6.43 -3.74
C VAL A 257 -20.58 7.37 -4.94
N TYR A 258 -19.72 7.17 -5.94
CA TYR A 258 -19.68 8.03 -7.11
C TYR A 258 -21.04 8.01 -7.84
N LYS A 259 -21.55 6.82 -8.12
CA LYS A 259 -22.82 6.68 -8.85
C LYS A 259 -23.96 7.33 -8.06
N VAL A 260 -23.94 7.12 -6.75
CA VAL A 260 -24.95 7.69 -5.86
C VAL A 260 -24.86 9.22 -5.76
N ASP A 261 -23.65 9.75 -5.59
CA ASP A 261 -23.49 11.21 -5.50
C ASP A 261 -23.90 11.93 -6.77
N THR A 262 -23.74 11.28 -7.92
CA THR A 262 -24.19 11.87 -9.17
C THR A 262 -25.69 12.13 -9.09
N ALA A 263 -26.42 11.15 -8.58
CA ALA A 263 -27.87 11.28 -8.46
C ALA A 263 -28.24 12.30 -7.38
N VAL A 264 -27.49 12.29 -6.29
CA VAL A 264 -27.69 13.28 -5.22
C VAL A 264 -27.55 14.71 -5.71
N ILE A 265 -26.47 14.99 -6.44
CA ILE A 265 -26.29 16.34 -6.98
C ILE A 265 -27.44 16.70 -7.91
N ALA A 266 -27.79 15.80 -8.82
CA ALA A 266 -28.89 16.06 -9.74
C ALA A 266 -30.18 16.36 -8.98
N ALA A 267 -30.38 15.66 -7.87
CA ALA A 267 -31.60 15.82 -7.07
C ALA A 267 -31.83 17.24 -6.58
N PHE A 268 -30.75 17.96 -6.29
CA PHE A 268 -30.89 19.29 -5.73
C PHE A 268 -30.73 20.40 -6.76
N TYR A 269 -30.44 20.01 -8.00
CA TYR A 269 -30.18 20.98 -9.06
C TYR A 269 -30.98 20.69 -10.34
N PRO A 270 -32.33 20.60 -10.22
CA PRO A 270 -33.16 20.19 -11.36
C PRO A 270 -33.01 21.04 -12.63
N GLU A 271 -32.81 22.35 -12.49
CA GLU A 271 -32.76 23.18 -13.69
C GLU A 271 -31.50 22.94 -14.50
N TRP A 272 -30.54 22.24 -13.91
CA TRP A 272 -29.28 21.96 -14.60
C TRP A 272 -29.39 20.75 -15.53
N LEU A 273 -30.59 20.16 -15.57
CA LEU A 273 -30.93 19.18 -16.58
C LEU A 273 -31.61 19.88 -17.75
N GLU A 274 -31.76 21.20 -17.63
CA GLU A 274 -32.51 21.99 -18.60
C GLU A 274 -31.68 23.11 -19.24
N ARG A 275 -30.39 23.14 -18.93
CA ARG A 275 -29.47 24.09 -19.56
C ARG A 275 -28.12 23.44 -19.77
N GLY A 276 -27.27 24.09 -20.56
CA GLY A 276 -25.91 23.62 -20.77
C GLY A 276 -25.71 22.70 -21.97
N GLN A 277 -26.71 22.62 -22.85
CA GLN A 277 -26.51 21.86 -24.09
C GLN A 277 -25.44 22.54 -24.94
N GLY A 278 -24.47 21.75 -25.40
CA GLY A 278 -23.37 22.29 -26.20
C GLY A 278 -23.46 22.04 -27.70
N ALA A 279 -24.27 21.08 -28.11
CA ALA A 279 -24.32 20.69 -29.52
C ALA A 279 -25.56 19.88 -29.82
N VAL A 280 -25.87 19.73 -31.10
CA VAL A 280 -26.90 18.80 -31.52
C VAL A 280 -26.27 17.60 -32.23
N ASN A 281 -24.96 17.67 -32.46
CA ASN A 281 -24.23 16.57 -33.07
C ASN A 281 -23.19 16.00 -32.12
N TYR A 282 -23.09 14.68 -32.09
CA TYR A 282 -22.19 13.96 -31.18
C TYR A 282 -21.38 12.88 -31.92
N LEU A 283 -20.11 12.74 -31.55
CA LEU A 283 -19.22 11.74 -32.16
C LEU A 283 -18.51 10.97 -31.08
N SER A 284 -18.39 9.64 -31.25
CA SER A 284 -17.52 8.85 -30.39
C SER A 284 -16.87 7.74 -31.18
N ALA A 285 -15.69 7.32 -30.77
CA ALA A 285 -15.02 6.18 -31.41
C ALA A 285 -15.30 4.92 -30.63
N PRO A 286 -15.38 3.78 -31.34
CA PRO A 286 -15.46 2.52 -30.61
C PRO A 286 -14.15 2.31 -29.84
N GLU A 287 -14.17 1.52 -28.77
CA GLU A 287 -13.00 1.40 -27.93
C GLU A 287 -12.88 0.01 -27.31
N PHE A 288 -11.64 -0.33 -26.93
CA PHE A 288 -11.26 -1.62 -26.33
C PHE A 288 -11.33 -2.77 -27.34
N PRO A 289 -10.39 -2.77 -28.30
CA PRO A 289 -10.31 -3.88 -29.27
C PRO A 289 -9.94 -5.17 -28.57
N THR A 290 -10.55 -6.28 -29.00
CA THR A 290 -10.28 -7.57 -28.36
C THR A 290 -9.89 -8.69 -29.31
N ASP A 291 -9.62 -8.38 -30.57
CA ASP A 291 -9.10 -9.41 -31.47
C ASP A 291 -7.65 -9.12 -31.86
N GLY A 292 -7.09 -9.94 -32.75
CA GLY A 292 -5.71 -9.77 -33.18
C GLY A 292 -5.61 -8.94 -34.44
N LYS A 293 -6.71 -8.29 -34.82
CA LYS A 293 -6.76 -7.48 -36.03
C LYS A 293 -7.21 -6.04 -35.77
N ASN A 294 -6.91 -5.54 -34.56
CA ASN A 294 -7.22 -4.15 -34.19
C ASN A 294 -8.70 -3.80 -34.12
N GLY A 295 -9.56 -4.81 -33.96
CA GLY A 295 -11.00 -4.60 -33.93
C GLY A 295 -11.74 -5.38 -32.85
N SER A 296 -13.02 -5.67 -33.10
CA SER A 296 -13.87 -6.36 -32.14
C SER A 296 -13.92 -5.57 -30.84
N PHE A 297 -14.44 -4.35 -30.92
CA PHE A 297 -14.44 -3.44 -29.78
C PHE A 297 -15.50 -3.79 -28.75
N LEU A 298 -15.17 -3.64 -27.47
CA LEU A 298 -16.14 -3.84 -26.40
C LEU A 298 -17.19 -2.72 -26.39
N PHE A 299 -16.75 -1.49 -26.66
CA PHE A 299 -17.66 -0.34 -26.66
C PHE A 299 -17.91 0.14 -28.08
N PRO A 300 -19.18 0.35 -28.45
CA PRO A 300 -19.46 0.87 -29.79
C PRO A 300 -19.21 2.38 -29.85
N GLY A 301 -19.07 2.90 -31.06
CA GLY A 301 -18.97 4.33 -31.29
C GLY A 301 -19.98 4.71 -32.35
N GLY A 302 -19.95 5.97 -32.78
CA GLY A 302 -20.86 6.41 -33.81
C GLY A 302 -21.08 7.91 -33.87
N TYR A 303 -22.09 8.29 -34.65
CA TYR A 303 -22.36 9.68 -34.98
C TYR A 303 -23.86 9.92 -34.85
N ILE A 304 -24.22 10.96 -34.11
CA ILE A 304 -25.63 11.32 -33.92
C ILE A 304 -25.80 12.78 -34.31
N THR A 305 -26.88 13.08 -35.03
N THR A 305 -26.88 13.08 -35.03
CA THR A 305 -27.20 14.47 -35.36
CA THR A 305 -27.19 14.45 -35.44
C THR A 305 -28.61 14.83 -34.87
C THR A 305 -28.58 14.87 -34.99
N ASP A 306 -28.98 16.10 -35.02
N ASP A 306 -28.83 16.18 -34.98
CA ASP A 306 -30.31 16.58 -34.66
CA ASP A 306 -30.15 16.73 -34.65
C ASP A 306 -30.68 16.33 -33.19
C ASP A 306 -30.63 16.29 -33.26
N ALA A 307 -29.68 16.02 -32.37
CA ALA A 307 -29.94 15.59 -30.98
C ALA A 307 -30.97 14.46 -30.90
N ASP A 308 -30.88 13.56 -31.87
CA ASP A 308 -31.93 12.58 -32.13
C ASP A 308 -31.30 11.20 -32.30
N LEU A 309 -31.55 10.31 -31.35
CA LEU A 309 -30.92 9.00 -31.36
C LEU A 309 -31.31 8.15 -32.58
N SER A 310 -32.40 8.50 -33.24
N SER A 310 -32.42 8.51 -33.23
CA SER A 310 -32.85 7.76 -34.42
CA SER A 310 -32.87 7.80 -34.43
C SER A 310 -32.00 8.09 -35.65
C SER A 310 -31.98 8.07 -35.64
N THR A 311 -31.03 8.98 -35.48
CA THR A 311 -30.11 9.30 -36.57
C THR A 311 -28.81 8.53 -36.45
N TYR A 312 -28.69 7.74 -35.39
CA TYR A 312 -27.44 7.08 -35.03
C TYR A 312 -26.82 6.31 -36.20
N ARG A 313 -25.56 6.61 -36.47
N ARG A 313 -25.57 6.64 -36.52
CA ARG A 313 -24.79 5.91 -37.49
CA ARG A 313 -24.82 5.87 -37.49
C ARG A 313 -23.64 5.22 -36.78
C ARG A 313 -23.66 5.22 -36.77
N PRO A 314 -23.68 3.88 -36.66
CA PRO A 314 -22.63 3.16 -35.94
C PRO A 314 -21.26 3.33 -36.58
N ILE A 315 -20.23 3.39 -35.76
CA ILE A 315 -18.85 3.32 -36.24
C ILE A 315 -18.21 2.18 -35.46
N THR A 316 -17.77 1.15 -36.17
CA THR A 316 -17.31 -0.10 -35.56
C THR A 316 -15.87 -0.44 -35.92
N SER A 317 -15.20 0.44 -36.65
CA SER A 317 -13.83 0.21 -37.10
C SER A 317 -13.02 1.50 -37.00
N HIS A 318 -11.76 1.38 -36.60
CA HIS A 318 -10.87 2.54 -36.59
C HIS A 318 -10.31 2.84 -37.98
N SER A 319 -10.74 2.07 -38.97
CA SER A 319 -10.37 2.32 -40.36
C SER A 319 -11.56 2.85 -41.18
N ASP A 320 -12.63 3.25 -40.50
CA ASP A 320 -13.84 3.71 -41.18
C ASP A 320 -13.56 4.99 -41.97
N GLU A 321 -13.65 4.90 -43.30
CA GLU A 321 -13.39 6.07 -44.15
C GLU A 321 -14.41 7.19 -43.97
N TYR A 322 -15.64 6.87 -43.58
CA TYR A 322 -16.62 7.92 -43.27
C TYR A 322 -16.13 8.83 -42.13
N LEU A 323 -15.60 8.22 -41.08
CA LEU A 323 -15.07 8.99 -39.96
C LEU A 323 -13.81 9.74 -40.38
N ILE A 324 -12.90 9.03 -41.04
CA ILE A 324 -11.63 9.60 -41.41
C ILE A 324 -11.77 10.84 -42.31
N LYS A 325 -12.60 10.73 -43.34
CA LYS A 325 -12.71 11.78 -44.34
C LYS A 325 -13.45 13.02 -43.86
N GLY A 326 -14.25 12.88 -42.81
CA GLY A 326 -15.04 14.00 -42.33
C GLY A 326 -14.31 15.04 -41.49
N ILE A 327 -13.19 14.65 -40.89
CA ILE A 327 -12.55 15.47 -39.89
C ILE A 327 -11.67 16.56 -40.50
N GLN A 328 -11.93 17.81 -40.12
CA GLN A 328 -11.10 18.95 -40.51
C GLN A 328 -10.96 19.90 -39.35
N GLU A 329 -9.98 20.80 -39.43
CA GLU A 329 -9.83 21.86 -38.42
C GLU A 329 -9.62 23.22 -39.10
N SER A 330 -10.16 24.28 -38.51
CA SER A 330 -9.98 25.63 -39.03
C SER A 330 -9.37 26.56 -38.00
N ALA A 331 -8.41 27.37 -38.44
CA ALA A 331 -7.77 28.35 -37.57
C ALA A 331 -8.21 29.78 -37.85
N LYS A 332 -9.38 29.95 -38.47
CA LYS A 332 -9.87 31.30 -38.72
C LYS A 332 -9.85 32.15 -37.46
N HIS A 333 -10.34 31.58 -36.35
CA HIS A 333 -10.41 32.31 -35.08
C HIS A 333 -9.37 31.88 -34.06
N ALA A 334 -8.35 31.17 -34.55
CA ALA A 334 -7.25 30.74 -33.70
C ALA A 334 -5.96 31.40 -34.16
N TRP A 335 -4.96 31.44 -33.28
CA TRP A 335 -3.72 32.14 -33.56
C TRP A 335 -2.76 31.33 -34.44
N TYR A 336 -3.25 30.87 -35.58
CA TYR A 336 -2.40 30.23 -36.58
C TYR A 336 -2.59 30.88 -37.95
N LYS A 337 -1.62 30.68 -38.83
CA LYS A 337 -1.57 31.38 -40.13
C LYS A 337 -2.60 30.89 -41.16
N ASP A 338 -2.72 29.57 -41.30
CA ASP A 338 -3.55 28.99 -42.35
C ASP A 338 -4.98 28.74 -41.85
N GLU A 339 -5.96 29.41 -42.46
CA GLU A 339 -7.32 29.46 -41.91
C GLU A 339 -8.39 28.55 -42.53
N ALA A 340 -8.20 28.11 -43.76
CA ALA A 340 -9.19 27.24 -44.40
C ALA A 340 -9.24 25.88 -43.69
N PRO A 341 -10.42 25.24 -43.67
CA PRO A 341 -10.48 23.91 -43.03
C PRO A 341 -9.46 22.92 -43.61
N GLN A 342 -8.72 22.26 -42.74
CA GLN A 342 -7.63 21.35 -43.14
C GLN A 342 -7.88 19.95 -42.63
N ALA A 343 -7.79 18.97 -43.51
CA ALA A 343 -7.71 17.57 -43.10
C ALA A 343 -6.40 17.41 -42.36
N PRO A 344 -6.39 16.66 -41.25
CA PRO A 344 -5.17 16.60 -40.42
C PRO A 344 -3.93 16.02 -41.12
N TRP A 345 -4.09 15.12 -42.08
CA TRP A 345 -2.91 14.62 -42.80
C TRP A 345 -2.25 15.73 -43.63
N GLU A 346 -3.01 16.78 -43.93
CA GLU A 346 -2.47 17.94 -44.63
C GLU A 346 -2.45 19.18 -43.74
N GLY A 347 -2.55 18.98 -42.43
CA GLY A 347 -2.65 20.08 -41.50
C GLY A 347 -1.34 20.81 -41.30
N THR A 348 -1.43 22.08 -40.92
CA THR A 348 -0.27 22.87 -40.54
C THR A 348 -0.57 23.54 -39.20
N THR A 349 0.48 23.95 -38.50
CA THR A 349 0.35 24.61 -37.21
C THR A 349 1.38 25.74 -37.12
N VAL A 350 1.11 26.81 -37.86
CA VAL A 350 2.05 27.92 -37.97
C VAL A 350 1.57 29.05 -37.09
N PRO A 351 2.29 29.33 -36.00
CA PRO A 351 1.78 30.33 -35.05
C PRO A 351 1.67 31.72 -35.68
N ASP A 352 0.60 32.43 -35.29
CA ASP A 352 0.33 33.76 -35.77
C ASP A 352 -0.42 34.50 -34.66
N TYR A 353 0.30 34.87 -33.62
CA TYR A 353 -0.33 35.54 -32.47
C TYR A 353 -0.57 37.02 -32.73
N THR A 354 -1.83 37.41 -32.67
CA THR A 354 -2.23 38.78 -32.98
C THR A 354 -2.93 39.43 -31.80
N GLY A 355 -2.95 38.73 -30.67
CA GLY A 355 -3.67 39.20 -29.50
C GLY A 355 -5.17 38.94 -29.62
N TRP A 356 -5.88 39.27 -28.55
CA TRP A 356 -7.32 39.06 -28.49
C TRP A 356 -8.11 39.97 -29.44
N SER A 357 -9.05 39.38 -30.16
CA SER A 357 -10.04 40.12 -30.91
C SER A 357 -11.37 39.38 -30.84
N ASP A 358 -12.42 40.07 -30.44
CA ASP A 358 -13.75 39.46 -30.32
C ASP A 358 -14.23 38.86 -31.63
N ASP A 359 -13.90 39.54 -32.74
CA ASP A 359 -14.38 39.13 -34.06
C ASP A 359 -13.31 38.46 -34.88
N GLY A 360 -12.11 38.32 -34.31
CA GLY A 360 -11.00 37.73 -35.03
C GLY A 360 -10.43 36.52 -34.32
N LYS A 361 -9.12 36.52 -34.12
CA LYS A 361 -8.43 35.41 -33.47
C LYS A 361 -8.38 35.60 -31.96
N TYR A 362 -8.71 34.55 -31.21
CA TYR A 362 -8.78 34.70 -29.76
C TYR A 362 -8.41 33.45 -28.96
N SER A 363 -7.78 32.48 -29.61
CA SER A 363 -7.47 31.23 -28.94
C SER A 363 -6.33 30.47 -29.60
N TRP A 364 -5.60 29.67 -28.82
CA TRP A 364 -4.62 28.72 -29.40
C TRP A 364 -5.28 27.39 -29.78
N VAL A 365 -6.58 27.25 -29.50
CA VAL A 365 -7.30 26.03 -29.88
C VAL A 365 -7.82 26.14 -31.30
N LYS A 366 -7.58 25.13 -32.14
CA LYS A 366 -8.18 25.10 -33.47
C LYS A 366 -9.67 24.71 -33.37
N ALA A 367 -10.45 24.99 -34.41
CA ALA A 367 -11.87 24.63 -34.43
C ALA A 367 -12.13 23.42 -35.31
N PRO A 368 -12.34 22.23 -34.71
CA PRO A 368 -12.60 21.07 -35.59
C PRO A 368 -14.06 21.00 -36.04
N THR A 369 -14.27 20.39 -37.21
CA THR A 369 -15.62 20.11 -37.69
C THR A 369 -15.68 18.72 -38.28
N PHE A 370 -16.89 18.18 -38.38
CA PHE A 370 -17.11 16.87 -38.98
C PHE A 370 -18.05 17.08 -40.14
N TYR A 371 -17.53 16.98 -41.36
CA TYR A 371 -18.26 17.37 -42.58
C TYR A 371 -18.89 18.75 -42.39
N GLY A 372 -18.14 19.64 -41.77
CA GLY A 372 -18.56 21.02 -41.59
C GLY A 372 -19.38 21.27 -40.33
N LYS A 373 -19.83 20.21 -39.68
CA LYS A 373 -20.69 20.38 -38.49
C LYS A 373 -19.87 20.55 -37.22
N THR A 374 -20.40 21.34 -36.29
CA THR A 374 -19.82 21.45 -34.95
C THR A 374 -20.33 20.29 -34.10
N VAL A 375 -19.43 19.63 -33.38
CA VAL A 375 -19.73 18.37 -32.70
C VAL A 375 -19.24 18.38 -31.27
N GLU A 376 -20.05 17.87 -30.34
CA GLU A 376 -19.58 17.60 -28.99
C GLU A 376 -19.05 16.17 -28.87
N VAL A 377 -17.91 16.03 -28.21
CA VAL A 377 -17.35 14.72 -27.91
C VAL A 377 -17.28 14.54 -26.40
N GLY A 378 -17.06 13.30 -25.95
CA GLY A 378 -16.96 13.07 -24.53
C GLY A 378 -17.96 12.06 -24.03
N PRO A 379 -18.01 11.89 -22.70
CA PRO A 379 -18.90 10.87 -22.13
C PRO A 379 -20.38 11.06 -22.47
N LEU A 380 -20.85 12.29 -22.69
CA LEU A 380 -22.23 12.44 -23.12
C LEU A 380 -22.42 11.86 -24.52
N ALA A 381 -21.50 12.18 -25.43
CA ALA A 381 -21.53 11.59 -26.76
C ALA A 381 -21.45 10.07 -26.71
N ASN A 382 -20.51 9.54 -25.93
CA ASN A 382 -20.35 8.09 -25.88
C ASN A 382 -21.57 7.39 -25.26
N MET A 383 -22.17 8.00 -24.24
CA MET A 383 -23.40 7.48 -23.66
C MET A 383 -24.55 7.47 -24.67
N LEU A 384 -24.76 8.58 -25.38
CA LEU A 384 -25.84 8.65 -26.36
C LEU A 384 -25.69 7.61 -27.48
N CYS A 385 -24.47 7.42 -27.96
CA CYS A 385 -24.23 6.38 -28.96
C CYS A 385 -24.55 4.99 -28.40
N LYS A 386 -24.15 4.72 -27.16
CA LYS A 386 -24.43 3.42 -26.55
C LYS A 386 -25.91 3.19 -26.30
N LEU A 387 -26.60 4.26 -25.90
CA LEU A 387 -28.04 4.18 -25.70
C LEU A 387 -28.73 3.92 -27.03
N ALA A 388 -28.29 4.61 -28.07
CA ALA A 388 -28.85 4.45 -29.41
C ALA A 388 -28.64 3.03 -29.94
N ALA A 389 -27.51 2.44 -29.58
CA ALA A 389 -27.19 1.09 -30.02
C ALA A 389 -27.93 0.05 -29.16
N LYS A 390 -28.70 0.52 -28.19
CA LYS A 390 -29.41 -0.35 -27.25
C LYS A 390 -28.46 -1.27 -26.48
N ARG A 391 -27.34 -0.72 -26.04
CA ARG A 391 -26.42 -1.46 -25.21
C ARG A 391 -27.05 -1.66 -23.84
N GLU A 392 -27.34 -2.90 -23.49
CA GLU A 392 -28.09 -3.16 -22.26
C GLU A 392 -27.39 -2.64 -21.02
N SER A 393 -26.08 -2.80 -20.94
CA SER A 393 -25.34 -2.37 -19.76
C SER A 393 -25.42 -0.85 -19.56
N THR A 394 -25.45 -0.11 -20.67
CA THR A 394 -25.51 1.35 -20.59
C THR A 394 -26.89 1.78 -20.12
N HIS A 395 -27.93 1.20 -20.70
CA HIS A 395 -29.30 1.50 -20.28
C HIS A 395 -29.48 1.13 -18.82
N ALA A 396 -28.94 -0.02 -18.42
CA ALA A 396 -29.09 -0.47 -17.05
C ALA A 396 -28.43 0.49 -16.05
N LYS A 397 -27.20 0.92 -16.35
CA LYS A 397 -26.49 1.79 -15.42
C LYS A 397 -27.14 3.16 -15.33
N LEU A 398 -27.59 3.68 -16.47
CA LEU A 398 -28.31 4.95 -16.47
C LEU A 398 -29.59 4.81 -15.63
N ASN A 399 -30.32 3.72 -15.85
CA ASN A 399 -31.55 3.47 -15.10
C ASN A 399 -31.33 3.36 -13.60
N GLU A 400 -30.18 2.81 -13.20
CA GLU A 400 -29.84 2.73 -11.78
C GLU A 400 -29.60 4.11 -11.17
N ILE A 401 -28.92 4.99 -11.90
CA ILE A 401 -28.73 6.37 -11.46
C ILE A 401 -30.08 7.06 -11.34
N VAL A 402 -30.93 6.91 -12.37
CA VAL A 402 -32.23 7.54 -12.33
C VAL A 402 -33.08 7.04 -11.16
N ALA A 403 -32.97 5.76 -10.83
CA ALA A 403 -33.77 5.20 -9.74
C ALA A 403 -33.39 5.83 -8.40
N ILE A 404 -32.10 6.10 -8.20
CA ILE A 404 -31.64 6.81 -7.00
C ILE A 404 -32.18 8.24 -7.00
N TYR A 405 -32.09 8.90 -8.16
CA TYR A 405 -32.64 10.23 -8.34
C TYR A 405 -34.13 10.25 -7.99
N THR A 406 -34.87 9.26 -8.47
CA THR A 406 -36.28 9.14 -8.16
C THR A 406 -36.53 8.97 -6.66
N LYS A 407 -35.71 8.16 -5.99
CA LYS A 407 -35.87 7.96 -4.56
C LYS A 407 -35.78 9.29 -3.82
N LEU A 408 -34.89 10.16 -4.30
CA LEU A 408 -34.63 11.44 -3.65
C LEU A 408 -35.64 12.55 -4.00
N THR A 409 -36.17 12.51 -5.23
CA THR A 409 -36.93 13.65 -5.76
C THR A 409 -38.37 13.34 -6.16
N GLY A 410 -38.65 12.07 -6.45
CA GLY A 410 -39.94 11.68 -7.00
C GLY A 410 -40.09 12.06 -8.45
N LYS A 411 -38.97 12.43 -9.09
CA LYS A 411 -38.95 12.79 -10.50
C LYS A 411 -38.15 11.74 -11.27
N THR A 412 -38.24 11.78 -12.59
CA THR A 412 -37.42 10.91 -13.43
C THR A 412 -36.60 11.75 -14.40
N ILE A 413 -35.75 11.09 -15.17
CA ILE A 413 -34.96 11.79 -16.17
C ILE A 413 -35.16 11.13 -17.53
N GLU A 414 -35.55 11.93 -18.52
CA GLU A 414 -35.74 11.40 -19.87
C GLU A 414 -34.52 11.68 -20.73
N VAL A 415 -34.41 10.98 -21.86
CA VAL A 415 -33.27 11.17 -22.74
C VAL A 415 -33.10 12.62 -23.20
N ALA A 416 -34.22 13.31 -23.40
CA ALA A 416 -34.20 14.72 -23.77
C ALA A 416 -33.41 15.57 -22.77
N GLN A 417 -33.50 15.21 -21.49
CA GLN A 417 -32.81 15.96 -20.44
C GLN A 417 -31.33 15.64 -20.34
N LEU A 418 -30.86 14.66 -21.12
CA LEU A 418 -29.45 14.32 -21.07
C LEU A 418 -28.60 15.34 -21.82
N HIS A 419 -29.23 16.13 -22.70
CA HIS A 419 -28.52 17.19 -23.42
C HIS A 419 -28.40 18.43 -22.54
N SER A 420 -27.54 18.33 -21.53
CA SER A 420 -27.47 19.34 -20.48
C SER A 420 -26.20 19.17 -19.68
N THR A 421 -25.94 20.16 -18.84
CA THR A 421 -24.81 20.12 -17.91
C THR A 421 -24.84 18.86 -17.03
N LEU A 422 -25.97 18.59 -16.39
CA LEU A 422 -26.06 17.37 -15.59
C LEU A 422 -26.06 16.09 -16.43
N GLY A 423 -26.61 16.15 -17.64
CA GLY A 423 -26.61 14.99 -18.51
C GLY A 423 -25.19 14.59 -18.84
N ARG A 424 -24.33 15.58 -19.06
CA ARG A 424 -22.93 15.36 -19.38
C ARG A 424 -22.22 14.68 -18.20
N ILE A 425 -22.52 15.14 -16.99
CA ILE A 425 -21.94 14.59 -15.77
C ILE A 425 -22.42 13.15 -15.56
N ILE A 426 -23.70 12.91 -15.82
CA ILE A 426 -24.26 11.56 -15.74
C ILE A 426 -23.58 10.61 -16.74
N GLY A 427 -23.36 11.09 -17.97
CA GLY A 427 -22.66 10.29 -18.95
C GLY A 427 -21.28 9.83 -18.49
N ARG A 428 -20.56 10.72 -17.80
CA ARG A 428 -19.24 10.40 -17.26
C ARG A 428 -19.34 9.32 -16.18
N THR A 429 -20.32 9.47 -15.31
CA THR A 429 -20.51 8.49 -14.25
C THR A 429 -20.86 7.13 -14.81
N VAL A 430 -21.77 7.11 -15.79
CA VAL A 430 -22.15 5.86 -16.45
C VAL A 430 -20.91 5.18 -17.04
N HIS A 431 -20.07 5.97 -17.71
CA HIS A 431 -18.84 5.48 -18.32
C HIS A 431 -17.96 4.82 -17.25
N CYS A 432 -17.76 5.52 -16.14
CA CYS A 432 -16.91 5.00 -15.07
C CYS A 432 -17.43 3.67 -14.55
N CYS A 433 -18.74 3.58 -14.37
CA CYS A 433 -19.35 2.35 -13.92
C CYS A 433 -19.12 1.21 -14.91
N GLU A 434 -19.35 1.46 -16.19
CA GLU A 434 -19.19 0.42 -17.19
C GLU A 434 -17.74 -0.07 -17.33
N LEU A 435 -16.79 0.82 -17.04
CA LEU A 435 -15.38 0.48 -17.16
C LEU A 435 -14.94 -0.59 -16.16
N GLN A 436 -15.70 -0.76 -15.08
CA GLN A 436 -15.31 -1.74 -14.06
C GLN A 436 -15.48 -3.15 -14.63
N ASN A 437 -16.51 -3.34 -15.45
CA ASN A 437 -16.68 -4.63 -16.09
C ASN A 437 -15.67 -4.86 -17.21
N VAL A 438 -15.26 -3.79 -17.89
CA VAL A 438 -14.17 -3.87 -18.85
C VAL A 438 -12.91 -4.38 -18.17
N LEU A 439 -12.59 -3.83 -17.00
CA LEU A 439 -11.39 -4.24 -16.26
C LEU A 439 -11.45 -5.70 -15.89
N GLN A 440 -12.58 -6.15 -15.35
CA GLN A 440 -12.72 -7.56 -15.00
C GLN A 440 -12.62 -8.47 -16.21
N ASP A 441 -13.31 -8.10 -17.29
CA ASP A 441 -13.35 -8.88 -18.52
C ASP A 441 -11.97 -9.01 -19.16
N GLN A 442 -11.24 -7.90 -19.22
CA GLN A 442 -9.96 -7.90 -19.92
C GLN A 442 -8.86 -8.58 -19.11
N TYR A 443 -8.91 -8.44 -17.79
CA TYR A 443 -7.99 -9.20 -16.95
C TYR A 443 -8.22 -10.69 -17.14
N ASN A 444 -9.48 -11.10 -17.07
N ASN A 444 -9.47 -11.12 -17.05
CA ASN A 444 -9.82 -12.51 -17.25
CA ASN A 444 -9.81 -12.52 -17.24
C ASN A 444 -9.38 -13.03 -18.61
C ASN A 444 -9.41 -13.04 -18.62
N ALA A 445 -9.62 -12.23 -19.64
CA ALA A 445 -9.25 -12.62 -21.01
C ALA A 445 -7.74 -12.84 -21.13
N LEU A 446 -6.97 -11.99 -20.47
CA LEU A 446 -5.50 -12.13 -20.44
C LEU A 446 -5.09 -13.44 -19.75
N ILE A 447 -5.65 -13.72 -18.58
CA ILE A 447 -5.37 -14.95 -17.87
C ILE A 447 -5.71 -16.18 -18.72
N VAL A 448 -6.87 -16.13 -19.37
CA VAL A 448 -7.29 -17.25 -20.22
C VAL A 448 -6.36 -17.42 -21.42
N ASN A 449 -5.97 -16.32 -22.04
CA ASN A 449 -5.12 -16.40 -23.22
C ASN A 449 -3.71 -16.90 -22.89
N ILE A 450 -3.15 -16.42 -21.78
CA ILE A 450 -1.88 -16.94 -21.32
C ILE A 450 -1.98 -18.45 -21.05
N GLY A 451 -3.11 -18.87 -20.49
CA GLY A 451 -3.36 -20.29 -20.27
C GLY A 451 -3.38 -21.13 -21.53
N LYS A 452 -3.76 -20.53 -22.64
CA LYS A 452 -3.75 -21.20 -23.94
C LYS A 452 -2.35 -21.21 -24.57
N GLY A 453 -1.38 -20.62 -23.90
CA GLY A 453 0.01 -20.67 -24.35
C GLY A 453 0.52 -19.48 -25.16
N ASP A 454 -0.32 -18.44 -25.29
CA ASP A 454 0.08 -17.24 -26.00
C ASP A 454 0.78 -16.26 -25.06
N HIS A 455 2.08 -16.07 -25.26
CA HIS A 455 2.83 -15.07 -24.50
C HIS A 455 3.31 -13.92 -25.39
N THR A 456 2.79 -13.85 -26.61
CA THR A 456 3.22 -12.83 -27.55
C THR A 456 2.69 -11.45 -27.17
N THR A 457 3.58 -10.46 -27.17
CA THR A 457 3.23 -9.11 -26.75
C THR A 457 3.65 -8.04 -27.75
N PHE A 458 4.50 -8.42 -28.68
CA PHE A 458 5.15 -7.43 -29.54
C PHE A 458 5.46 -7.97 -30.92
N VAL A 459 5.10 -7.20 -31.94
CA VAL A 459 5.54 -7.47 -33.31
C VAL A 459 6.39 -6.29 -33.79
N LYS A 460 7.62 -6.59 -34.19
CA LYS A 460 8.55 -5.55 -34.59
C LYS A 460 8.16 -4.96 -35.93
N PRO A 461 8.00 -3.63 -35.98
CA PRO A 461 7.60 -3.01 -37.25
C PRO A 461 8.75 -2.92 -38.25
N ASP A 462 8.40 -2.96 -39.53
CA ASP A 462 9.31 -2.55 -40.58
C ASP A 462 8.98 -1.11 -40.97
N ILE A 463 9.97 -0.23 -40.86
CA ILE A 463 9.79 1.16 -41.29
C ILE A 463 10.50 1.32 -42.62
N PRO A 464 9.73 1.42 -43.73
CA PRO A 464 10.36 1.55 -45.05
C PRO A 464 11.20 2.82 -45.15
N ALA A 465 12.40 2.68 -45.71
CA ALA A 465 13.35 3.78 -45.80
C ALA A 465 12.94 4.81 -46.87
N THR A 466 12.09 4.39 -47.79
CA THR A 466 11.54 5.28 -48.81
C THR A 466 10.03 5.13 -48.87
N GLY A 467 9.37 6.10 -49.50
CA GLY A 467 7.94 6.03 -49.67
C GLY A 467 7.21 6.81 -48.60
N GLU A 468 5.95 7.10 -48.87
CA GLU A 468 5.12 7.88 -47.96
C GLU A 468 3.96 7.05 -47.44
N PHE A 469 3.73 7.10 -46.14
CA PHE A 469 2.69 6.32 -45.50
C PHE A 469 1.93 7.20 -44.53
N LYS A 470 0.61 7.04 -44.50
CA LYS A 470 -0.24 7.83 -43.62
C LYS A 470 -0.98 6.92 -42.65
N GLY A 471 -1.08 7.34 -41.40
CA GLY A 471 -1.82 6.58 -40.42
C GLY A 471 -2.62 7.46 -39.49
N VAL A 472 -3.67 6.89 -38.92
CA VAL A 472 -4.48 7.60 -37.95
C VAL A 472 -4.82 6.65 -36.81
N GLY A 473 -4.65 7.13 -35.58
CA GLY A 473 -4.94 6.36 -34.39
C GLY A 473 -6.06 6.99 -33.61
N PHE A 474 -7.18 6.27 -33.52
CA PHE A 474 -8.35 6.73 -32.77
C PHE A 474 -8.36 6.11 -31.38
N LEU A 475 -8.87 6.85 -30.40
CA LEU A 475 -9.00 6.35 -29.04
C LEU A 475 -10.15 7.10 -28.39
N GLU A 476 -11.03 6.37 -27.69
CA GLU A 476 -12.05 7.05 -26.91
C GLU A 476 -11.48 7.34 -25.52
N ALA A 477 -11.01 8.57 -25.36
CA ALA A 477 -10.35 9.06 -24.16
C ALA A 477 -11.39 9.48 -23.12
N PRO A 478 -10.95 9.74 -21.87
CA PRO A 478 -11.91 10.17 -20.85
C PRO A 478 -12.77 11.37 -21.27
N ARG A 479 -12.20 12.27 -22.08
CA ARG A 479 -12.91 13.48 -22.51
C ARG A 479 -13.50 13.38 -23.91
N GLY A 480 -13.31 12.23 -24.55
CA GLY A 480 -13.95 11.97 -25.83
C GLY A 480 -13.01 11.46 -26.91
N MET A 481 -13.47 11.56 -28.16
CA MET A 481 -12.73 11.02 -29.30
C MET A 481 -11.41 11.74 -29.57
N LEU A 482 -10.32 11.01 -29.44
CA LEU A 482 -8.97 11.48 -29.69
C LEU A 482 -8.45 10.88 -30.99
N SER A 483 -7.76 11.68 -31.80
CA SER A 483 -7.14 11.14 -33.00
C SER A 483 -5.75 11.73 -33.25
N HIS A 484 -4.80 10.85 -33.54
CA HIS A 484 -3.44 11.26 -33.89
C HIS A 484 -3.21 10.88 -35.33
N TRP A 485 -2.67 11.82 -36.10
CA TRP A 485 -2.52 11.65 -37.54
C TRP A 485 -1.07 11.80 -37.93
N MET A 486 -0.48 10.72 -38.44
CA MET A 486 0.94 10.69 -38.74
C MET A 486 1.19 10.47 -40.23
N VAL A 487 2.09 11.26 -40.80
CA VAL A 487 2.57 11.00 -42.15
C VAL A 487 4.04 10.67 -42.03
N ILE A 488 4.43 9.54 -42.61
CA ILE A 488 5.81 9.10 -42.64
C ILE A 488 6.34 9.24 -44.06
N LYS A 489 7.50 9.86 -44.20
CA LYS A 489 8.13 9.99 -45.51
C LYS A 489 9.62 9.71 -45.37
N ASP A 490 10.10 8.74 -46.14
CA ASP A 490 11.49 8.33 -46.09
C ASP A 490 11.94 7.97 -44.68
N GLY A 491 11.05 7.25 -43.98
CA GLY A 491 11.40 6.66 -42.69
C GLY A 491 11.25 7.57 -41.49
N ILE A 492 10.87 8.82 -41.72
CA ILE A 492 10.69 9.76 -40.60
C ILE A 492 9.34 10.47 -40.66
N ILE A 493 8.95 11.09 -39.56
CA ILE A 493 7.66 11.76 -39.50
C ILE A 493 7.73 13.08 -40.26
N SER A 494 6.93 13.20 -41.32
CA SER A 494 6.94 14.42 -42.12
C SER A 494 5.80 15.36 -41.72
N ASN A 495 4.73 14.81 -41.14
CA ASN A 495 3.68 15.62 -40.55
C ASN A 495 3.06 14.87 -39.38
N TYR A 496 2.72 15.60 -38.33
CA TYR A 496 2.03 15.02 -37.19
C TYR A 496 0.99 16.02 -36.74
N GLN A 497 -0.25 15.56 -36.62
CA GLN A 497 -1.34 16.42 -36.15
C GLN A 497 -2.19 15.65 -35.17
N ALA A 498 -2.46 16.27 -34.03
CA ALA A 498 -3.36 15.72 -33.03
C ALA A 498 -4.65 16.52 -33.03
N VAL A 499 -5.78 15.82 -33.07
CA VAL A 499 -7.09 16.46 -32.89
C VAL A 499 -7.68 15.84 -31.62
N VAL A 500 -7.77 16.66 -30.58
CA VAL A 500 -7.94 16.14 -29.22
C VAL A 500 -9.37 16.45 -28.74
N PRO A 501 -9.92 15.64 -27.82
CA PRO A 501 -11.33 15.85 -27.45
C PRO A 501 -11.64 17.29 -27.02
N SER A 502 -10.80 17.86 -26.17
CA SER A 502 -11.05 19.24 -25.74
C SER A 502 -10.85 20.24 -26.88
N THR A 503 -10.15 19.84 -27.95
CA THR A 503 -10.09 20.69 -29.14
C THR A 503 -11.50 20.81 -29.74
N TRP A 504 -12.21 19.69 -29.84
CA TRP A 504 -13.58 19.72 -30.37
C TRP A 504 -14.48 20.57 -29.48
N ASN A 505 -14.43 20.33 -28.19
CA ASN A 505 -15.35 21.01 -27.28
C ASN A 505 -15.01 22.47 -26.99
N SER A 506 -13.73 22.77 -26.83
N SER A 506 -13.72 22.75 -26.85
CA SER A 506 -13.30 24.12 -26.47
CA SER A 506 -13.27 24.09 -26.48
C SER A 506 -12.93 24.98 -27.67
C SER A 506 -12.89 24.96 -27.66
N GLY A 507 -13.03 24.40 -28.87
CA GLY A 507 -12.67 25.12 -30.08
C GLY A 507 -13.41 26.43 -30.20
N PRO A 508 -12.76 27.44 -30.79
CA PRO A 508 -13.41 28.74 -30.96
C PRO A 508 -14.35 28.68 -32.15
N ARG A 509 -14.90 29.82 -32.52
CA ARG A 509 -15.76 29.90 -33.69
C ARG A 509 -15.02 29.35 -34.90
N ASN A 510 -15.74 28.64 -35.78
CA ASN A 510 -15.12 27.97 -36.90
C ASN A 510 -15.09 28.82 -38.17
N PHE A 511 -14.84 28.19 -39.32
CA PHE A 511 -14.69 28.95 -40.56
C PHE A 511 -15.95 29.73 -40.91
N ASN A 512 -17.11 29.19 -40.56
N ASN A 512 -17.10 29.20 -40.56
CA ASN A 512 -18.36 29.89 -40.78
CA ASN A 512 -18.36 29.90 -40.78
C ASN A 512 -18.89 30.60 -39.54
C ASN A 512 -18.88 30.59 -39.53
N ASP A 513 -17.97 30.84 -38.58
CA ASP A 513 -18.27 31.59 -37.36
C ASP A 513 -19.23 30.89 -36.40
N GLU A 514 -19.42 29.58 -36.54
CA GLU A 514 -20.25 28.86 -35.59
C GLU A 514 -19.50 28.60 -34.31
N VAL A 515 -20.10 28.93 -33.17
CA VAL A 515 -19.45 28.75 -31.88
C VAL A 515 -19.22 27.27 -31.55
N GLY A 516 -18.20 27.01 -30.75
CA GLY A 516 -17.92 25.65 -30.29
C GLY A 516 -18.84 25.25 -29.16
N PRO A 517 -18.79 23.96 -28.74
CA PRO A 517 -19.68 23.49 -27.68
C PRO A 517 -19.60 24.27 -26.35
N TYR A 518 -18.41 24.61 -25.85
CA TYR A 518 -18.34 25.42 -24.62
C TYR A 518 -19.10 26.71 -24.84
N GLU A 519 -18.82 27.38 -25.95
CA GLU A 519 -19.38 28.70 -26.23
C GLU A 519 -20.90 28.65 -26.37
N ARG A 520 -21.40 27.63 -27.05
CA ARG A 520 -22.84 27.44 -27.18
C ARG A 520 -23.51 27.14 -25.84
N SER A 521 -22.86 26.31 -25.04
CA SER A 521 -23.45 25.80 -23.80
C SER A 521 -23.75 26.90 -22.79
N LEU A 522 -23.04 28.01 -22.91
CA LEU A 522 -23.16 29.10 -21.95
C LEU A 522 -24.31 30.05 -22.25
N VAL A 523 -24.75 30.07 -23.50
CA VAL A 523 -25.83 30.97 -23.87
C VAL A 523 -27.09 30.60 -23.10
N GLY A 524 -27.68 31.58 -22.41
CA GLY A 524 -28.84 31.30 -21.58
C GLY A 524 -28.54 31.12 -20.10
N THR A 525 -27.27 31.04 -19.74
CA THR A 525 -26.90 30.83 -18.34
C THR A 525 -27.26 32.04 -17.49
N PRO A 526 -28.03 31.84 -16.42
CA PRO A 526 -28.35 32.92 -15.47
C PRO A 526 -27.12 33.25 -14.63
N ILE A 527 -26.90 34.53 -14.34
CA ILE A 527 -25.77 35.00 -13.57
C ILE A 527 -26.22 35.80 -12.35
N ALA A 528 -26.07 35.23 -11.16
CA ALA A 528 -26.43 35.93 -9.93
C ALA A 528 -25.49 37.11 -9.66
N ASP A 529 -24.19 36.87 -9.84
CA ASP A 529 -23.15 37.84 -9.51
C ASP A 529 -22.11 37.81 -10.63
N PRO A 530 -22.08 38.86 -11.47
CA PRO A 530 -21.13 38.92 -12.59
C PRO A 530 -19.66 38.82 -12.15
N ASN A 531 -19.37 39.23 -10.93
CA ASN A 531 -18.01 39.15 -10.40
C ASN A 531 -17.64 37.74 -9.92
N LYS A 532 -18.64 36.89 -9.73
CA LYS A 532 -18.42 35.52 -9.28
C LYS A 532 -19.32 34.58 -10.07
N PRO A 533 -19.02 34.39 -11.37
CA PRO A 533 -19.91 33.66 -12.28
C PRO A 533 -19.84 32.14 -12.12
N LEU A 534 -20.26 31.67 -10.96
CA LEU A 534 -20.28 30.25 -10.64
C LEU A 534 -21.07 29.42 -11.65
N GLU A 535 -22.15 29.99 -12.17
CA GLU A 535 -23.01 29.26 -13.10
C GLU A 535 -22.29 28.93 -14.41
N VAL A 536 -21.44 29.85 -14.85
CA VAL A 536 -20.65 29.63 -16.06
C VAL A 536 -19.65 28.50 -15.82
N VAL A 537 -18.99 28.56 -14.67
CA VAL A 537 -17.96 27.61 -14.31
C VAL A 537 -18.53 26.19 -14.17
N ARG A 538 -19.75 26.10 -13.62
CA ARG A 538 -20.43 24.81 -13.54
C ARG A 538 -20.57 24.14 -14.88
N THR A 539 -21.03 24.90 -15.87
CA THR A 539 -21.26 24.33 -17.19
C THR A 539 -19.95 23.98 -17.90
N ILE A 540 -18.98 24.90 -17.83
CA ILE A 540 -17.67 24.63 -18.43
C ILE A 540 -17.02 23.39 -17.81
N HIS A 541 -17.04 23.28 -16.49
CA HIS A 541 -16.46 22.11 -15.83
C HIS A 541 -17.13 20.79 -16.24
N SER A 542 -18.41 20.84 -16.62
CA SER A 542 -19.11 19.59 -16.96
C SER A 542 -18.48 18.89 -18.18
N PHE A 543 -17.78 19.66 -19.02
CA PHE A 543 -17.07 19.13 -20.18
C PHE A 543 -15.70 18.58 -19.82
N ASP A 544 -15.27 18.79 -18.58
CA ASP A 544 -13.96 18.31 -18.11
C ASP A 544 -12.83 18.90 -19.00
N PRO A 545 -12.70 20.24 -19.05
CA PRO A 545 -11.70 20.84 -19.95
C PRO A 545 -10.26 20.43 -19.66
N MET A 547 -6.77 21.91 -21.28
CA MET A 547 -6.30 22.86 -22.28
C MET A 547 -4.93 22.52 -22.84
N SER A 548 -4.13 21.76 -22.10
N SER A 548 -4.13 21.76 -22.10
CA SER A 548 -2.88 21.26 -22.68
CA SER A 548 -2.88 21.25 -22.67
C SER A 548 -3.23 20.26 -23.78
C SER A 548 -3.24 20.28 -23.78
N CYS A 549 -4.26 19.46 -23.54
CA CYS A 549 -4.82 18.62 -24.58
C CYS A 549 -5.37 19.44 -25.75
N ALA A 550 -6.19 20.44 -25.43
CA ALA A 550 -6.89 21.19 -26.48
C ALA A 550 -5.92 21.86 -27.45
N VAL A 551 -4.82 22.38 -26.91
CA VAL A 551 -3.88 23.20 -27.68
C VAL A 551 -2.63 22.45 -28.11
N HIS A 552 -2.07 21.65 -27.20
CA HIS A 552 -0.82 20.94 -27.45
C HIS A 552 0.27 21.80 -28.08
N PRO B 9 -2.57 26.33 15.41
CA PRO B 9 -1.27 26.08 14.80
C PRO B 9 -1.28 26.40 13.30
N GLN B 10 -0.18 26.98 12.80
CA GLN B 10 -0.08 27.40 11.42
C GLN B 10 0.80 26.46 10.59
N ARG B 11 0.53 26.40 9.29
CA ARG B 11 1.26 25.50 8.38
C ARG B 11 2.12 26.31 7.39
N PRO B 12 3.26 25.75 6.97
CA PRO B 12 4.14 26.44 6.02
C PRO B 12 3.45 26.72 4.68
N PRO B 13 3.48 27.97 4.22
CA PRO B 13 2.78 28.30 2.97
C PRO B 13 3.53 27.90 1.70
N VAL B 14 2.78 27.45 0.70
CA VAL B 14 3.35 27.07 -0.59
C VAL B 14 2.55 27.73 -1.70
N ILE B 15 3.24 28.31 -2.67
CA ILE B 15 2.61 28.92 -3.84
C ILE B 15 3.09 28.15 -5.05
N TRP B 16 2.16 27.60 -5.82
CA TRP B 16 2.47 26.73 -6.94
C TRP B 16 2.01 27.39 -8.24
N ILE B 17 2.95 27.70 -9.13
CA ILE B 17 2.63 28.35 -10.41
C ILE B 17 2.93 27.39 -11.56
N GLY B 18 1.94 27.21 -12.44
CA GLY B 18 2.11 26.40 -13.63
C GLY B 18 2.38 27.22 -14.86
N ALA B 19 3.46 26.89 -15.57
CA ALA B 19 3.82 27.60 -16.78
C ALA B 19 3.43 26.74 -17.99
N GLN B 20 4.40 26.37 -18.81
CA GLN B 20 4.10 25.43 -19.90
C GLN B 20 4.18 24.01 -19.37
N GLU B 21 3.12 23.59 -18.69
CA GLU B 21 3.11 22.30 -18.01
C GLU B 21 2.08 21.38 -18.65
N CYS B 22 2.21 20.08 -18.42
N CYS B 22 2.22 20.07 -18.43
CA CYS B 22 1.21 19.12 -18.90
CA CYS B 22 1.22 19.11 -18.90
C CYS B 22 0.36 18.66 -17.72
C CYS B 22 0.36 18.66 -17.72
N THR B 23 0.69 19.17 -16.54
CA THR B 23 0.00 18.88 -15.26
C THR B 23 0.39 17.53 -14.64
N GLY B 24 1.31 16.83 -15.28
CA GLY B 24 1.81 15.57 -14.74
C GLY B 24 2.48 15.72 -13.39
N CYS B 25 3.17 16.83 -13.18
N CYS B 25 3.17 16.83 -13.18
CA CYS B 25 3.86 17.08 -11.92
CA CYS B 25 3.86 17.05 -11.92
C CYS B 25 2.86 17.24 -10.76
C CYS B 25 2.86 17.24 -10.76
N THR B 26 1.77 17.95 -11.02
CA THR B 26 0.70 18.05 -10.03
C THR B 26 0.02 16.70 -9.82
N GLU B 27 -0.22 15.98 -10.93
CA GLU B 27 -0.83 14.66 -10.86
C GLU B 27 -0.01 13.67 -10.03
N SER B 28 1.30 13.84 -10.00
CA SER B 28 2.16 12.93 -9.23
C SER B 28 1.78 12.99 -7.74
N LEU B 29 1.31 14.15 -7.29
CA LEU B 29 0.91 14.30 -5.89
C LEU B 29 -0.25 13.38 -5.55
N LEU B 30 -1.08 13.08 -6.53
CA LEU B 30 -2.24 12.21 -6.31
C LEU B 30 -1.85 10.74 -6.15
N ARG B 31 -0.58 10.41 -6.45
CA ARG B 31 -0.07 9.06 -6.24
C ARG B 31 0.68 8.93 -4.92
N ALA B 32 1.03 10.07 -4.32
CA ALA B 32 1.86 10.07 -3.11
C ALA B 32 1.17 9.43 -1.92
N THR B 33 1.97 8.88 -1.01
CA THR B 33 1.43 8.18 0.14
C THR B 33 2.05 8.65 1.45
N HIS B 34 3.10 9.46 1.38
CA HIS B 34 3.77 9.90 2.60
C HIS B 34 4.41 11.30 2.49
N PRO B 35 3.58 12.36 2.51
CA PRO B 35 2.14 12.37 2.76
C PRO B 35 1.29 12.12 1.50
N THR B 36 0.07 11.64 1.72
CA THR B 36 -0.95 11.65 0.70
C THR B 36 -1.30 13.11 0.43
N VAL B 37 -1.93 13.38 -0.71
CA VAL B 37 -2.24 14.76 -1.05
C VAL B 37 -3.20 15.39 -0.04
N GLU B 38 -4.11 14.59 0.51
CA GLU B 38 -5.04 15.14 1.49
C GLU B 38 -4.32 15.50 2.80
N ASN B 39 -3.38 14.66 3.24
CA ASN B 39 -2.60 15.00 4.43
C ASN B 39 -1.62 16.15 4.15
N LEU B 40 -1.16 16.23 2.91
CA LEU B 40 -0.30 17.34 2.51
C LEU B 40 -1.01 18.68 2.68
N VAL B 41 -2.19 18.81 2.08
CA VAL B 41 -2.88 20.10 2.04
C VAL B 41 -3.62 20.45 3.34
N LEU B 42 -3.91 19.46 4.18
CA LEU B 42 -4.61 19.71 5.44
C LEU B 42 -3.69 19.77 6.65
N GLU B 43 -2.53 19.13 6.57
CA GLU B 43 -1.68 18.98 7.75
C GLU B 43 -0.27 19.50 7.56
N THR B 44 0.31 19.20 6.41
CA THR B 44 1.73 19.43 6.21
C THR B 44 2.04 20.86 5.80
N ILE B 45 1.30 21.36 4.82
CA ILE B 45 1.51 22.71 4.31
C ILE B 45 0.18 23.44 4.21
N SER B 46 0.26 24.73 3.91
CA SER B 46 -0.92 25.45 3.46
C SER B 46 -0.66 25.76 2.01
N LEU B 47 -1.41 25.10 1.14
CA LEU B 47 -1.28 25.31 -0.28
C LEU B 47 -2.12 26.54 -0.61
N GLU B 48 -1.45 27.68 -0.69
CA GLU B 48 -2.11 28.98 -0.78
C GLU B 48 -2.60 29.30 -2.19
N TYR B 49 -1.93 28.74 -3.19
CA TYR B 49 -2.29 28.97 -4.58
C TYR B 49 -1.94 27.74 -5.39
N HIS B 50 -2.94 27.18 -6.05
CA HIS B 50 -2.73 26.09 -6.99
C HIS B 50 -3.97 26.01 -7.86
N GLU B 51 -3.80 26.36 -9.12
CA GLU B 51 -4.95 26.50 -10.03
C GLU B 51 -5.71 25.20 -10.32
N VAL B 52 -5.06 24.06 -10.19
CA VAL B 52 -5.74 22.79 -10.45
C VAL B 52 -6.72 22.42 -9.33
N LEU B 53 -6.42 22.83 -8.10
CA LEU B 53 -7.22 22.39 -6.96
C LEU B 53 -8.07 23.48 -6.31
N SER B 54 -7.73 24.73 -6.57
CA SER B 54 -8.37 25.87 -5.93
C SER B 54 -9.88 25.98 -6.16
N ALA B 55 -10.63 26.16 -5.06
CA ALA B 55 -12.06 26.41 -5.16
C ALA B 55 -12.36 27.73 -5.89
N ALA B 56 -11.56 28.76 -5.59
CA ALA B 56 -11.73 30.06 -6.24
C ALA B 56 -11.26 30.01 -7.68
N PHE B 57 -11.86 30.87 -8.50
CA PHE B 57 -11.45 31.02 -9.90
C PHE B 57 -11.37 32.50 -10.24
N GLY B 58 -10.85 32.80 -11.43
CA GLY B 58 -10.82 34.15 -11.96
C GLY B 58 -10.30 35.20 -11.00
N HIS B 59 -11.10 36.26 -10.82
CA HIS B 59 -10.73 37.37 -9.96
C HIS B 59 -10.47 36.94 -8.52
N GLN B 60 -11.21 35.94 -8.05
CA GLN B 60 -11.07 35.51 -6.67
C GLN B 60 -9.77 34.76 -6.42
N VAL B 61 -9.38 33.91 -7.37
CA VAL B 61 -8.13 33.17 -7.19
C VAL B 61 -6.93 34.11 -7.36
N GLU B 62 -7.07 35.13 -8.21
CA GLU B 62 -5.98 36.09 -8.32
C GLU B 62 -5.88 36.92 -7.03
N GLU B 63 -7.02 37.22 -6.41
N GLU B 63 -7.02 37.22 -6.40
CA GLU B 63 -7.04 37.87 -5.10
CA GLU B 63 -7.03 37.87 -5.11
C GLU B 63 -6.27 37.02 -4.08
C GLU B 63 -6.27 37.01 -4.09
N ASN B 64 -6.51 35.71 -4.12
CA ASN B 64 -5.83 34.77 -3.23
C ASN B 64 -4.32 34.83 -3.40
N LYS B 65 -3.87 34.89 -4.66
CA LYS B 65 -2.45 34.95 -4.97
C LYS B 65 -1.80 36.19 -4.37
N HIS B 66 -2.43 37.35 -4.63
CA HIS B 66 -1.92 38.62 -4.12
C HIS B 66 -1.90 38.65 -2.59
N ASN B 67 -3.00 38.22 -1.97
CA ASN B 67 -3.09 38.19 -0.51
C ASN B 67 -2.04 37.29 0.10
N ALA B 68 -1.78 36.15 -0.54
CA ALA B 68 -0.79 35.21 -0.01
C ALA B 68 0.62 35.76 -0.16
N LEU B 69 0.91 36.37 -1.31
CA LEU B 69 2.21 37.00 -1.50
C LEU B 69 2.49 38.04 -0.42
N GLU B 70 1.48 38.82 -0.06
CA GLU B 70 1.63 39.88 0.93
C GLU B 70 1.68 39.36 2.37
N LYS B 71 0.82 38.40 2.69
CA LYS B 71 0.73 37.83 4.04
C LYS B 71 1.97 37.01 4.41
N TYR B 72 2.54 36.34 3.42
CA TYR B 72 3.59 35.37 3.68
C TYR B 72 4.92 35.78 3.07
N LYS B 73 5.08 37.06 2.78
CA LYS B 73 6.29 37.50 2.11
C LYS B 73 7.51 37.10 2.94
N GLY B 74 8.45 36.40 2.31
CA GLY B 74 9.64 35.91 2.96
C GLY B 74 9.53 34.53 3.57
N GLN B 75 8.34 33.92 3.47
CA GLN B 75 8.04 32.69 4.19
C GLN B 75 7.66 31.49 3.32
N TYR B 76 7.13 31.76 2.13
CA TYR B 76 6.55 30.68 1.33
C TYR B 76 7.58 29.97 0.46
N VAL B 77 7.29 28.71 0.16
CA VAL B 77 8.04 27.97 -0.84
C VAL B 77 7.36 28.20 -2.18
N LEU B 78 8.10 28.69 -3.17
CA LEU B 78 7.57 28.86 -4.50
C LEU B 78 7.90 27.63 -5.30
N VAL B 79 6.88 27.03 -5.90
CA VAL B 79 7.07 25.87 -6.77
C VAL B 79 6.62 26.24 -8.17
N VAL B 80 7.48 25.99 -9.16
CA VAL B 80 7.11 26.25 -10.55
C VAL B 80 7.15 24.94 -11.31
N ASP B 81 6.06 24.60 -11.99
N ASP B 81 6.06 24.71 -12.04
CA ASP B 81 6.11 23.47 -12.91
CA ASP B 81 5.93 23.55 -12.89
C ASP B 81 5.80 23.89 -14.33
C ASP B 81 5.86 24.02 -14.35
N GLY B 82 6.62 23.38 -15.24
CA GLY B 82 6.55 23.73 -16.65
C GLY B 82 7.69 24.65 -17.09
N SER B 83 7.94 24.68 -18.39
CA SER B 83 8.98 25.55 -18.93
C SER B 83 8.44 26.96 -19.11
N ILE B 84 9.33 27.93 -19.27
CA ILE B 84 8.94 29.32 -19.48
C ILE B 84 9.32 29.73 -20.89
N PRO B 85 8.33 30.14 -21.70
CA PRO B 85 8.60 30.46 -23.10
C PRO B 85 9.05 31.91 -23.28
N LEU B 86 10.28 32.10 -23.74
CA LEU B 86 10.82 33.45 -23.88
C LEU B 86 10.59 34.08 -25.24
N LYS B 87 10.28 33.26 -26.24
CA LYS B 87 10.12 33.77 -27.60
C LYS B 87 8.91 34.71 -27.69
N ASP B 88 9.05 35.77 -28.48
CA ASP B 88 7.95 36.71 -28.74
C ASP B 88 7.36 37.34 -27.49
N ASN B 89 8.23 37.70 -26.56
CA ASN B 89 7.84 38.48 -25.38
C ASN B 89 6.86 37.79 -24.45
N GLY B 90 6.91 36.45 -24.43
CA GLY B 90 6.22 35.68 -23.41
C GLY B 90 4.79 35.30 -23.72
N ILE B 91 4.33 35.60 -24.94
CA ILE B 91 2.92 35.40 -25.26
C ILE B 91 2.48 33.93 -25.40
N TYR B 92 3.42 32.99 -25.39
CA TYR B 92 3.04 31.58 -25.51
C TYR B 92 2.51 30.99 -24.21
N CYS B 93 2.56 31.75 -23.12
CA CYS B 93 1.88 31.37 -21.90
C CYS B 93 1.42 32.60 -21.15
N MET B 94 0.13 32.89 -21.27
CA MET B 94 -0.47 34.07 -20.66
C MET B 94 -1.55 33.67 -19.66
N VAL B 95 -1.43 34.15 -18.42
CA VAL B 95 -2.44 33.88 -17.41
C VAL B 95 -2.95 35.19 -16.86
N ALA B 96 -4.27 35.35 -16.77
CA ALA B 96 -4.87 36.60 -16.34
C ALA B 96 -4.35 37.79 -17.15
N GLY B 97 -4.06 37.55 -18.43
CA GLY B 97 -3.62 38.60 -19.33
C GLY B 97 -2.17 39.04 -19.22
N GLU B 98 -1.36 38.30 -18.47
CA GLU B 98 0.06 38.63 -18.27
C GLU B 98 0.92 37.40 -18.55
N PRO B 99 2.10 37.60 -19.16
CA PRO B 99 2.98 36.46 -19.42
C PRO B 99 3.36 35.76 -18.12
N ILE B 100 3.47 34.44 -18.16
CA ILE B 100 3.75 33.68 -16.94
C ILE B 100 5.09 34.06 -16.34
N VAL B 101 6.00 34.54 -17.18
CA VAL B 101 7.32 34.95 -16.70
C VAL B 101 7.21 36.07 -15.66
N ASP B 102 6.22 36.94 -15.80
CA ASP B 102 6.04 38.03 -14.85
C ASP B 102 5.43 37.54 -13.53
N HIS B 103 4.49 36.61 -13.60
CA HIS B 103 3.94 35.99 -12.40
C HIS B 103 5.05 35.33 -11.59
N ILE B 104 5.95 34.65 -12.29
CA ILE B 104 7.05 33.93 -11.66
C ILE B 104 8.07 34.89 -11.05
N ARG B 105 8.45 35.93 -11.78
CA ARG B 105 9.43 36.88 -11.26
C ARG B 105 8.89 37.58 -10.01
N ARG B 106 7.61 37.94 -10.06
CA ARG B 106 6.94 38.59 -8.93
C ARG B 106 6.96 37.70 -7.69
N ALA B 107 6.63 36.44 -7.87
CA ALA B 107 6.56 35.51 -6.75
C ALA B 107 7.95 35.13 -6.22
N ALA B 108 8.95 35.13 -7.11
CA ALA B 108 10.30 34.72 -6.73
C ALA B 108 10.94 35.69 -5.73
N GLU B 109 10.59 36.97 -5.87
CA GLU B 109 11.20 38.00 -5.04
C GLU B 109 11.04 37.83 -3.53
N GLY B 110 9.89 37.30 -3.12
CA GLY B 110 9.63 37.14 -1.70
C GLY B 110 9.69 35.72 -1.19
N ALA B 111 10.17 34.80 -2.01
CA ALA B 111 10.19 33.39 -1.63
C ALA B 111 11.26 33.04 -0.59
N ALA B 112 10.91 32.14 0.33
CA ALA B 112 11.89 31.58 1.25
C ALA B 112 12.72 30.50 0.55
N ALA B 113 12.10 29.82 -0.40
CA ALA B 113 12.77 28.80 -1.19
C ALA B 113 12.07 28.69 -2.53
N ILE B 114 12.83 28.31 -3.56
CA ILE B 114 12.25 28.14 -4.89
C ILE B 114 12.61 26.77 -5.46
N ILE B 115 11.60 26.03 -5.89
CA ILE B 115 11.77 24.69 -6.43
C ILE B 115 11.23 24.63 -7.86
N ALA B 116 12.05 24.12 -8.77
CA ALA B 116 11.61 23.79 -10.11
C ALA B 116 11.27 22.31 -10.10
N ILE B 117 9.98 22.01 -10.20
CA ILE B 117 9.56 20.60 -10.21
C ILE B 117 9.34 20.13 -11.65
N GLY B 118 9.92 18.99 -11.99
CA GLY B 118 9.83 18.41 -13.32
C GLY B 118 10.95 18.88 -14.22
N SER B 119 11.26 18.07 -15.23
CA SER B 119 12.30 18.39 -16.20
C SER B 119 12.08 19.68 -16.99
N CYS B 120 10.82 20.03 -17.23
N CYS B 120 10.82 20.05 -17.23
CA CYS B 120 10.51 21.26 -17.98
CA CYS B 120 10.54 21.26 -17.99
C CYS B 120 11.01 22.49 -17.24
C CYS B 120 11.02 22.50 -17.24
N ALA B 121 10.62 22.62 -15.98
CA ALA B 121 11.08 23.75 -15.16
C ALA B 121 12.57 23.64 -14.84
N ALA B 122 13.07 22.40 -14.73
CA ALA B 122 14.48 22.22 -14.37
C ALA B 122 15.42 22.60 -15.50
N TRP B 123 15.10 22.21 -16.73
CA TRP B 123 16.01 22.46 -17.85
C TRP B 123 15.36 22.68 -19.22
N GLY B 124 14.04 22.88 -19.25
CA GLY B 124 13.32 23.11 -20.49
C GLY B 124 12.47 21.93 -20.93
N GLY B 125 12.96 20.73 -20.66
CA GLY B 125 12.20 19.51 -20.86
C GLY B 125 11.70 19.30 -22.28
N VAL B 126 10.55 18.63 -22.40
CA VAL B 126 10.02 18.27 -23.70
C VAL B 126 9.61 19.51 -24.52
N ALA B 127 9.16 20.56 -23.84
CA ALA B 127 8.72 21.78 -24.51
C ALA B 127 9.87 22.49 -25.24
N ALA B 128 11.09 22.28 -24.76
CA ALA B 128 12.26 22.93 -25.34
C ALA B 128 12.99 22.01 -26.34
N ALA B 129 12.42 20.83 -26.60
CA ALA B 129 13.03 19.86 -27.50
C ALA B 129 12.77 20.20 -28.97
N GLY B 130 13.39 19.44 -29.86
CA GLY B 130 13.31 19.71 -31.28
C GLY B 130 13.74 21.13 -31.61
N VAL B 131 12.99 21.79 -32.47
CA VAL B 131 13.28 23.18 -32.84
C VAL B 131 12.91 24.20 -31.75
N ASN B 132 12.32 23.73 -30.65
CA ASN B 132 11.87 24.60 -29.57
C ASN B 132 11.02 25.77 -30.06
N PRO B 133 9.77 25.48 -30.46
CA PRO B 133 8.89 26.48 -31.10
C PRO B 133 8.66 27.75 -30.29
N THR B 134 8.67 27.64 -28.96
CA THR B 134 8.30 28.78 -28.11
C THR B 134 9.47 29.39 -27.32
N GLY B 135 10.70 28.96 -27.59
CA GLY B 135 11.85 29.47 -26.87
C GLY B 135 11.75 29.13 -25.39
N ALA B 136 11.28 27.92 -25.12
CA ALA B 136 11.12 27.41 -23.77
C ALA B 136 12.47 27.25 -23.08
N VAL B 137 12.53 27.69 -21.83
CA VAL B 137 13.73 27.55 -21.00
C VAL B 137 13.36 27.10 -19.60
N GLY B 138 14.36 26.66 -18.84
CA GLY B 138 14.15 26.29 -17.45
C GLY B 138 14.15 27.48 -16.51
N LEU B 139 13.77 27.24 -15.26
CA LEU B 139 13.53 28.31 -14.30
C LEU B 139 14.79 29.10 -13.92
N GLN B 140 15.91 28.41 -13.76
CA GLN B 140 17.15 29.06 -13.36
C GLN B 140 17.56 30.11 -14.39
N GLU B 141 17.21 29.87 -15.66
CA GLU B 141 17.51 30.82 -16.72
C GLU B 141 16.70 32.11 -16.56
N VAL B 142 15.50 31.97 -16.02
CA VAL B 142 14.58 33.09 -15.79
C VAL B 142 14.98 33.86 -14.54
N LEU B 143 15.59 33.16 -13.59
CA LEU B 143 15.94 33.75 -12.30
C LEU B 143 17.42 33.54 -12.00
N PRO B 144 18.31 34.17 -12.78
CA PRO B 144 19.75 33.95 -12.68
C PRO B 144 20.36 34.27 -11.31
N GLY B 145 19.76 35.17 -10.56
CA GLY B 145 20.31 35.57 -9.27
C GLY B 145 19.87 34.70 -8.11
N LYS B 146 18.91 33.81 -8.36
CA LYS B 146 18.32 33.03 -7.27
C LYS B 146 18.83 31.60 -7.21
N THR B 147 18.82 31.03 -6.02
CA THR B 147 19.12 29.63 -5.85
C THR B 147 17.88 28.79 -6.11
N ILE B 148 17.89 27.99 -7.17
CA ILE B 148 16.76 27.16 -7.55
C ILE B 148 17.04 25.70 -7.23
N ILE B 149 16.14 25.05 -6.51
CA ILE B 149 16.29 23.61 -6.28
C ILE B 149 15.60 22.85 -7.43
N ASN B 150 16.37 22.05 -8.17
CA ASN B 150 15.85 21.32 -9.32
C ASN B 150 15.44 19.90 -8.98
N ILE B 151 14.22 19.53 -9.32
CA ILE B 151 13.72 18.20 -9.02
C ILE B 151 13.21 17.60 -10.33
N PRO B 152 14.13 17.10 -11.17
CA PRO B 152 13.74 16.71 -12.53
C PRO B 152 13.08 15.34 -12.61
N GLY B 153 12.61 15.01 -13.82
CA GLY B 153 11.80 13.85 -14.04
C GLY B 153 10.54 14.28 -14.72
N CYS B 154 9.89 13.35 -15.44
N CYS B 154 9.91 13.36 -15.45
CA CYS B 154 8.76 13.71 -16.27
CA CYS B 154 8.76 13.71 -16.26
C CYS B 154 7.57 12.77 -16.06
C CYS B 154 7.56 12.76 -16.05
N PRO B 155 6.92 12.84 -14.88
CA PRO B 155 7.26 13.68 -13.72
C PRO B 155 8.15 12.92 -12.74
N PRO B 156 8.79 13.65 -11.80
CA PRO B 156 9.54 12.93 -10.77
C PRO B 156 8.63 12.13 -9.85
N ASN B 157 9.17 11.14 -9.15
CA ASN B 157 8.43 10.53 -8.05
C ASN B 157 8.05 11.68 -7.11
N PRO B 158 6.79 11.74 -6.67
CA PRO B 158 6.35 12.92 -5.90
C PRO B 158 7.11 13.08 -4.59
N HIS B 159 7.62 11.99 -4.05
CA HIS B 159 8.36 12.10 -2.78
C HIS B 159 9.75 12.71 -2.95
N ASN B 160 10.24 12.81 -4.19
CA ASN B 160 11.46 13.57 -4.42
C ASN B 160 11.22 15.03 -4.09
N PHE B 161 10.00 15.47 -4.40
CA PHE B 161 9.56 16.82 -4.08
C PHE B 161 9.15 16.93 -2.61
N LEU B 162 8.30 16.01 -2.16
CA LEU B 162 7.77 16.12 -0.80
C LEU B 162 8.84 16.04 0.29
N ALA B 163 9.82 15.16 0.11
CA ALA B 163 10.90 15.03 1.11
C ALA B 163 11.84 16.23 1.08
N THR B 164 11.95 16.89 -0.06
CA THR B 164 12.71 18.14 -0.15
C THR B 164 12.02 19.24 0.64
N VAL B 165 10.71 19.40 0.42
CA VAL B 165 9.92 20.36 1.19
C VAL B 165 9.96 20.04 2.69
N ALA B 166 9.83 18.76 3.02
CA ALA B 166 9.91 18.34 4.42
C ALA B 166 11.25 18.72 5.08
N HIS B 167 12.33 18.60 4.33
CA HIS B 167 13.65 18.92 4.88
C HIS B 167 13.69 20.40 5.22
N ILE B 168 13.10 21.21 4.35
CA ILE B 168 13.07 22.66 4.55
C ILE B 168 12.24 23.01 5.78
N ILE B 169 11.07 22.40 5.91
CA ILE B 169 10.19 22.64 7.05
C ILE B 169 10.81 22.14 8.37
N THR B 170 11.34 20.93 8.34
CA THR B 170 11.76 20.26 9.57
C THR B 170 13.11 20.75 10.07
N TYR B 171 14.06 20.94 9.16
CA TYR B 171 15.43 21.27 9.55
C TYR B 171 15.81 22.70 9.20
N GLY B 172 14.94 23.39 8.47
CA GLY B 172 15.10 24.81 8.23
C GLY B 172 16.05 25.21 7.12
N LYS B 173 16.38 24.24 6.27
CA LYS B 173 17.30 24.49 5.15
C LYS B 173 17.06 23.42 4.11
N PRO B 174 17.49 23.67 2.86
CA PRO B 174 17.28 22.64 1.84
C PRO B 174 18.13 21.41 2.10
N PRO B 175 17.79 20.28 1.47
CA PRO B 175 18.66 19.09 1.51
C PRO B 175 19.96 19.38 0.76
N LYS B 176 20.97 18.54 0.96
CA LYS B 176 22.21 18.69 0.22
C LYS B 176 21.95 18.58 -1.28
N LEU B 177 22.56 19.48 -2.06
CA LEU B 177 22.36 19.52 -3.50
C LEU B 177 23.64 19.18 -4.24
N ASP B 178 23.49 18.62 -5.45
CA ASP B 178 24.62 18.39 -6.33
C ASP B 178 24.96 19.64 -7.14
N ALA B 179 25.88 19.48 -8.10
CA ALA B 179 26.36 20.61 -8.90
C ALA B 179 25.28 21.23 -9.78
N LYS B 180 24.24 20.44 -10.06
CA LYS B 180 23.09 20.92 -10.83
C LYS B 180 21.93 21.33 -9.92
N ASN B 181 22.22 21.50 -8.63
CA ASN B 181 21.22 21.92 -7.63
C ASN B 181 20.08 20.92 -7.45
N ARG B 182 20.36 19.64 -7.68
CA ARG B 182 19.39 18.56 -7.47
C ARG B 182 19.67 17.91 -6.11
N PRO B 183 18.64 17.60 -5.33
CA PRO B 183 18.88 16.93 -4.04
C PRO B 183 19.62 15.58 -4.19
N THR B 184 20.70 15.41 -3.46
CA THR B 184 21.55 14.24 -3.63
C THR B 184 20.84 12.94 -3.23
N PHE B 185 19.86 13.02 -2.33
CA PHE B 185 19.19 11.81 -1.86
C PHE B 185 18.40 11.15 -2.99
N ALA B 186 18.06 11.94 -4.01
CA ALA B 186 17.24 11.47 -5.12
C ALA B 186 17.97 11.43 -6.47
N TYR B 187 19.02 12.25 -6.63
CA TYR B 187 19.68 12.39 -7.93
C TYR B 187 21.19 12.24 -7.86
N GLY B 188 21.70 11.77 -6.71
CA GLY B 188 23.14 11.74 -6.51
C GLY B 188 23.91 10.61 -7.19
N ARG B 189 23.21 9.74 -7.91
CA ARG B 189 23.82 8.55 -8.51
C ARG B 189 23.18 8.25 -9.87
N LEU B 190 23.97 7.76 -10.83
CA LEU B 190 23.42 7.27 -12.09
C LEU B 190 22.48 6.08 -11.84
N ILE B 191 21.42 5.97 -12.63
CA ILE B 191 20.51 4.82 -12.51
C ILE B 191 21.26 3.50 -12.73
N HIS B 192 22.17 3.50 -13.70
CA HIS B 192 22.97 2.33 -14.07
C HIS B 192 23.92 1.91 -12.93
N GLU B 193 24.24 2.86 -12.05
CA GLU B 193 25.13 2.58 -10.93
C GLU B 193 24.36 2.13 -9.68
N HIS B 194 23.08 1.85 -9.86
CA HIS B 194 22.29 1.23 -8.79
C HIS B 194 21.11 0.46 -9.38
N CYS B 195 21.38 -0.23 -10.49
CA CYS B 195 20.35 -0.98 -11.20
C CYS B 195 20.46 -2.49 -10.99
N GLU B 196 19.33 -3.11 -10.68
CA GLU B 196 19.31 -4.54 -10.39
C GLU B 196 19.59 -5.42 -11.61
N ARG B 197 19.57 -4.85 -12.81
CA ARG B 197 19.93 -5.64 -14.00
C ARG B 197 21.40 -5.55 -14.36
N ARG B 198 22.16 -4.82 -13.58
CA ARG B 198 23.60 -4.72 -13.80
C ARG B 198 24.33 -6.08 -13.90
N PRO B 199 23.95 -7.09 -13.09
CA PRO B 199 24.61 -8.39 -13.28
C PRO B 199 24.45 -8.94 -14.70
N HIS B 200 23.31 -8.68 -15.33
CA HIS B 200 23.09 -9.13 -16.70
C HIS B 200 23.94 -8.35 -17.69
N PHE B 201 24.00 -7.04 -17.50
CA PHE B 201 24.89 -6.19 -18.27
C PHE B 201 26.32 -6.74 -18.21
N ASP B 202 26.76 -7.06 -17.00
CA ASP B 202 28.13 -7.55 -16.80
C ASP B 202 28.39 -8.85 -17.52
N ALA B 203 27.36 -9.70 -17.59
CA ALA B 203 27.53 -11.04 -18.16
C ALA B 203 27.22 -11.08 -19.66
N GLY B 204 26.85 -9.94 -20.23
CA GLY B 204 26.48 -9.88 -21.63
C GLY B 204 25.12 -10.51 -21.91
N ARG B 205 24.26 -10.53 -20.89
CA ARG B 205 22.91 -11.06 -21.04
C ARG B 205 21.97 -9.90 -21.37
N PHE B 206 21.68 -9.74 -22.66
CA PHE B 206 20.95 -8.58 -23.13
C PHE B 206 19.67 -8.98 -23.83
N ALA B 207 18.58 -8.27 -23.55
CA ALA B 207 17.39 -8.33 -24.39
C ALA B 207 17.71 -7.64 -25.71
N LYS B 208 17.30 -8.23 -26.83
CA LYS B 208 17.49 -7.59 -28.14
C LYS B 208 16.21 -7.05 -28.76
N GLU B 209 15.08 -7.67 -28.41
CA GLU B 209 13.76 -7.22 -28.84
C GLU B 209 12.76 -7.49 -27.73
N PHE B 210 11.76 -6.61 -27.59
CA PHE B 210 10.66 -6.88 -26.67
C PHE B 210 10.07 -8.24 -26.98
N GLY B 211 9.86 -9.06 -25.95
CA GLY B 211 9.22 -10.35 -26.13
C GLY B 211 10.18 -11.49 -26.45
N ASP B 212 11.46 -11.18 -26.64
CA ASP B 212 12.41 -12.26 -26.89
C ASP B 212 12.75 -13.02 -25.59
N GLU B 213 13.54 -14.08 -25.71
CA GLU B 213 13.80 -14.96 -24.56
C GLU B 213 14.45 -14.22 -23.40
N GLY B 214 15.47 -13.42 -23.70
CA GLY B 214 16.17 -12.68 -22.65
C GLY B 214 15.30 -11.62 -22.01
N HIS B 215 14.50 -10.94 -22.83
CA HIS B 215 13.57 -9.94 -22.33
C HIS B 215 12.61 -10.61 -21.34
N ARG B 216 12.16 -11.82 -21.69
CA ARG B 216 11.23 -12.56 -20.85
C ARG B 216 11.89 -13.23 -19.66
N GLU B 217 13.20 -13.04 -19.51
CA GLU B 217 13.92 -13.46 -18.30
C GLU B 217 14.43 -12.27 -17.49
N GLY B 218 14.07 -11.06 -17.88
CA GLY B 218 14.45 -9.88 -17.11
C GLY B 218 15.89 -9.45 -17.30
N TRP B 219 16.45 -9.69 -18.48
CA TRP B 219 17.84 -9.32 -18.76
C TRP B 219 17.99 -7.81 -18.97
N CYS B 220 19.23 -7.36 -19.09
CA CYS B 220 19.54 -5.94 -19.20
C CYS B 220 19.00 -5.37 -20.50
N LEU B 221 18.59 -4.10 -20.46
CA LEU B 221 17.90 -3.46 -21.59
C LEU B 221 18.79 -2.47 -22.36
N TYR B 222 20.09 -2.52 -22.12
CA TYR B 222 21.04 -1.60 -22.77
C TYR B 222 20.86 -1.54 -24.27
N HIS B 223 20.79 -2.70 -24.91
CA HIS B 223 20.69 -2.73 -26.37
C HIS B 223 19.29 -2.46 -26.91
N LEU B 224 18.35 -2.23 -25.99
CA LEU B 224 17.05 -1.69 -26.40
C LEU B 224 17.04 -0.17 -26.34
N GLY B 225 18.15 0.43 -25.89
CA GLY B 225 18.27 1.88 -25.81
C GLY B 225 18.24 2.45 -24.39
N CYS B 226 18.53 1.63 -23.39
CA CYS B 226 18.45 2.13 -22.02
C CYS B 226 19.40 3.29 -21.74
N LYS B 227 18.85 4.38 -21.22
CA LYS B 227 19.65 5.55 -20.91
C LYS B 227 20.09 5.60 -19.45
N GLY B 228 19.85 4.53 -18.70
CA GLY B 228 20.36 4.45 -17.34
C GLY B 228 21.83 4.83 -17.17
N PRO B 229 22.70 4.40 -18.11
CA PRO B 229 24.12 4.76 -18.00
C PRO B 229 24.46 6.25 -18.04
N GLU B 230 23.50 7.09 -18.46
CA GLU B 230 23.78 8.52 -18.57
C GLU B 230 22.72 9.39 -17.89
N THR B 231 21.93 8.78 -17.00
CA THR B 231 20.82 9.46 -16.34
C THR B 231 20.92 9.33 -14.83
N TYR B 232 20.92 10.47 -14.14
CA TYR B 232 20.93 10.50 -12.67
C TYR B 232 19.51 10.45 -12.15
N GLY B 233 19.28 9.65 -11.11
CA GLY B 233 17.96 9.54 -10.53
C GLY B 233 17.87 8.41 -9.51
N ASN B 234 16.68 8.22 -8.95
CA ASN B 234 16.46 7.15 -7.98
C ASN B 234 15.39 6.17 -8.44
N CYS B 235 15.19 6.10 -9.74
CA CYS B 235 14.11 5.28 -10.31
C CYS B 235 14.24 3.81 -10.02
N SER B 236 15.47 3.33 -9.87
CA SER B 236 15.68 1.91 -9.63
C SER B 236 15.54 1.55 -8.16
N THR B 237 15.61 2.54 -7.28
CA THR B 237 15.56 2.27 -5.83
C THR B 237 14.24 2.70 -5.20
N LEU B 238 13.97 4.00 -5.24
CA LEU B 238 12.69 4.51 -4.78
C LEU B 238 11.56 4.03 -5.70
N GLN B 239 11.85 3.92 -6.99
CA GLN B 239 10.86 3.45 -7.95
C GLN B 239 9.63 4.35 -7.96
N PHE B 240 8.46 3.79 -8.27
CA PHE B 240 7.25 4.58 -8.37
C PHE B 240 6.03 3.93 -7.71
N CYS B 241 5.15 4.77 -7.18
CA CYS B 241 3.81 4.36 -6.71
C CYS B 241 3.76 3.51 -5.43
N ASP B 242 4.92 3.26 -4.85
CA ASP B 242 5.00 2.64 -3.52
C ASP B 242 4.31 1.28 -3.40
N VAL B 243 4.26 0.52 -4.49
CA VAL B 243 3.67 -0.82 -4.43
C VAL B 243 4.75 -1.90 -4.48
N GLY B 244 5.96 -1.49 -4.87
CA GLY B 244 7.07 -2.41 -4.96
C GLY B 244 7.29 -2.95 -6.36
N GLY B 245 8.51 -2.77 -6.87
CA GLY B 245 8.89 -3.35 -8.13
C GLY B 245 8.43 -2.61 -9.37
N VAL B 246 8.00 -1.36 -9.21
CA VAL B 246 7.47 -0.60 -10.35
C VAL B 246 8.39 0.54 -10.79
N TRP B 247 9.10 0.32 -11.89
CA TRP B 247 9.80 1.39 -12.61
C TRP B 247 9.92 0.93 -14.05
N PRO B 248 10.25 1.85 -14.98
CA PRO B 248 10.18 1.42 -16.39
C PRO B 248 11.01 0.17 -16.72
N VAL B 249 12.24 0.09 -16.24
CA VAL B 249 13.07 -1.07 -16.56
C VAL B 249 12.49 -2.37 -15.99
N ALA B 250 11.98 -2.30 -14.75
CA ALA B 250 11.38 -3.48 -14.12
C ALA B 250 10.16 -3.97 -14.89
N ILE B 251 9.45 -3.04 -15.52
CA ILE B 251 8.25 -3.38 -16.29
C ILE B 251 8.63 -3.93 -17.67
N GLY B 252 9.87 -3.66 -18.10
CA GLY B 252 10.38 -4.24 -19.32
C GLY B 252 10.77 -3.25 -20.41
N HIS B 253 10.79 -1.96 -20.07
CA HIS B 253 11.14 -0.94 -21.08
C HIS B 253 12.37 -0.16 -20.66
N PRO B 254 13.26 0.17 -21.62
CA PRO B 254 14.46 0.92 -21.26
C PRO B 254 14.16 2.29 -20.64
N CYS B 255 15.05 2.76 -19.78
CA CYS B 255 15.02 4.15 -19.36
C CYS B 255 15.20 5.02 -20.59
N TYR B 256 14.44 6.12 -20.66
CA TYR B 256 14.44 7.06 -21.78
C TYR B 256 15.27 8.30 -21.47
N GLY B 257 15.74 8.40 -20.22
CA GLY B 257 16.52 9.53 -19.77
C GLY B 257 15.72 10.79 -19.50
N CYS B 258 14.47 10.64 -19.08
CA CYS B 258 13.60 11.81 -18.94
C CYS B 258 14.09 12.80 -17.88
N ASN B 259 14.88 12.32 -16.90
CA ASN B 259 15.46 13.20 -15.88
C ASN B 259 16.52 14.16 -16.42
N GLU B 260 17.16 13.77 -17.52
CA GLU B 260 18.48 14.30 -17.85
C GLU B 260 18.49 15.15 -19.12
N GLU B 261 18.94 16.39 -18.98
CA GLU B 261 19.05 17.30 -20.10
C GLU B 261 19.90 16.73 -21.23
N GLY B 262 19.38 16.79 -22.45
CA GLY B 262 20.10 16.31 -23.61
C GLY B 262 19.92 14.82 -23.86
N ILE B 263 19.23 14.14 -22.94
CA ILE B 263 18.97 12.72 -23.11
C ILE B 263 17.50 12.52 -23.47
N GLY B 264 16.62 12.56 -22.47
CA GLY B 264 15.19 12.48 -22.72
C GLY B 264 14.71 13.52 -23.72
N PHE B 265 13.83 13.09 -24.62
CA PHE B 265 13.21 13.93 -25.66
C PHE B 265 14.16 14.41 -26.75
N HIS B 266 15.43 14.07 -26.63
CA HIS B 266 16.43 14.42 -27.63
C HIS B 266 16.85 13.16 -28.37
N LYS B 267 17.23 12.14 -27.60
CA LYS B 267 17.67 10.86 -28.15
C LYS B 267 16.49 9.93 -28.41
N GLY B 268 16.59 9.12 -29.46
CA GLY B 268 15.56 8.14 -29.78
C GLY B 268 15.46 7.08 -28.70
N ILE B 269 14.28 6.49 -28.55
CA ILE B 269 14.07 5.43 -27.56
C ILE B 269 15.13 4.35 -27.71
N HIS B 270 15.42 3.97 -28.95
CA HIS B 270 16.29 2.83 -29.18
C HIS B 270 17.74 3.22 -29.52
N GLN B 271 18.00 4.51 -29.49
CA GLN B 271 19.36 5.03 -29.62
C GLN B 271 20.12 4.64 -28.36
N LEU B 272 21.38 4.21 -28.52
CA LEU B 272 22.13 3.72 -27.35
C LEU B 272 22.75 4.83 -26.54
N ALA B 273 23.01 4.52 -25.27
CA ALA B 273 23.72 5.43 -24.37
C ALA B 273 25.03 5.90 -25.00
N HIS B 274 25.35 7.17 -24.77
CA HIS B 274 26.59 7.81 -25.24
C HIS B 274 26.69 8.04 -26.74
N VAL B 275 25.71 7.56 -27.50
CA VAL B 275 25.66 7.82 -28.94
C VAL B 275 24.96 9.16 -29.18
N GLU B 276 25.61 10.08 -29.87
CA GLU B 276 24.99 11.39 -30.05
C GLU B 276 24.00 11.49 -31.20
N ASN B 277 22.85 12.11 -30.88
CA ASN B 277 21.77 12.58 -31.78
C ASN B 277 20.38 12.40 -31.18
N SER C 2 -10.75 -37.33 39.27
CA SER C 2 -11.54 -38.49 38.90
C SER C 2 -11.70 -38.54 37.39
N GLN C 3 -12.52 -37.63 36.84
CA GLN C 3 -12.64 -37.51 35.40
C GLN C 3 -11.49 -36.66 34.86
N ARG C 4 -10.74 -37.23 33.93
CA ARG C 4 -9.60 -36.55 33.34
C ARG C 4 -9.90 -36.22 31.89
N ILE C 5 -9.67 -34.98 31.50
CA ILE C 5 -9.78 -34.60 30.09
C ILE C 5 -8.45 -34.09 29.58
N THR C 6 -8.25 -34.19 28.27
CA THR C 6 -7.03 -33.75 27.62
C THR C 6 -7.39 -32.88 26.42
N ILE C 7 -6.69 -31.76 26.27
CA ILE C 7 -6.87 -30.88 25.11
C ILE C 7 -5.55 -30.82 24.37
N ASP C 8 -5.48 -31.48 23.22
CA ASP C 8 -4.23 -31.66 22.50
C ASP C 8 -4.60 -31.91 21.04
N PRO C 9 -4.36 -30.92 20.17
CA PRO C 9 -3.69 -29.65 20.48
C PRO C 9 -4.63 -28.55 20.92
N VAL C 10 -4.10 -27.64 21.75
CA VAL C 10 -4.75 -26.36 21.99
C VAL C 10 -4.48 -25.50 20.77
N THR C 11 -5.54 -24.95 20.17
CA THR C 11 -5.39 -24.14 18.97
C THR C 11 -5.42 -22.65 19.28
N ARG C 12 -5.23 -21.84 18.25
CA ARG C 12 -5.20 -20.38 18.38
C ARG C 12 -4.21 -19.93 19.45
N ILE C 13 -3.06 -20.58 19.43
CA ILE C 13 -1.88 -20.16 20.17
C ILE C 13 -0.75 -20.36 19.20
N GLU C 14 0.46 -20.04 19.61
CA GLU C 14 1.62 -20.44 18.83
C GLU C 14 2.14 -21.73 19.41
N GLY C 15 2.45 -22.67 18.53
CA GLY C 15 3.17 -23.86 18.93
C GLY C 15 2.31 -24.99 19.42
N HIS C 16 2.95 -25.95 20.06
CA HIS C 16 2.32 -27.20 20.43
C HIS C 16 2.11 -27.31 21.94
N LEU C 17 0.85 -27.13 22.36
CA LEU C 17 0.47 -27.18 23.76
C LEU C 17 -0.57 -28.26 24.02
N ARG C 18 -0.35 -29.00 25.10
CA ARG C 18 -1.32 -29.96 25.60
C ARG C 18 -1.71 -29.53 27.00
N ILE C 19 -3.02 -29.48 27.25
CA ILE C 19 -3.53 -29.19 28.58
C ILE C 19 -4.32 -30.39 29.09
N ASP C 20 -4.04 -30.82 30.32
CA ASP C 20 -4.87 -31.82 30.98
C ASP C 20 -5.54 -31.24 32.22
N CYS C 21 -6.76 -31.68 32.51
CA CYS C 21 -7.47 -31.26 33.70
C CYS C 21 -8.14 -32.45 34.38
N GLU C 22 -8.00 -32.52 35.70
CA GLU C 22 -8.85 -33.39 36.49
C GLU C 22 -10.10 -32.60 36.85
N ILE C 23 -11.26 -33.23 36.67
CA ILE C 23 -12.51 -32.56 36.96
C ILE C 23 -13.22 -33.26 38.11
N GLU C 24 -13.56 -32.50 39.13
CA GLU C 24 -14.30 -33.03 40.27
C GLU C 24 -15.57 -32.22 40.45
N ASN C 25 -16.71 -32.90 40.45
CA ASN C 25 -18.01 -32.24 40.54
C ASN C 25 -18.17 -31.15 39.49
N GLY C 26 -17.69 -31.42 38.27
CA GLY C 26 -17.89 -30.51 37.16
C GLY C 26 -16.95 -29.32 37.12
N VAL C 27 -15.98 -29.28 38.03
CA VAL C 27 -15.08 -28.14 38.14
C VAL C 27 -13.63 -28.63 38.11
N VAL C 28 -12.73 -27.87 37.49
CA VAL C 28 -11.34 -28.26 37.42
C VAL C 28 -10.71 -28.23 38.81
N SER C 29 -10.10 -29.35 39.20
CA SER C 29 -9.53 -29.48 40.53
C SER C 29 -8.01 -29.56 40.48
N LYS C 30 -7.47 -29.91 39.31
CA LYS C 30 -6.02 -29.97 39.12
C LYS C 30 -5.75 -29.91 37.61
N ALA C 31 -4.62 -29.31 37.24
CA ALA C 31 -4.30 -29.17 35.83
C ALA C 31 -2.81 -29.34 35.53
N TRP C 32 -2.51 -29.68 34.28
CA TRP C 32 -1.14 -29.85 33.79
C TRP C 32 -1.00 -29.13 32.44
N ALA C 33 0.08 -28.36 32.31
CA ALA C 33 0.41 -27.76 31.02
C ALA C 33 1.66 -28.43 30.47
N SER C 34 1.66 -28.73 29.17
CA SER C 34 2.75 -29.47 28.55
C SER C 34 3.10 -28.90 27.18
N GLY C 35 4.36 -28.48 27.03
CA GLY C 35 4.90 -28.16 25.72
C GLY C 35 5.43 -29.43 25.09
N THR C 36 4.97 -29.74 23.88
CA THR C 36 5.21 -31.06 23.29
C THR C 36 6.18 -31.08 22.10
N MET C 37 6.87 -29.97 21.86
CA MET C 37 7.85 -29.90 20.78
C MET C 37 9.10 -29.18 21.28
N TRP C 38 10.28 -29.74 21.01
CA TRP C 38 11.56 -29.13 21.37
C TRP C 38 12.47 -29.10 20.14
N ARG C 39 13.30 -28.06 20.03
CA ARG C 39 14.28 -27.94 18.95
C ARG C 39 15.72 -27.87 19.44
N GLY C 40 15.90 -27.43 20.69
CA GLY C 40 17.24 -27.23 21.24
C GLY C 40 17.98 -26.00 20.70
N MET C 41 17.29 -24.88 20.62
CA MET C 41 17.88 -23.65 20.09
C MET C 41 19.09 -23.16 20.89
N GLU C 42 19.10 -23.44 22.19
CA GLU C 42 20.20 -23.05 23.05
C GLU C 42 21.47 -23.81 22.68
N GLU C 43 21.32 -25.06 22.27
CA GLU C 43 22.46 -25.87 21.87
C GLU C 43 22.94 -25.49 20.47
N ILE C 44 21.99 -25.17 19.59
CA ILE C 44 22.30 -24.86 18.20
C ILE C 44 23.20 -23.62 18.08
N VAL C 45 23.03 -22.67 19.00
CA VAL C 45 23.77 -21.42 18.95
C VAL C 45 25.15 -21.49 19.63
N LYS C 46 25.42 -22.60 20.31
CA LYS C 46 26.69 -22.78 21.02
C LYS C 46 27.92 -22.77 20.09
N ASN C 47 29.05 -22.31 20.62
CA ASN C 47 30.35 -22.35 19.94
C ASN C 47 30.47 -21.42 18.72
N ARG C 48 29.57 -20.46 18.64
CA ARG C 48 29.60 -19.49 17.55
C ARG C 48 30.13 -18.14 18.04
N ASP C 49 30.44 -17.27 17.09
CA ASP C 49 30.79 -15.88 17.40
C ASP C 49 29.59 -15.24 18.10
N PRO C 50 29.83 -14.49 19.18
CA PRO C 50 28.72 -13.85 19.89
C PRO C 50 27.88 -12.96 18.97
N ARG C 51 28.48 -12.45 17.90
CA ARG C 51 27.75 -11.58 16.98
C ARG C 51 26.70 -12.32 16.14
N ASP C 52 26.84 -13.64 16.03
CA ASP C 52 25.96 -14.43 15.17
C ASP C 52 24.66 -14.82 15.86
N ALA C 53 24.65 -14.79 17.19
CA ALA C 53 23.57 -15.41 17.97
C ALA C 53 22.18 -14.89 17.61
N TRP C 54 22.05 -13.58 17.45
CA TRP C 54 20.72 -12.99 17.32
C TRP C 54 19.96 -13.47 16.08
N MET C 55 20.69 -13.71 14.98
CA MET C 55 20.04 -14.17 13.77
C MET C 55 19.52 -15.60 13.92
N ILE C 56 20.21 -16.38 14.73
CA ILE C 56 19.79 -17.74 15.01
C ILE C 56 18.64 -17.82 16.03
N VAL C 57 18.83 -17.20 17.19
CA VAL C 57 17.82 -17.29 18.24
C VAL C 57 16.55 -16.47 17.99
N GLN C 58 16.58 -15.54 17.03
CA GLN C 58 15.33 -14.89 16.65
C GLN C 58 14.32 -15.95 16.18
N ARG C 59 14.84 -17.05 15.65
CA ARG C 59 14.00 -18.13 15.16
C ARG C 59 13.41 -19.01 16.25
N ILE C 60 13.64 -18.67 17.51
CA ILE C 60 12.86 -19.28 18.58
C ILE C 60 11.38 -19.05 18.28
N CYS C 61 11.04 -17.89 17.73
CA CYS C 61 9.64 -17.62 17.45
C CYS C 61 9.39 -16.54 16.42
N GLY C 62 8.45 -16.82 15.51
CA GLY C 62 8.04 -15.87 14.50
C GLY C 62 6.77 -15.10 14.81
N VAL C 63 6.02 -15.55 15.82
CA VAL C 63 4.90 -14.74 16.31
C VAL C 63 5.46 -13.52 17.05
N CYS C 64 6.26 -13.77 18.06
CA CYS C 64 6.96 -12.67 18.72
C CYS C 64 8.32 -12.45 18.07
N THR C 65 8.30 -12.34 16.76
CA THR C 65 9.49 -11.95 16.04
C THR C 65 9.99 -10.60 16.59
N THR C 66 11.25 -10.28 16.31
CA THR C 66 11.99 -9.14 16.92
C THR C 66 12.47 -9.33 18.36
N THR C 67 11.66 -9.99 19.19
CA THR C 67 11.94 -9.99 20.63
C THR C 67 13.23 -10.71 21.00
N HIS C 68 13.39 -11.93 20.51
CA HIS C 68 14.60 -12.72 20.80
C HIS C 68 15.81 -12.12 20.14
N ALA C 69 15.61 -11.47 18.98
CA ALA C 69 16.71 -10.80 18.30
C ALA C 69 17.27 -9.67 19.17
N ILE C 70 16.40 -8.80 19.67
CA ILE C 70 16.85 -7.68 20.49
C ILE C 70 17.39 -8.14 21.84
N SER C 71 16.73 -9.10 22.48
CA SER C 71 17.25 -9.67 23.72
C SER C 71 18.65 -10.27 23.55
N SER C 72 18.89 -10.91 22.41
CA SER C 72 20.18 -11.54 22.16
C SER C 72 21.30 -10.51 21.99
N VAL C 73 21.06 -9.46 21.20
CA VAL C 73 22.11 -8.45 21.09
C VAL C 73 22.33 -7.74 22.41
N ARG C 74 21.27 -7.55 23.19
CA ARG C 74 21.40 -6.95 24.51
C ARG C 74 22.25 -7.82 25.43
N ALA C 75 22.12 -9.13 25.30
CA ALA C 75 22.93 -10.05 26.11
C ALA C 75 24.41 -9.96 25.78
N ALA C 76 24.73 -9.91 24.48
CA ALA C 76 26.13 -9.80 24.07
C ALA C 76 26.69 -8.43 24.46
N GLU C 77 25.88 -7.39 24.31
CA GLU C 77 26.29 -6.04 24.71
C GLU C 77 26.55 -5.96 26.22
N SER C 78 25.73 -6.67 26.99
CA SER C 78 25.93 -6.79 28.43
C SER C 78 27.27 -7.48 28.76
N ALA C 79 27.55 -8.58 28.07
CA ALA C 79 28.79 -9.32 28.31
C ALA C 79 30.03 -8.49 27.98
N LEU C 80 29.90 -7.65 26.95
CA LEU C 80 31.05 -6.91 26.43
C LEU C 80 31.09 -5.45 26.92
N ASN C 81 30.14 -5.09 27.78
CA ASN C 81 30.07 -3.74 28.34
C ASN C 81 29.93 -2.65 27.28
N ILE C 82 29.05 -2.89 26.33
CA ILE C 82 28.81 -1.94 25.24
C ILE C 82 27.68 -0.97 25.57
N ASP C 83 27.93 0.32 25.36
CA ASP C 83 26.87 1.32 25.38
C ASP C 83 26.31 1.48 23.97
N VAL C 84 25.04 1.14 23.80
CA VAL C 84 24.38 1.24 22.50
C VAL C 84 24.12 2.70 22.12
N PRO C 85 24.49 3.10 20.89
CA PRO C 85 24.20 4.48 20.45
C PRO C 85 22.72 4.81 20.56
N VAL C 86 22.40 6.02 21.00
CA VAL C 86 21.01 6.36 21.24
C VAL C 86 20.11 6.21 19.99
N ASN C 87 20.63 6.52 18.80
CA ASN C 87 19.85 6.31 17.58
C ASN C 87 19.46 4.84 17.37
N ALA C 88 20.35 3.94 17.75
CA ALA C 88 20.05 2.51 17.67
C ALA C 88 18.96 2.15 18.67
N GLN C 89 18.98 2.80 19.84
CA GLN C 89 17.90 2.59 20.80
C GLN C 89 16.55 3.05 20.24
N TYR C 90 16.52 4.22 19.61
CA TYR C 90 15.27 4.72 19.07
C TYR C 90 14.68 3.75 18.05
N ILE C 91 15.55 3.24 17.18
CA ILE C 91 15.14 2.31 16.14
C ILE C 91 14.67 0.97 16.72
N ARG C 92 15.43 0.41 17.66
CA ARG C 92 15.01 -0.81 18.35
C ARG C 92 13.66 -0.59 19.05
N ASN C 93 13.49 0.57 19.68
CA ASN C 93 12.25 0.87 20.40
C ASN C 93 11.03 0.96 19.48
N ILE C 94 11.20 1.64 18.35
CA ILE C 94 10.11 1.76 17.38
C ILE C 94 9.73 0.37 16.86
N ILE C 95 10.71 -0.44 16.52
CA ILE C 95 10.46 -1.80 16.06
C ILE C 95 9.70 -2.62 17.11
N LEU C 96 10.17 -2.60 18.35
CA LEU C 96 9.52 -3.38 19.40
C LEU C 96 8.08 -2.89 19.67
N ALA C 97 7.89 -1.57 19.68
CA ALA C 97 6.56 -1.04 19.99
C ALA C 97 5.58 -1.33 18.86
N ALA C 98 6.05 -1.19 17.61
CA ALA C 98 5.18 -1.48 16.47
C ALA C 98 4.86 -2.96 16.39
N HIS C 99 5.87 -3.81 16.59
CA HIS C 99 5.62 -5.24 16.60
C HIS C 99 4.59 -5.62 17.65
N THR C 100 4.78 -5.11 18.86
CA THR C 100 3.89 -5.46 19.97
C THR C 100 2.46 -5.02 19.71
N THR C 101 2.30 -3.91 18.98
CA THR C 101 0.97 -3.46 18.59
C THR C 101 0.31 -4.50 17.67
N HIS C 102 1.03 -4.95 16.65
CA HIS C 102 0.54 -6.01 15.77
C HIS C 102 0.21 -7.23 16.61
N ASP C 103 1.11 -7.56 17.54
CA ASP C 103 1.01 -8.81 18.30
C ASP C 103 -0.26 -8.81 19.18
N HIS C 104 -0.45 -7.75 19.95
CA HIS C 104 -1.61 -7.67 20.84
C HIS C 104 -2.94 -7.66 20.07
N ILE C 105 -2.99 -6.91 18.98
CA ILE C 105 -4.21 -6.85 18.17
C ILE C 105 -4.57 -8.24 17.64
N VAL C 106 -3.59 -8.93 17.07
CA VAL C 106 -3.83 -10.28 16.55
C VAL C 106 -4.25 -11.22 17.69
N HIS C 107 -3.62 -11.07 18.86
CA HIS C 107 -4.02 -11.94 19.96
C HIS C 107 -5.47 -11.74 20.38
N PHE C 108 -5.89 -10.49 20.53
CA PHE C 108 -7.25 -10.23 21.00
C PHE C 108 -8.29 -10.73 19.99
N TYR C 109 -8.06 -10.46 18.71
CA TYR C 109 -9.04 -10.80 17.68
C TYR C 109 -8.85 -12.19 17.10
N GLN C 110 -7.76 -12.38 16.36
CA GLN C 110 -7.55 -13.64 15.64
C GLN C 110 -7.35 -14.86 16.53
N LEU C 111 -6.66 -14.67 17.65
CA LEU C 111 -6.40 -15.80 18.53
C LEU C 111 -7.45 -16.02 19.60
N SER C 112 -8.01 -14.94 20.13
CA SER C 112 -8.84 -15.04 21.33
C SER C 112 -10.33 -14.83 21.14
N ALA C 113 -10.72 -13.93 20.24
CA ALA C 113 -12.12 -13.49 20.18
C ALA C 113 -13.12 -14.64 20.04
N LEU C 114 -12.76 -15.67 19.29
CA LEU C 114 -13.69 -16.76 19.03
C LEU C 114 -13.91 -17.68 20.24
N ASP C 115 -13.24 -17.40 21.36
CA ASP C 115 -13.58 -18.01 22.65
C ASP C 115 -14.84 -17.38 23.22
N TRP C 116 -15.11 -16.14 22.83
CA TRP C 116 -16.13 -15.33 23.49
C TRP C 116 -17.24 -14.98 22.53
N VAL C 117 -16.96 -15.17 21.24
CA VAL C 117 -17.83 -14.72 20.16
C VAL C 117 -18.36 -15.92 19.39
N ASP C 118 -19.67 -15.92 19.13
CA ASP C 118 -20.31 -17.01 18.42
C ASP C 118 -20.72 -16.50 17.04
N ILE C 119 -20.02 -16.95 16.00
CA ILE C 119 -20.29 -16.47 14.64
C ILE C 119 -21.67 -16.86 14.12
N THR C 120 -22.23 -17.98 14.59
CA THR C 120 -23.56 -18.38 14.12
C THR C 120 -24.64 -17.48 14.71
N SER C 121 -24.39 -16.97 15.91
CA SER C 121 -25.30 -16.01 16.53
C SER C 121 -25.27 -14.68 15.78
N ALA C 122 -24.12 -14.34 15.23
CA ALA C 122 -23.99 -13.11 14.45
C ALA C 122 -24.95 -13.11 13.25
N LEU C 123 -25.27 -14.31 12.75
CA LEU C 123 -26.17 -14.45 11.62
C LEU C 123 -27.58 -13.97 11.94
N LYS C 124 -27.92 -13.94 13.23
CA LYS C 124 -29.26 -13.58 13.68
C LYS C 124 -29.41 -12.10 14.00
N ALA C 125 -28.29 -11.36 13.93
CA ALA C 125 -28.26 -9.98 14.37
C ALA C 125 -29.02 -9.04 13.44
N ASP C 126 -29.55 -7.98 14.03
CA ASP C 126 -30.06 -6.84 13.28
C ASP C 126 -28.93 -5.83 13.20
N PRO C 127 -28.35 -5.65 12.00
CA PRO C 127 -27.19 -4.76 11.86
C PRO C 127 -27.48 -3.31 12.28
N ALA C 128 -28.71 -2.84 12.07
CA ALA C 128 -29.08 -1.50 12.53
C ALA C 128 -29.03 -1.43 14.05
N LYS C 129 -29.52 -2.47 14.72
CA LYS C 129 -29.50 -2.50 16.19
C LYS C 129 -28.07 -2.52 16.71
N ALA C 130 -27.23 -3.34 16.07
CA ALA C 130 -25.82 -3.43 16.44
C ALA C 130 -25.14 -2.08 16.35
N SER C 131 -25.35 -1.39 15.23
CA SER C 131 -24.78 -0.06 15.07
C SER C 131 -25.25 0.90 16.16
N ALA C 132 -26.55 0.92 16.42
CA ALA C 132 -27.12 1.83 17.41
C ALA C 132 -26.54 1.61 18.81
N MET C 133 -26.22 0.36 19.11
CA MET C 133 -25.67 0.01 20.42
C MET C 133 -24.39 0.78 20.74
N LEU C 134 -23.63 1.10 19.70
CA LEU C 134 -22.32 1.74 19.90
C LEU C 134 -22.41 3.26 19.89
N ASN C 135 -23.61 3.78 19.66
N ASN C 135 -23.61 3.80 19.66
CA ASN C 135 -23.84 5.23 19.72
CA ASN C 135 -23.78 5.25 19.67
C ASN C 135 -23.41 5.79 21.07
C ASN C 135 -23.46 5.86 21.03
N GLY C 136 -22.46 6.72 21.06
CA GLY C 136 -21.99 7.32 22.29
C GLY C 136 -21.04 6.44 23.08
N VAL C 137 -20.73 5.27 22.54
CA VAL C 137 -19.80 4.34 23.17
C VAL C 137 -18.43 4.39 22.50
N SER C 138 -18.43 4.56 21.18
CA SER C 138 -17.18 4.71 20.43
C SER C 138 -17.34 5.73 19.31
N THR C 139 -16.23 6.39 18.97
CA THR C 139 -16.21 7.34 17.86
C THR C 139 -15.67 6.72 16.57
N TRP C 140 -15.42 5.42 16.59
CA TRP C 140 -14.90 4.69 15.42
C TRP C 140 -15.82 4.88 14.23
N HIS C 141 -15.21 5.07 13.06
CA HIS C 141 -15.94 5.44 11.86
C HIS C 141 -16.42 4.25 11.04
N LEU C 142 -16.10 3.04 11.49
CA LEU C 142 -16.52 1.84 10.77
C LEU C 142 -17.48 0.96 11.56
N ASN C 143 -18.46 1.59 12.22
CA ASN C 143 -19.47 0.86 12.97
C ASN C 143 -20.87 1.05 12.41
N SER C 144 -20.97 1.44 11.13
CA SER C 144 -22.28 1.66 10.51
C SER C 144 -23.05 0.35 10.32
N ALA C 145 -24.38 0.46 10.25
CA ALA C 145 -25.20 -0.69 9.92
C ALA C 145 -24.81 -1.28 8.57
N GLU C 146 -24.40 -0.41 7.65
CA GLU C 146 -23.99 -0.86 6.33
C GLU C 146 -22.71 -1.70 6.38
N GLU C 147 -21.75 -1.29 7.19
CA GLU C 147 -20.54 -2.09 7.40
C GLU C 147 -20.88 -3.44 8.02
N PHE C 148 -21.74 -3.43 9.03
CA PHE C 148 -22.12 -4.66 9.71
C PHE C 148 -22.92 -5.60 8.80
N THR C 149 -23.68 -5.02 7.88
CA THR C 149 -24.42 -5.80 6.89
C THR C 149 -23.45 -6.52 5.94
N LYS C 150 -22.44 -5.81 5.46
CA LYS C 150 -21.42 -6.40 4.60
C LYS C 150 -20.73 -7.56 5.30
N VAL C 151 -20.40 -7.38 6.58
CA VAL C 151 -19.74 -8.41 7.37
C VAL C 151 -20.68 -9.60 7.56
N GLN C 152 -21.92 -9.32 7.90
CA GLN C 152 -22.91 -10.36 8.11
C GLN C 152 -23.11 -11.20 6.84
N ASN C 153 -23.08 -10.55 5.69
CA ASN C 153 -23.22 -11.25 4.42
C ASN C 153 -22.01 -12.15 4.10
N LYS C 154 -20.83 -11.72 4.53
CA LYS C 154 -19.64 -12.56 4.40
C LYS C 154 -19.79 -13.83 5.23
N ILE C 155 -20.33 -13.70 6.44
CA ILE C 155 -20.54 -14.87 7.30
C ILE C 155 -21.59 -15.78 6.68
N LYS C 156 -22.67 -15.18 6.18
CA LYS C 156 -23.75 -15.93 5.52
C LYS C 156 -23.24 -16.74 4.34
N ASP C 157 -22.40 -16.10 3.52
CA ASP C 157 -21.84 -16.76 2.34
C ASP C 157 -20.93 -17.91 2.73
N LEU C 158 -20.14 -17.71 3.78
CA LEU C 158 -19.24 -18.74 4.28
C LEU C 158 -20.01 -19.96 4.75
N VAL C 159 -21.03 -19.72 5.57
CA VAL C 159 -21.85 -20.81 6.09
C VAL C 159 -22.62 -21.51 4.98
N ALA C 160 -23.20 -20.73 4.07
CA ALA C 160 -23.99 -21.29 2.98
C ALA C 160 -23.15 -22.15 2.03
N SER C 161 -21.85 -21.86 1.96
CA SER C 161 -20.95 -22.60 1.07
C SER C 161 -20.74 -24.03 1.54
N GLY C 162 -20.96 -24.26 2.83
CA GLY C 162 -20.77 -25.58 3.41
C GLY C 162 -19.31 -25.88 3.74
N GLN C 163 -18.43 -24.92 3.49
CA GLN C 163 -17.02 -25.06 3.84
C GLN C 163 -16.62 -24.02 4.87
N LEU C 164 -16.85 -24.31 6.14
CA LEU C 164 -16.56 -23.34 7.19
C LEU C 164 -15.06 -23.23 7.46
N GLY C 165 -14.30 -24.26 7.06
CA GLY C 165 -12.85 -24.23 7.18
C GLY C 165 -12.37 -24.03 8.60
N ILE C 166 -11.57 -22.99 8.83
CA ILE C 166 -11.04 -22.73 10.16
C ILE C 166 -12.14 -22.33 11.16
N PHE C 167 -13.34 -22.08 10.66
CA PHE C 167 -14.46 -21.73 11.52
C PHE C 167 -15.38 -22.93 11.77
N ALA C 168 -15.00 -24.08 11.23
CA ALA C 168 -15.83 -25.28 11.37
C ALA C 168 -15.72 -25.88 12.78
N ASN C 169 -16.84 -26.35 13.30
CA ASN C 169 -16.85 -27.14 14.53
C ASN C 169 -16.36 -26.35 15.75
N GLY C 170 -16.49 -25.02 15.68
CA GLY C 170 -16.17 -24.17 16.81
C GLY C 170 -17.25 -24.30 17.86
N CYS C 171 -17.12 -23.56 18.96
CA CYS C 171 -18.08 -23.70 20.05
C CYS C 171 -19.37 -22.93 19.82
N TRP C 172 -19.90 -23.03 18.61
CA TRP C 172 -21.12 -22.33 18.27
C TRP C 172 -22.28 -22.94 19.06
N GLY C 173 -23.05 -22.08 19.73
CA GLY C 173 -24.17 -22.52 20.52
C GLY C 173 -23.80 -23.02 21.92
N HIS C 174 -22.53 -22.94 22.28
CA HIS C 174 -22.06 -23.38 23.59
C HIS C 174 -22.71 -22.53 24.68
N PRO C 175 -23.13 -23.14 25.79
CA PRO C 175 -23.80 -22.45 26.89
C PRO C 175 -23.04 -21.25 27.46
N ALA C 176 -21.71 -21.30 27.36
CA ALA C 176 -20.88 -20.23 27.92
C ALA C 176 -20.75 -19.02 26.98
N MET C 177 -21.27 -19.13 25.77
CA MET C 177 -21.32 -17.98 24.86
C MET C 177 -22.44 -17.05 25.31
N GLN C 178 -22.08 -15.83 25.71
CA GLN C 178 -23.02 -14.96 26.41
C GLN C 178 -23.36 -13.65 25.69
N LEU C 179 -22.75 -13.40 24.53
CA LEU C 179 -23.05 -12.19 23.79
C LEU C 179 -24.38 -12.30 23.05
N PRO C 180 -25.15 -11.20 23.01
CA PRO C 180 -26.32 -11.12 22.12
C PRO C 180 -25.86 -11.15 20.68
N PRO C 181 -26.73 -11.56 19.75
CA PRO C 181 -26.38 -11.61 18.32
C PRO C 181 -25.73 -10.33 17.81
N GLU C 182 -26.26 -9.18 18.21
CA GLU C 182 -25.74 -7.90 17.75
C GLU C 182 -24.28 -7.70 18.17
N VAL C 183 -23.93 -8.15 19.38
CA VAL C 183 -22.56 -7.96 19.84
C VAL C 183 -21.61 -8.96 19.18
N ASN C 184 -22.11 -10.16 18.89
CA ASN C 184 -21.32 -11.11 18.11
C ASN C 184 -20.97 -10.52 16.73
N LEU C 185 -21.95 -9.88 16.11
CA LEU C 185 -21.72 -9.29 14.78
C LEU C 185 -20.71 -8.15 14.84
N ILE C 186 -20.84 -7.30 15.85
CA ILE C 186 -19.88 -6.21 16.07
C ILE C 186 -18.46 -6.77 16.17
N ALA C 187 -18.32 -7.83 16.96
CA ALA C 187 -17.01 -8.43 17.18
C ALA C 187 -16.40 -9.01 15.90
N VAL C 188 -17.23 -9.64 15.05
CA VAL C 188 -16.71 -10.22 13.82
C VAL C 188 -16.28 -9.11 12.86
N ALA C 189 -17.05 -8.02 12.84
CA ALA C 189 -16.68 -6.87 12.02
C ALA C 189 -15.32 -6.33 12.46
N HIS C 190 -15.11 -6.22 13.77
CA HIS C 190 -13.86 -5.71 14.30
C HIS C 190 -12.70 -6.68 14.09
N TYR C 191 -13.00 -7.98 14.13
CA TYR C 191 -12.02 -9.02 13.83
C TYR C 191 -11.42 -8.80 12.44
N LEU C 192 -12.28 -8.52 11.46
CA LEU C 192 -11.82 -8.30 10.09
C LEU C 192 -11.08 -6.97 9.95
N GLN C 193 -11.57 -5.94 10.63
CA GLN C 193 -10.92 -4.63 10.58
C GLN C 193 -9.55 -4.67 11.24
N ALA C 194 -9.41 -5.53 12.25
CA ALA C 194 -8.13 -5.68 12.95
C ALA C 194 -7.03 -6.12 12.01
N LEU C 195 -7.38 -6.90 10.99
CA LEU C 195 -6.37 -7.40 10.07
C LEU C 195 -5.67 -6.28 9.32
N GLU C 196 -6.41 -5.22 9.01
CA GLU C 196 -5.79 -4.07 8.34
C GLU C 196 -4.89 -3.29 9.28
N CYS C 197 -5.32 -3.09 10.52
CA CYS C 197 -4.51 -2.34 11.46
C CYS C 197 -3.19 -3.04 11.75
N GLN C 198 -3.23 -4.35 11.99
CA GLN C 198 -1.99 -5.07 12.29
C GLN C 198 -1.03 -5.07 11.10
N ARG C 199 -1.58 -5.04 9.88
CA ARG C 199 -0.74 -4.93 8.69
C ARG C 199 0.00 -3.59 8.65
N ASP C 200 -0.68 -2.52 9.04
CA ASP C 200 -0.02 -1.22 9.11
C ASP C 200 1.10 -1.19 10.16
N ALA C 201 0.87 -1.85 11.29
CA ALA C 201 1.89 -1.90 12.35
C ALA C 201 3.12 -2.60 11.83
N ASN C 202 2.91 -3.67 11.06
CA ASN C 202 4.04 -4.41 10.54
C ASN C 202 4.76 -3.72 9.39
N ARG C 203 4.11 -2.77 8.74
CA ARG C 203 4.78 -1.95 7.74
C ARG C 203 5.82 -1.03 8.40
N VAL C 204 5.54 -0.58 9.62
CA VAL C 204 6.53 0.16 10.41
C VAL C 204 7.73 -0.75 10.68
N VAL C 205 7.45 -1.94 11.17
CA VAL C 205 8.50 -2.91 11.47
C VAL C 205 9.35 -3.22 10.25
N ALA C 206 8.69 -3.44 9.11
CA ALA C 206 9.40 -3.78 7.87
C ALA C 206 10.33 -2.66 7.41
N LEU C 207 9.87 -1.42 7.49
CA LEU C 207 10.68 -0.31 6.98
C LEU C 207 11.99 -0.10 7.77
N LEU C 208 12.00 -0.52 9.02
CA LEU C 208 13.22 -0.44 9.80
C LEU C 208 13.95 -1.78 9.88
N GLY C 209 13.19 -2.86 9.86
CA GLY C 209 13.75 -4.19 10.04
C GLY C 209 14.31 -4.84 8.79
N GLY C 210 13.79 -4.44 7.63
CA GLY C 210 14.20 -5.02 6.36
C GLY C 210 13.24 -6.07 5.87
N LYS C 211 12.31 -6.46 6.75
CA LYS C 211 11.22 -7.41 6.50
C LYS C 211 10.62 -7.80 7.85
N THR C 212 9.49 -8.48 7.80
CA THR C 212 8.93 -9.16 8.98
C THR C 212 7.94 -10.18 8.42
N PRO C 213 7.91 -11.40 8.98
CA PRO C 213 8.64 -11.85 10.17
C PRO C 213 10.16 -11.93 10.02
N HIS C 214 10.81 -11.81 11.17
CA HIS C 214 12.27 -11.91 11.34
C HIS C 214 13.03 -10.73 10.76
N ILE C 215 13.20 -9.72 11.60
CA ILE C 215 13.91 -8.52 11.19
C ILE C 215 15.37 -8.84 10.96
N GLN C 216 16.07 -7.94 10.26
CA GLN C 216 17.44 -8.21 9.90
C GLN C 216 18.23 -6.91 9.94
N ASN C 217 17.99 -6.05 10.93
CA ASN C 217 18.70 -4.77 10.98
C ASN C 217 19.50 -4.58 12.27
N LEU C 218 19.64 -5.63 13.05
CA LEU C 218 20.32 -5.49 14.33
C LEU C 218 21.82 -5.77 14.22
N ALA C 219 22.55 -5.44 15.28
CA ALA C 219 23.94 -5.81 15.43
C ALA C 219 24.30 -5.71 16.91
N VAL C 220 25.21 -6.57 17.36
CA VAL C 220 25.83 -6.35 18.64
C VAL C 220 26.61 -5.06 18.49
N GLY C 221 26.14 -4.01 19.16
CA GLY C 221 26.74 -2.69 18.99
C GLY C 221 25.79 -1.66 18.42
N GLY C 222 24.61 -2.08 17.96
CA GLY C 222 23.63 -1.12 17.51
C GLY C 222 22.67 -1.65 16.46
N VAL C 223 22.58 -0.95 15.33
CA VAL C 223 21.73 -1.36 14.23
C VAL C 223 22.46 -1.20 12.91
N ALA C 224 21.89 -1.81 11.88
CA ALA C 224 22.47 -1.80 10.54
C ALA C 224 21.84 -0.75 9.63
N ASN C 225 20.87 -0.01 10.14
CA ASN C 225 20.29 1.09 9.35
C ASN C 225 21.30 2.21 9.18
N PRO C 226 21.57 2.64 7.93
CA PRO C 226 22.50 3.75 7.74
C PRO C 226 21.73 5.06 7.70
N ILE C 227 21.93 5.91 8.69
CA ILE C 227 21.24 7.19 8.75
C ILE C 227 21.98 8.24 7.94
N ASN C 228 21.32 8.72 6.89
CA ASN C 228 21.89 9.77 6.06
C ASN C 228 20.75 10.46 5.32
N LEU C 229 20.39 11.66 5.78
CA LEU C 229 19.29 12.40 5.18
C LEU C 229 19.52 12.69 3.72
N ASP C 230 20.78 12.75 3.34
CA ASP C 230 21.12 13.13 1.98
C ASP C 230 21.58 11.96 1.12
N GLY C 231 21.38 10.75 1.64
CA GLY C 231 21.84 9.57 0.95
C GLY C 231 20.77 8.90 0.11
N LEU C 232 21.19 8.35 -1.02
CA LEU C 232 20.32 7.57 -1.88
C LEU C 232 20.43 6.11 -1.46
N GLY C 233 19.30 5.45 -1.26
CA GLY C 233 19.29 4.03 -0.95
C GLY C 233 19.51 3.68 0.52
N VAL C 234 19.45 4.69 1.39
CA VAL C 234 19.67 4.48 2.82
C VAL C 234 18.52 5.08 3.61
N LEU C 235 18.67 5.15 4.93
CA LEU C 235 17.61 5.68 5.79
C LEU C 235 17.66 7.21 5.75
N ASN C 236 16.89 7.77 4.83
CA ASN C 236 16.87 9.22 4.60
C ASN C 236 15.53 9.80 5.04
N LEU C 237 15.29 11.06 4.73
CA LEU C 237 14.08 11.70 5.23
C LEU C 237 12.84 11.12 4.56
N GLU C 238 12.95 10.73 3.29
CA GLU C 238 11.80 10.16 2.60
C GLU C 238 11.39 8.84 3.27
N ARG C 239 12.37 8.01 3.61
CA ARG C 239 12.09 6.75 4.29
C ARG C 239 11.47 6.97 5.66
N LEU C 240 12.01 7.95 6.40
CA LEU C 240 11.47 8.28 7.72
C LEU C 240 10.01 8.77 7.63
N MET C 241 9.72 9.58 6.63
CA MET C 241 8.34 10.03 6.40
C MET C 241 7.42 8.86 6.11
N TYR C 242 7.92 7.85 5.40
CA TYR C 242 7.12 6.67 5.07
C TYR C 242 6.79 5.95 6.38
N ILE C 243 7.80 5.77 7.22
CA ILE C 243 7.62 5.12 8.53
C ILE C 243 6.56 5.87 9.34
N LYS C 244 6.67 7.19 9.39
CA LYS C 244 5.71 8.01 10.13
C LYS C 244 4.29 7.86 9.59
N SER C 245 4.14 7.72 8.28
CA SER C 245 2.81 7.60 7.69
C SER C 245 2.07 6.35 8.21
N PHE C 246 2.82 5.29 8.54
CA PHE C 246 2.18 4.09 9.07
C PHE C 246 1.97 4.16 10.58
N ILE C 247 2.94 4.74 11.29
CA ILE C 247 2.76 4.99 12.72
C ILE C 247 1.46 5.76 12.97
N ASP C 248 1.18 6.75 12.14
CA ASP C 248 -0.02 7.58 12.31
C ASP C 248 -1.33 6.84 12.08
N LYS C 249 -1.29 5.65 11.48
CA LYS C 249 -2.50 4.92 11.13
C LYS C 249 -2.99 3.96 12.21
N LEU C 250 -2.24 3.81 13.29
CA LEU C 250 -2.52 2.77 14.27
C LEU C 250 -3.44 3.19 15.41
N SER C 251 -3.30 4.44 15.87
CA SER C 251 -3.95 4.85 17.12
C SER C 251 -5.47 4.81 17.12
N ASP C 252 -6.11 5.18 16.03
CA ASP C 252 -7.57 5.22 16.02
C ASP C 252 -8.19 3.85 16.30
N PHE C 253 -7.70 2.82 15.62
CA PHE C 253 -8.22 1.48 15.85
C PHE C 253 -7.95 1.01 17.27
N VAL C 254 -6.75 1.25 17.76
CA VAL C 254 -6.40 0.81 19.10
C VAL C 254 -7.31 1.46 20.14
N GLU C 255 -7.53 2.76 20.01
CA GLU C 255 -8.29 3.52 21.01
C GLU C 255 -9.80 3.37 20.87
N GLN C 256 -10.28 3.32 19.64
CA GLN C 256 -11.71 3.39 19.37
C GLN C 256 -12.37 2.04 19.12
N VAL C 257 -11.57 1.00 18.92
CA VAL C 257 -12.11 -0.34 18.67
C VAL C 257 -11.62 -1.33 19.73
N TYR C 258 -10.31 -1.57 19.76
CA TYR C 258 -9.70 -2.56 20.66
C TYR C 258 -9.98 -2.22 22.13
N LYS C 259 -9.69 -0.99 22.52
CA LYS C 259 -9.91 -0.54 23.89
C LYS C 259 -11.38 -0.70 24.28
N VAL C 260 -12.26 -0.35 23.35
CA VAL C 260 -13.69 -0.41 23.59
C VAL C 260 -14.18 -1.85 23.69
N ASP C 261 -13.73 -2.72 22.78
CA ASP C 261 -14.18 -4.11 22.78
C ASP C 261 -13.76 -4.83 24.05
N THR C 262 -12.63 -4.43 24.59
CA THR C 262 -12.14 -5.02 25.84
C THR C 262 -13.16 -4.80 26.96
N ALA C 263 -13.66 -3.57 27.07
CA ALA C 263 -14.67 -3.25 28.08
C ALA C 263 -16.01 -3.91 27.79
N VAL C 264 -16.37 -4.02 26.52
CA VAL C 264 -17.63 -4.68 26.15
C VAL C 264 -17.65 -6.16 26.51
N ILE C 265 -16.55 -6.86 26.21
CA ILE C 265 -16.42 -8.26 26.60
C ILE C 265 -16.55 -8.39 28.11
N ALA C 266 -15.83 -7.54 28.84
CA ALA C 266 -15.90 -7.54 30.30
C ALA C 266 -17.34 -7.36 30.78
N ALA C 267 -18.09 -6.50 30.10
CA ALA C 267 -19.46 -6.20 30.50
C ALA C 267 -20.40 -7.41 30.41
N PHE C 268 -20.18 -8.27 29.42
CA PHE C 268 -21.05 -9.41 29.22
C PHE C 268 -20.53 -10.69 29.89
N TYR C 269 -19.31 -10.61 30.40
CA TYR C 269 -18.69 -11.76 31.05
C TYR C 269 -18.10 -11.41 32.42
N PRO C 270 -18.90 -10.79 33.29
CA PRO C 270 -18.34 -10.23 34.54
C PRO C 270 -17.75 -11.27 35.49
N GLU C 271 -18.23 -12.51 35.46
CA GLU C 271 -17.68 -13.55 36.33
C GLU C 271 -16.24 -13.92 35.97
N TRP C 272 -15.79 -13.50 34.79
CA TRP C 272 -14.42 -13.77 34.37
C TRP C 272 -13.43 -12.76 34.93
N LEU C 273 -13.95 -11.82 35.72
CA LEU C 273 -13.12 -10.97 36.56
C LEU C 273 -12.93 -11.64 37.92
N GLU C 274 -13.59 -12.77 38.12
CA GLU C 274 -13.58 -13.45 39.41
C GLU C 274 -12.94 -14.84 39.37
N ARG C 275 -12.32 -15.20 38.26
CA ARG C 275 -11.58 -16.45 38.17
C ARG C 275 -10.35 -16.28 37.28
N GLY C 276 -9.44 -17.25 37.32
CA GLY C 276 -8.31 -17.25 36.40
C GLY C 276 -7.03 -16.63 36.93
N GLN C 277 -6.99 -16.36 38.24
CA GLN C 277 -5.76 -15.87 38.86
C GLN C 277 -4.66 -16.91 38.72
N GLY C 278 -3.48 -16.49 38.26
CA GLY C 278 -2.39 -17.41 38.02
C GLY C 278 -1.32 -17.42 39.09
N ALA C 279 -1.20 -16.32 39.82
CA ALA C 279 -0.15 -16.19 40.82
C ALA C 279 -0.44 -15.06 41.79
N VAL C 280 0.35 -14.99 42.85
CA VAL C 280 0.28 -13.87 43.77
C VAL C 280 1.52 -12.99 43.62
N ASN C 281 2.49 -13.46 42.84
CA ASN C 281 3.70 -12.69 42.59
C ASN C 281 3.81 -12.31 41.11
N TYR C 282 4.27 -11.10 40.84
CA TYR C 282 4.34 -10.60 39.46
C TYR C 282 5.69 -9.93 39.21
N LEU C 283 6.22 -10.11 38.01
CA LEU C 283 7.53 -9.58 37.67
C LEU C 283 7.53 -8.98 36.28
N SER C 284 8.13 -7.81 36.13
CA SER C 284 8.28 -7.19 34.82
C SER C 284 9.61 -6.45 34.72
N ALA C 285 10.15 -6.38 33.52
CA ALA C 285 11.37 -5.62 33.27
C ALA C 285 11.01 -4.24 32.73
N PRO C 286 11.86 -3.23 33.03
CA PRO C 286 11.64 -1.91 32.43
C PRO C 286 11.94 -2.02 30.94
N GLU C 287 11.41 -1.11 30.13
CA GLU C 287 11.59 -1.24 28.69
C GLU C 287 11.64 0.11 27.99
N PHE C 288 12.26 0.13 26.82
CA PHE C 288 12.41 1.31 25.96
C PHE C 288 13.44 2.31 26.52
N PRO C 289 14.73 1.92 26.48
CA PRO C 289 15.80 2.82 26.93
C PRO C 289 15.93 3.99 25.98
N THR C 290 16.22 5.16 26.53
CA THR C 290 16.25 6.39 25.72
C THR C 290 17.53 7.21 25.90
N ASP C 291 18.52 6.66 26.59
CA ASP C 291 19.80 7.34 26.67
C ASP C 291 20.89 6.57 25.94
N GLY C 292 22.12 7.05 26.02
CA GLY C 292 23.24 6.39 25.35
C GLY C 292 23.99 5.42 26.25
N LYS C 293 23.37 5.05 27.38
CA LYS C 293 24.01 4.16 28.34
C LYS C 293 23.08 3.01 28.74
N ASN C 294 22.25 2.59 27.78
CA ASN C 294 21.36 1.45 27.93
C ASN C 294 20.30 1.59 29.03
N GLY C 295 19.95 2.83 29.36
CA GLY C 295 18.98 3.08 30.42
C GLY C 295 17.96 4.18 30.10
N SER C 296 17.48 4.83 31.15
CA SER C 296 16.41 5.83 31.05
C SER C 296 15.19 5.28 30.32
N PHE C 297 14.59 4.25 30.91
CA PHE C 297 13.46 3.55 30.29
C PHE C 297 12.18 4.34 30.37
N LEU C 298 11.38 4.27 29.30
CA LEU C 298 10.07 4.91 29.30
C LEU C 298 9.10 4.17 30.22
N PHE C 299 9.20 2.84 30.26
CA PHE C 299 8.33 2.02 31.11
C PHE C 299 9.13 1.47 32.28
N PRO C 300 8.62 1.61 33.51
CA PRO C 300 9.30 0.98 34.64
C PRO C 300 8.96 -0.50 34.75
N GLY C 301 9.80 -1.24 35.47
CA GLY C 301 9.52 -2.63 35.79
C GLY C 301 9.47 -2.78 37.29
N GLY C 302 9.42 -4.02 37.76
CA GLY C 302 9.37 -4.27 39.19
C GLY C 302 8.89 -5.66 39.58
N TYR C 303 8.79 -5.86 40.89
CA TYR C 303 8.40 -7.13 41.47
C TYR C 303 7.34 -6.87 42.53
N ILE C 304 6.24 -7.62 42.46
CA ILE C 304 5.16 -7.49 43.43
C ILE C 304 4.90 -8.86 44.05
N THR C 305 4.75 -8.91 45.38
CA THR C 305 4.40 -10.16 46.04
C THR C 305 3.03 -10.13 46.72
N ASP C 306 2.51 -11.32 47.01
CA ASP C 306 1.27 -11.50 47.77
C ASP C 306 0.09 -10.70 47.23
N ALA C 307 0.05 -10.51 45.90
CA ALA C 307 -1.02 -9.77 45.25
C ALA C 307 -1.30 -8.42 45.91
N ASP C 308 -0.24 -7.75 46.35
CA ASP C 308 -0.35 -6.55 47.16
C ASP C 308 0.54 -5.47 46.55
N LEU C 309 -0.07 -4.43 45.98
CA LEU C 309 0.70 -3.43 45.26
C LEU C 309 1.63 -2.62 46.17
N SER C 310 1.37 -2.61 47.47
CA SER C 310 2.22 -1.88 48.40
C SER C 310 3.59 -2.54 48.61
N THR C 311 3.73 -3.77 48.14
CA THR C 311 5.01 -4.49 48.23
C THR C 311 5.92 -4.18 47.04
N TYR C 312 5.42 -3.40 46.10
CA TYR C 312 6.12 -3.10 44.85
C TYR C 312 7.58 -2.71 45.07
N ARG C 313 8.47 -3.46 44.44
CA ARG C 313 9.88 -3.12 44.43
C ARG C 313 10.26 -2.74 43.00
N PRO C 314 10.58 -1.46 42.76
CA PRO C 314 10.83 -1.03 41.38
C PRO C 314 12.11 -1.62 40.80
N ILE C 315 12.08 -1.89 39.50
CA ILE C 315 13.27 -2.27 38.76
C ILE C 315 13.37 -1.31 37.59
N THR C 316 14.47 -0.55 37.55
CA THR C 316 14.64 0.50 36.55
C THR C 316 15.97 0.39 35.82
N SER C 317 16.63 -0.77 35.96
CA SER C 317 17.91 -1.00 35.28
C SER C 317 17.95 -2.43 34.80
N HIS C 318 18.51 -2.64 33.60
CA HIS C 318 18.70 -3.99 33.10
C HIS C 318 19.93 -4.67 33.68
N SER C 319 20.67 -3.96 34.52
CA SER C 319 21.77 -4.61 35.25
C SER C 319 21.51 -4.67 36.75
N ASP C 320 20.25 -4.52 37.14
CA ASP C 320 19.85 -4.66 38.55
C ASP C 320 20.20 -6.07 39.06
N GLU C 321 21.11 -6.16 40.03
CA GLU C 321 21.51 -7.46 40.53
C GLU C 321 20.38 -8.19 41.26
N TYR C 322 19.43 -7.44 41.81
CA TYR C 322 18.26 -8.06 42.46
C TYR C 322 17.49 -8.93 41.47
N LEU C 323 17.32 -8.41 40.26
CA LEU C 323 16.63 -9.15 39.20
C LEU C 323 17.48 -10.31 38.71
N ILE C 324 18.73 -10.01 38.38
CA ILE C 324 19.63 -11.01 37.82
C ILE C 324 19.81 -12.21 38.73
N LYS C 325 20.00 -11.94 40.03
CA LYS C 325 20.35 -12.99 40.97
C LYS C 325 19.18 -13.86 41.42
N GLY C 326 17.95 -13.42 41.15
CA GLY C 326 16.79 -14.17 41.61
C GLY C 326 16.36 -15.32 40.71
N ILE C 327 16.85 -15.33 39.48
CA ILE C 327 16.29 -16.20 38.44
C ILE C 327 16.98 -17.57 38.39
N GLN C 328 16.18 -18.64 38.52
CA GLN C 328 16.63 -20.02 38.33
C GLN C 328 15.56 -20.79 37.57
N GLU C 329 15.93 -21.95 37.04
CA GLU C 329 14.98 -22.87 36.42
C GLU C 329 15.24 -24.27 36.90
N SER C 330 14.19 -25.08 37.00
N SER C 330 14.19 -25.09 37.01
CA SER C 330 14.33 -26.48 37.39
CA SER C 330 14.37 -26.48 37.40
C SER C 330 13.61 -27.39 36.42
C SER C 330 13.59 -27.41 36.48
N ALA C 331 14.16 -28.58 36.22
CA ALA C 331 13.53 -29.57 35.35
C ALA C 331 13.04 -30.79 36.14
N LYS C 332 12.68 -30.60 37.42
CA LYS C 332 12.09 -31.68 38.21
C LYS C 332 10.90 -32.33 37.49
N HIS C 333 10.11 -31.51 36.82
CA HIS C 333 8.92 -32.00 36.14
C HIS C 333 8.98 -31.78 34.63
N ALA C 334 10.18 -31.54 34.12
CA ALA C 334 10.41 -31.34 32.69
C ALA C 334 11.36 -32.40 32.15
N TRP C 335 11.32 -32.62 30.84
CA TRP C 335 12.07 -33.71 30.22
C TRP C 335 13.55 -33.36 29.99
N TYR C 336 14.24 -33.01 31.06
CA TYR C 336 15.69 -32.76 30.99
C TYR C 336 16.40 -33.54 32.08
N LYS C 337 17.69 -33.78 31.89
CA LYS C 337 18.46 -34.65 32.78
C LYS C 337 18.79 -34.01 34.14
N ASP C 338 19.22 -32.77 34.11
CA ASP C 338 19.67 -32.09 35.33
C ASP C 338 18.49 -31.38 36.01
N GLU C 339 18.15 -31.83 37.22
CA GLU C 339 16.89 -31.46 37.85
C GLU C 339 16.95 -30.42 38.97
N ALA C 340 18.13 -30.19 39.53
CA ALA C 340 18.24 -29.18 40.57
C ALA C 340 18.15 -27.80 39.92
N PRO C 341 17.60 -26.82 40.64
CA PRO C 341 17.51 -25.46 40.10
C PRO C 341 18.86 -24.94 39.62
N GLN C 342 18.86 -24.32 38.44
CA GLN C 342 20.04 -23.75 37.83
C GLN C 342 19.84 -22.28 37.48
N ALA C 343 20.82 -21.45 37.83
CA ALA C 343 20.85 -20.09 37.31
C ALA C 343 21.27 -20.20 35.84
N PRO C 344 20.73 -19.32 34.99
CA PRO C 344 20.92 -19.54 33.55
C PRO C 344 22.37 -19.50 33.06
N TRP C 345 23.26 -18.78 33.73
CA TRP C 345 24.65 -18.79 33.30
C TRP C 345 25.29 -20.18 33.52
N GLU C 346 24.69 -20.96 34.41
CA GLU C 346 25.13 -22.33 34.70
C GLU C 346 24.16 -23.36 34.14
N GLY C 347 23.24 -22.91 33.30
CA GLY C 347 22.19 -23.77 32.82
C GLY C 347 22.65 -24.83 31.84
N THR C 348 21.99 -25.98 31.89
CA THR C 348 22.16 -27.03 30.90
C THR C 348 20.80 -27.38 30.31
N THR C 349 20.81 -28.00 29.13
CA THR C 349 19.57 -28.39 28.47
C THR C 349 19.78 -29.76 27.83
N VAL C 350 19.79 -30.79 28.65
CA VAL C 350 20.09 -32.14 28.20
C VAL C 350 18.79 -32.94 28.16
N PRO C 351 18.34 -33.35 26.97
CA PRO C 351 17.03 -33.99 26.89
C PRO C 351 16.95 -35.34 27.61
N ASP C 352 15.80 -35.57 28.24
CA ASP C 352 15.54 -36.80 28.99
C ASP C 352 14.04 -37.07 28.89
N TYR C 353 13.60 -37.48 27.71
CA TYR C 353 12.19 -37.76 27.48
C TYR C 353 11.73 -39.07 28.11
N THR C 354 10.72 -38.98 28.97
CA THR C 354 10.23 -40.15 29.71
C THR C 354 8.73 -40.40 29.48
N GLY C 355 8.13 -39.62 28.58
CA GLY C 355 6.71 -39.68 28.35
C GLY C 355 5.95 -38.85 29.38
N TRP C 356 4.70 -38.54 29.09
CA TRP C 356 3.85 -37.74 29.98
C TRP C 356 3.35 -38.59 31.15
N SER C 357 3.54 -38.09 32.37
CA SER C 357 2.93 -38.68 33.56
C SER C 357 2.55 -37.57 34.54
N ASP C 358 1.49 -37.77 35.31
CA ASP C 358 0.93 -36.66 36.07
C ASP C 358 1.75 -36.27 37.31
N ASP C 359 2.59 -37.17 37.80
CA ASP C 359 3.39 -36.87 38.99
C ASP C 359 4.88 -36.83 38.71
N GLY C 360 5.25 -37.00 37.44
CA GLY C 360 6.66 -37.01 37.05
C GLY C 360 7.00 -35.89 36.09
N LYS C 361 7.80 -36.21 35.07
CA LYS C 361 8.13 -35.22 34.04
C LYS C 361 7.03 -35.24 33.00
N TYR C 362 6.58 -34.06 32.57
CA TYR C 362 5.44 -34.00 31.66
C TYR C 362 5.47 -32.83 30.66
N SER C 363 6.62 -32.19 30.50
CA SER C 363 6.71 -31.04 29.62
C SER C 363 8.14 -30.76 29.15
N TRP C 364 8.28 -30.14 27.99
CA TRP C 364 9.57 -29.63 27.53
C TRP C 364 9.85 -28.23 28.05
N VAL C 365 8.86 -27.65 28.74
CA VAL C 365 9.05 -26.33 29.34
C VAL C 365 9.70 -26.51 30.71
N LYS C 366 10.76 -25.76 30.97
CA LYS C 366 11.38 -25.74 32.29
C LYS C 366 10.52 -24.91 33.25
N ALA C 367 10.74 -25.06 34.56
CA ALA C 367 9.99 -24.30 35.56
C ALA C 367 10.84 -23.20 36.18
N PRO C 368 10.67 -21.94 35.75
CA PRO C 368 11.46 -20.87 36.35
C PRO C 368 10.90 -20.38 37.66
N THR C 369 11.78 -19.87 38.51
CA THR C 369 11.38 -19.26 39.76
C THR C 369 12.15 -17.97 39.98
N PHE C 370 11.58 -17.09 40.79
CA PHE C 370 12.26 -15.87 41.21
C PHE C 370 12.41 -15.94 42.73
N TYR C 371 13.64 -16.03 43.20
CA TYR C 371 13.89 -16.31 44.62
C TYR C 371 13.04 -17.48 45.14
N GLY C 372 12.96 -18.52 44.31
CA GLY C 372 12.30 -19.75 44.69
C GLY C 372 10.78 -19.74 44.60
N LYS C 373 10.22 -18.62 44.17
CA LYS C 373 8.76 -18.48 44.07
C LYS C 373 8.26 -18.51 42.63
N THR C 374 7.01 -18.93 42.45
CA THR C 374 6.35 -18.85 41.15
C THR C 374 5.91 -17.42 40.91
N VAL C 375 5.98 -16.99 39.66
CA VAL C 375 5.65 -15.61 39.31
C VAL C 375 4.89 -15.60 38.00
N GLU C 376 3.89 -14.73 37.88
CA GLU C 376 3.27 -14.49 36.58
C GLU C 376 3.96 -13.30 35.91
N VAL C 377 4.27 -13.46 34.62
CA VAL C 377 4.82 -12.37 33.83
C VAL C 377 3.82 -11.99 32.73
N GLY C 378 4.03 -10.87 32.08
CA GLY C 378 3.14 -10.46 31.00
C GLY C 378 2.42 -9.16 31.27
N PRO C 379 1.47 -8.82 30.39
CA PRO C 379 0.84 -7.50 30.50
C PRO C 379 0.11 -7.26 31.82
N LEU C 380 -0.38 -8.29 32.48
CA LEU C 380 -0.96 -8.10 33.82
C LEU C 380 0.12 -7.68 34.80
N ALA C 381 1.25 -8.37 34.78
CA ALA C 381 2.38 -8.02 35.63
C ALA C 381 2.85 -6.59 35.32
N ASN C 382 3.02 -6.28 34.04
CA ASN C 382 3.52 -4.95 33.70
C ASN C 382 2.52 -3.84 34.06
N MET C 383 1.23 -4.11 33.88
CA MET C 383 0.22 -3.14 34.32
C MET C 383 0.26 -2.91 35.84
N LEU C 384 0.29 -3.99 36.60
CA LEU C 384 0.27 -3.86 38.07
C LEU C 384 1.52 -3.13 38.57
N CYS C 385 2.66 -3.39 37.96
CA CYS C 385 3.88 -2.67 38.30
C CYS C 385 3.73 -1.17 38.00
N LYS C 386 3.15 -0.84 36.85
CA LYS C 386 2.98 0.57 36.47
C LYS C 386 1.97 1.28 37.37
N LEU C 387 0.91 0.57 37.76
CA LEU C 387 -0.07 1.15 38.68
C LEU C 387 0.60 1.43 40.04
N ALA C 388 1.37 0.45 40.52
CA ALA C 388 2.08 0.58 41.79
C ALA C 388 3.09 1.72 41.75
N ALA C 389 3.73 1.90 40.60
CA ALA C 389 4.68 2.99 40.41
C ALA C 389 4.00 4.36 40.31
N LYS C 390 2.67 4.37 40.35
CA LYS C 390 1.87 5.59 40.24
C LYS C 390 2.05 6.31 38.91
N ARG C 391 2.26 5.53 37.84
CA ARG C 391 2.38 6.08 36.50
C ARG C 391 1.03 6.63 36.06
N GLU C 392 0.91 7.94 35.93
CA GLU C 392 -0.37 8.58 35.65
C GLU C 392 -1.05 8.05 34.39
N SER C 393 -0.25 7.80 33.34
CA SER C 393 -0.79 7.37 32.05
C SER C 393 -1.44 5.99 32.12
N THR C 394 -0.85 5.09 32.90
CA THR C 394 -1.39 3.74 33.07
C THR C 394 -2.70 3.77 33.86
N HIS C 395 -2.74 4.55 34.94
CA HIS C 395 -3.98 4.73 35.69
C HIS C 395 -5.08 5.32 34.82
N ALA C 396 -4.73 6.33 34.04
CA ALA C 396 -5.72 7.00 33.21
C ALA C 396 -6.28 6.06 32.14
N LYS C 397 -5.42 5.25 31.54
CA LYS C 397 -5.85 4.33 30.49
C LYS C 397 -6.73 3.22 31.05
N LEU C 398 -6.34 2.68 32.20
CA LEU C 398 -7.17 1.70 32.89
C LEU C 398 -8.54 2.30 33.23
N ASN C 399 -8.52 3.50 33.80
CA ASN C 399 -9.76 4.19 34.17
C ASN C 399 -10.69 4.41 32.98
N GLU C 400 -10.12 4.65 31.80
CA GLU C 400 -10.90 4.79 30.58
C GLU C 400 -11.68 3.53 30.25
N ILE C 401 -11.02 2.37 30.34
CA ILE C 401 -11.67 1.11 30.07
C ILE C 401 -12.75 0.81 31.11
N VAL C 402 -12.42 1.06 32.37
CA VAL C 402 -13.36 0.83 33.45
C VAL C 402 -14.59 1.74 33.30
N ALA C 403 -14.36 2.96 32.82
CA ALA C 403 -15.46 3.90 32.65
C ALA C 403 -16.48 3.39 31.64
N ILE C 404 -16.01 2.79 30.55
CA ILE C 404 -16.90 2.22 29.55
C ILE C 404 -17.67 1.06 30.18
N TYR C 405 -16.97 0.20 30.90
CA TYR C 405 -17.57 -0.90 31.64
C TYR C 405 -18.68 -0.40 32.58
N THR C 406 -18.41 0.68 33.28
CA THR C 406 -19.38 1.21 34.24
C THR C 406 -20.60 1.78 33.52
N LYS C 407 -20.38 2.40 32.37
CA LYS C 407 -21.46 2.92 31.55
C LYS C 407 -22.41 1.80 31.11
N LEU C 408 -21.83 0.63 30.82
CA LEU C 408 -22.60 -0.50 30.33
C LEU C 408 -23.27 -1.31 31.46
N THR C 409 -22.67 -1.29 32.65
CA THR C 409 -23.08 -2.21 33.70
C THR C 409 -23.54 -1.54 35.00
N GLY C 410 -23.07 -0.32 35.25
CA GLY C 410 -23.34 0.35 36.51
C GLY C 410 -22.44 -0.13 37.62
N LYS C 411 -21.55 -1.07 37.30
CA LYS C 411 -20.61 -1.60 38.28
C LYS C 411 -19.21 -1.07 38.02
N THR C 412 -18.32 -1.22 39.00
CA THR C 412 -16.94 -0.80 38.81
C THR C 412 -16.01 -2.01 38.82
N ILE C 413 -14.74 -1.77 38.55
CA ILE C 413 -13.73 -2.81 38.65
C ILE C 413 -12.65 -2.38 39.62
N GLU C 414 -12.44 -3.17 40.67
CA GLU C 414 -11.42 -2.88 41.67
C GLU C 414 -10.11 -3.58 41.33
N VAL C 415 -9.02 -3.11 41.94
CA VAL C 415 -7.71 -3.69 41.68
C VAL C 415 -7.68 -5.18 41.97
N ALA C 416 -8.42 -5.60 43.00
CA ALA C 416 -8.53 -7.01 43.35
C ALA C 416 -9.05 -7.85 42.19
N GLN C 417 -9.94 -7.27 41.40
CA GLN C 417 -10.56 -7.97 40.26
C GLN C 417 -9.64 -8.09 39.04
N LEU C 418 -8.50 -7.41 39.09
CA LEU C 418 -7.55 -7.48 37.98
C LEU C 418 -6.75 -8.78 37.99
N HIS C 419 -6.72 -9.44 39.14
CA HIS C 419 -6.05 -10.74 39.26
C HIS C 419 -6.99 -11.82 38.73
N SER C 420 -7.16 -11.83 37.42
CA SER C 420 -8.19 -12.64 36.79
C SER C 420 -7.96 -12.77 35.30
N THR C 421 -8.70 -13.67 34.68
CA THR C 421 -8.66 -13.85 33.24
C THR C 421 -8.93 -12.55 32.47
N LEU C 422 -9.98 -11.83 32.84
CA LEU C 422 -10.26 -10.56 32.18
C LEU C 422 -9.25 -9.47 32.55
N GLY C 423 -8.75 -9.49 33.78
CA GLY C 423 -7.74 -8.53 34.19
C GLY C 423 -6.49 -8.61 33.34
N ARG C 424 -6.11 -9.84 33.01
CA ARG C 424 -4.98 -10.14 32.17
C ARG C 424 -5.19 -9.55 30.76
N ILE C 425 -6.40 -9.73 30.25
CA ILE C 425 -6.76 -9.22 28.93
C ILE C 425 -6.79 -7.69 28.94
N ILE C 426 -7.30 -7.13 30.04
CA ILE C 426 -7.30 -5.68 30.22
C ILE C 426 -5.88 -5.12 30.26
N GLY C 427 -4.98 -5.81 30.95
CA GLY C 427 -3.59 -5.39 31.01
C GLY C 427 -2.96 -5.31 29.63
N ARG C 428 -3.31 -6.29 28.78
CA ARG C 428 -2.79 -6.34 27.43
C ARG C 428 -3.29 -5.16 26.60
N THR C 429 -4.58 -4.84 26.75
CA THR C 429 -5.16 -3.72 26.02
C THR C 429 -4.53 -2.40 26.46
N VAL C 430 -4.35 -2.25 27.77
CA VAL C 430 -3.71 -1.05 28.30
C VAL C 430 -2.31 -0.86 27.72
N HIS C 431 -1.55 -1.96 27.70
CA HIS C 431 -0.20 -1.95 27.12
C HIS C 431 -0.24 -1.46 25.68
N CYS C 432 -1.16 -2.01 24.88
CA CYS C 432 -1.26 -1.64 23.48
C CYS C 432 -1.56 -0.15 23.32
N CYS C 433 -2.44 0.37 24.16
CA CYS C 433 -2.78 1.79 24.11
C CYS C 433 -1.57 2.67 24.43
N GLU C 434 -0.86 2.35 25.51
CA GLU C 434 0.31 3.13 25.90
C GLU C 434 1.45 3.08 24.88
N LEU C 435 1.54 1.99 24.12
CA LEU C 435 2.60 1.85 23.13
C LEU C 435 2.49 2.84 21.98
N GLN C 436 1.28 3.36 21.74
CA GLN C 436 1.10 4.33 20.68
C GLN C 436 1.86 5.61 20.99
N ASN C 437 1.87 6.00 22.27
CA ASN C 437 2.63 7.16 22.71
C ASN C 437 4.14 6.92 22.60
N VAL C 438 4.56 5.69 22.90
CA VAL C 438 5.96 5.31 22.74
C VAL C 438 6.41 5.49 21.29
N LEU C 439 5.59 5.03 20.34
CA LEU C 439 5.90 5.17 18.92
C LEU C 439 6.07 6.63 18.50
N GLN C 440 5.13 7.48 18.89
CA GLN C 440 5.19 8.89 18.53
C GLN C 440 6.40 9.55 19.17
N ASP C 441 6.59 9.29 20.46
CA ASP C 441 7.71 9.85 21.20
C ASP C 441 9.07 9.47 20.62
N GLN C 442 9.24 8.20 20.30
CA GLN C 442 10.54 7.73 19.81
C GLN C 442 10.83 8.17 18.38
N TYR C 443 9.79 8.26 17.55
CA TYR C 443 9.98 8.75 16.20
C TYR C 443 10.47 10.20 16.27
N ASN C 444 9.81 10.99 17.11
N ASN C 444 9.82 11.01 17.10
CA ASN C 444 10.16 12.40 17.26
CA ASN C 444 10.19 12.42 17.21
C ASN C 444 11.59 12.57 17.78
C ASN C 444 11.58 12.61 17.82
N ALA C 445 11.95 11.73 18.75
CA ALA C 445 13.29 11.77 19.35
C ALA C 445 14.35 11.50 18.29
N LEU C 446 14.06 10.55 17.41
CA LEU C 446 14.98 10.22 16.33
C LEU C 446 15.16 11.40 15.38
N ILE C 447 14.05 11.97 14.91
CA ILE C 447 14.12 13.15 14.03
C ILE C 447 14.91 14.30 14.66
N VAL C 448 14.67 14.56 15.94
CA VAL C 448 15.37 15.61 16.66
C VAL C 448 16.87 15.34 16.79
N ASN C 449 17.21 14.09 17.12
CA ASN C 449 18.61 13.75 17.30
C ASN C 449 19.40 13.83 16.00
N ILE C 450 18.78 13.41 14.90
CA ILE C 450 19.41 13.51 13.59
C ILE C 450 19.71 14.98 13.27
N GLY C 451 18.80 15.86 13.68
CA GLY C 451 18.96 17.29 13.47
C GLY C 451 20.07 17.92 14.28
N LYS C 452 20.50 17.24 15.34
CA LYS C 452 21.61 17.70 16.17
C LYS C 452 22.93 17.23 15.58
N GLY C 453 22.86 16.49 14.47
CA GLY C 453 24.04 16.07 13.75
C GLY C 453 24.56 14.70 14.16
N ASP C 454 23.73 13.93 14.87
CA ASP C 454 24.11 12.60 15.30
C ASP C 454 23.55 11.56 14.35
N HIS C 455 24.43 10.95 13.55
CA HIS C 455 24.00 9.89 12.64
C HIS C 455 24.60 8.55 13.06
N THR C 456 25.15 8.51 14.27
CA THR C 456 25.80 7.30 14.75
C THR C 456 24.77 6.22 15.07
N THR C 457 25.02 5.00 14.57
CA THR C 457 24.09 3.89 14.73
C THR C 457 24.78 2.63 15.25
N PHE C 458 26.11 2.64 15.27
CA PHE C 458 26.87 1.42 15.54
C PHE C 458 28.20 1.71 16.23
N VAL C 459 28.50 0.91 17.26
CA VAL C 459 29.85 0.89 17.83
C VAL C 459 30.38 -0.54 17.72
N LYS C 460 31.60 -0.70 17.20
CA LYS C 460 32.15 -2.03 16.97
C LYS C 460 32.57 -2.71 18.27
N PRO C 461 32.05 -3.92 18.51
CA PRO C 461 32.42 -4.68 19.71
C PRO C 461 33.88 -5.07 19.68
N ASP C 462 34.53 -5.01 20.84
CA ASP C 462 35.84 -5.60 21.02
C ASP C 462 35.63 -6.92 21.75
N ILE C 463 35.85 -8.02 21.04
CA ILE C 463 35.63 -9.34 21.57
C ILE C 463 36.97 -9.99 21.86
N PRO C 464 37.36 -10.05 23.15
CA PRO C 464 38.68 -10.56 23.51
C PRO C 464 38.85 -12.02 23.11
N ALA C 465 40.02 -12.36 22.59
CA ALA C 465 40.29 -13.71 22.12
C ALA C 465 40.46 -14.68 23.29
N THR C 466 40.71 -14.14 24.48
CA THR C 466 40.81 -14.97 25.68
C THR C 466 39.97 -14.42 26.82
N GLY C 467 39.71 -15.24 27.83
CA GLY C 467 38.93 -14.81 28.97
C GLY C 467 37.46 -15.17 28.88
N GLU C 468 36.77 -15.09 30.02
CA GLU C 468 35.37 -15.43 30.09
C GLU C 468 34.53 -14.20 30.43
N PHE C 469 33.40 -14.07 29.76
CA PHE C 469 32.53 -12.91 29.95
C PHE C 469 31.08 -13.34 29.98
N LYS C 470 30.31 -12.81 30.91
CA LYS C 470 28.92 -13.21 31.05
C LYS C 470 28.01 -12.00 30.85
N GLY C 471 26.91 -12.22 30.14
CA GLY C 471 25.99 -11.13 29.85
C GLY C 471 24.56 -11.60 29.88
N VAL C 472 23.65 -10.68 30.22
CA VAL C 472 22.24 -11.00 30.20
C VAL C 472 21.49 -9.84 29.54
N GLY C 473 20.59 -10.16 28.63
CA GLY C 473 19.76 -9.16 27.96
C GLY C 473 18.30 -9.33 28.33
N PHE C 474 17.73 -8.30 28.96
CA PHE C 474 16.32 -8.31 29.35
C PHE C 474 15.51 -7.55 28.31
N LEU C 475 14.25 -7.94 28.15
CA LEU C 475 13.34 -7.26 27.25
C LEU C 475 11.93 -7.52 27.74
N GLU C 476 11.10 -6.48 27.82
CA GLU C 476 9.70 -6.72 28.14
C GLU C 476 8.93 -6.97 26.85
N ALA C 477 8.75 -8.27 26.56
CA ALA C 477 8.13 -8.76 25.34
C ALA C 477 6.59 -8.70 25.45
N PRO C 478 5.88 -8.93 24.34
CA PRO C 478 4.42 -8.87 24.43
C PRO C 478 3.84 -9.80 25.50
N ARG C 479 4.51 -10.93 25.76
CA ARG C 479 4.01 -11.89 26.73
C ARG C 479 4.68 -11.79 28.10
N GLY C 480 5.63 -10.86 28.22
CA GLY C 480 6.26 -10.61 29.51
C GLY C 480 7.77 -10.55 29.50
N MET C 481 8.37 -10.67 30.67
N MET C 481 8.37 -10.66 30.67
CA MET C 481 9.81 -10.50 30.81
CA MET C 481 9.82 -10.50 30.82
C MET C 481 10.62 -11.59 30.13
C MET C 481 10.61 -11.60 30.12
N LEU C 482 11.43 -11.18 29.16
CA LEU C 482 12.29 -12.09 28.41
C LEU C 482 13.75 -11.86 28.83
N SER C 483 14.52 -12.94 28.97
CA SER C 483 15.94 -12.78 29.25
C SER C 483 16.78 -13.83 28.52
N HIS C 484 17.82 -13.35 27.84
CA HIS C 484 18.81 -14.21 27.20
C HIS C 484 20.12 -14.09 27.96
N TRP C 485 20.77 -15.23 28.19
CA TRP C 485 21.96 -15.31 29.04
C TRP C 485 23.11 -15.93 28.27
N MET C 486 24.16 -15.15 28.02
CA MET C 486 25.26 -15.61 27.20
C MET C 486 26.54 -15.67 28.04
N VAL C 487 27.27 -16.78 27.93
CA VAL C 487 28.62 -16.85 28.46
C VAL C 487 29.55 -16.93 27.26
N ILE C 488 30.55 -16.05 27.23
CA ILE C 488 31.56 -16.06 26.18
C ILE C 488 32.87 -16.56 26.77
N LYS C 489 33.50 -17.53 26.12
CA LYS C 489 34.81 -18.01 26.54
C LYS C 489 35.72 -18.10 25.34
N ASP C 490 36.87 -17.44 25.43
CA ASP C 490 37.85 -17.42 24.35
C ASP C 490 37.24 -17.02 23.01
N GLY C 491 36.38 -16.02 23.05
CA GLY C 491 35.87 -15.42 21.84
C GLY C 491 34.61 -16.05 21.27
N ILE C 492 34.18 -17.18 21.83
CA ILE C 492 32.98 -17.85 21.33
C ILE C 492 31.96 -18.13 22.42
N ILE C 493 30.74 -18.46 22.02
CA ILE C 493 29.68 -18.73 22.98
C ILE C 493 29.89 -20.10 23.65
N SER C 494 30.15 -20.11 24.95
CA SER C 494 30.33 -21.38 25.67
C SER C 494 29.04 -21.86 26.33
N ASN C 495 28.15 -20.93 26.63
CA ASN C 495 26.82 -21.30 27.10
C ASN C 495 25.80 -20.25 26.68
N TYR C 496 24.58 -20.69 26.42
CA TYR C 496 23.51 -19.79 26.05
C TYR C 496 22.22 -20.37 26.60
N GLN C 497 21.48 -19.55 27.33
CA GLN C 497 20.22 -19.97 27.89
C GLN C 497 19.20 -18.85 27.73
N ALA C 498 18.01 -19.22 27.27
CA ALA C 498 16.91 -18.28 27.19
C ALA C 498 15.87 -18.65 28.24
N VAL C 499 15.36 -17.65 28.95
CA VAL C 499 14.22 -17.85 29.86
C VAL C 499 13.14 -16.91 29.35
N VAL C 500 12.08 -17.51 28.83
CA VAL C 500 11.13 -16.79 27.98
C VAL C 500 9.81 -16.57 28.73
N PRO C 501 9.05 -15.50 28.40
CA PRO C 501 7.87 -15.27 29.25
C PRO C 501 6.90 -16.46 29.34
N SER C 502 6.64 -17.15 28.23
CA SER C 502 5.76 -18.31 28.31
C SER C 502 6.41 -19.46 29.08
N THR C 503 7.74 -19.43 29.23
CA THR C 503 8.38 -20.40 30.13
C THR C 503 7.90 -20.17 31.56
N TRP C 504 7.88 -18.90 32.00
CA TRP C 504 7.41 -18.56 33.35
C TRP C 504 5.96 -18.99 33.56
N ASN C 505 5.10 -18.63 32.61
CA ASN C 505 3.67 -18.83 32.78
C ASN C 505 3.22 -20.28 32.55
N SER C 506 3.83 -20.95 31.57
CA SER C 506 3.39 -22.29 31.16
C SER C 506 4.22 -23.39 31.80
N GLY C 507 5.22 -23.01 32.59
CA GLY C 507 6.10 -23.96 33.22
C GLY C 507 5.35 -24.97 34.06
N PRO C 508 5.87 -26.21 34.12
CA PRO C 508 5.23 -27.26 34.90
C PRO C 508 5.54 -27.05 36.38
N ARG C 509 5.05 -27.95 37.20
CA ARG C 509 5.32 -27.88 38.64
C ARG C 509 6.82 -27.72 38.88
N ASN C 510 7.16 -26.89 39.87
CA ASN C 510 8.55 -26.50 40.00
C ASN C 510 9.35 -27.39 40.96
N PHE C 511 10.53 -26.93 41.32
CA PHE C 511 11.42 -27.69 42.20
C PHE C 511 10.76 -28.01 43.55
N ASN C 512 9.76 -27.22 43.93
CA ASN C 512 9.03 -27.41 45.18
C ASN C 512 7.64 -27.98 44.94
N ASP C 513 7.42 -28.48 43.72
CA ASP C 513 6.17 -29.08 43.30
C ASP C 513 4.99 -28.11 43.24
N GLU C 514 5.28 -26.81 43.19
N GLU C 514 5.28 -26.80 43.21
CA GLU C 514 4.24 -25.79 43.10
CA GLU C 514 4.23 -25.80 43.08
C GLU C 514 3.87 -25.54 41.63
C GLU C 514 3.86 -25.58 41.62
N VAL C 515 2.57 -25.42 41.36
CA VAL C 515 2.07 -25.26 39.99
C VAL C 515 2.41 -23.90 39.41
N GLY C 516 2.54 -23.87 38.08
CA GLY C 516 2.80 -22.62 37.37
C GLY C 516 1.51 -21.84 37.15
N PRO C 517 1.63 -20.62 36.62
CA PRO C 517 0.45 -19.78 36.39
C PRO C 517 -0.67 -20.44 35.57
N TYR C 518 -0.38 -21.07 34.44
CA TYR C 518 -1.48 -21.70 33.68
C TYR C 518 -2.19 -22.71 34.56
N GLU C 519 -1.40 -23.57 35.19
CA GLU C 519 -1.95 -24.68 35.96
C GLU C 519 -2.76 -24.20 37.16
N ARG C 520 -2.30 -23.13 37.80
CA ARG C 520 -3.06 -22.57 38.92
C ARG C 520 -4.33 -21.85 38.46
N SER C 521 -4.24 -21.17 37.33
CA SER C 521 -5.35 -20.35 36.85
C SER C 521 -6.60 -21.18 36.56
N LEU C 522 -6.40 -22.46 36.27
CA LEU C 522 -7.49 -23.33 35.83
C LEU C 522 -8.29 -23.95 36.97
N VAL C 523 -7.68 -24.02 38.16
CA VAL C 523 -8.38 -24.58 39.30
C VAL C 523 -9.61 -23.75 39.61
N GLY C 524 -10.77 -24.38 39.67
CA GLY C 524 -12.00 -23.67 39.97
C GLY C 524 -12.87 -23.44 38.75
N THR C 525 -12.35 -23.72 37.57
CA THR C 525 -13.08 -23.47 36.32
C THR C 525 -14.24 -24.46 36.11
N PRO C 526 -15.47 -23.96 35.94
CA PRO C 526 -16.57 -24.89 35.63
C PRO C 526 -16.51 -25.34 34.17
N ILE C 527 -16.94 -26.57 33.90
CA ILE C 527 -16.93 -27.14 32.55
C ILE C 527 -18.33 -27.62 32.14
N ALA C 528 -18.97 -26.89 31.22
CA ALA C 528 -20.32 -27.24 30.78
C ALA C 528 -20.33 -28.54 29.99
N ASP C 529 -19.31 -28.73 29.16
CA ASP C 529 -19.20 -29.91 28.31
C ASP C 529 -17.75 -30.39 28.36
N PRO C 530 -17.48 -31.48 29.08
CA PRO C 530 -16.12 -32.00 29.16
C PRO C 530 -15.50 -32.34 27.79
N ASN C 531 -16.34 -32.63 26.81
N ASN C 531 -16.33 -32.63 26.80
CA ASN C 531 -15.88 -32.91 25.45
CA ASN C 531 -15.83 -32.92 25.46
C ASN C 531 -15.45 -31.66 24.71
C ASN C 531 -15.41 -31.64 24.74
N LYS C 532 -16.03 -30.52 25.10
CA LYS C 532 -15.70 -29.22 24.50
C LYS C 532 -15.40 -28.18 25.59
N PRO C 533 -14.23 -28.28 26.23
CA PRO C 533 -13.92 -27.44 27.40
C PRO C 533 -13.52 -25.99 27.06
N LEU C 534 -14.48 -25.23 26.55
CA LEU C 534 -14.29 -23.84 26.15
C LEU C 534 -13.77 -22.99 27.31
N GLU C 535 -14.25 -23.29 28.53
CA GLU C 535 -13.90 -22.46 29.67
C GLU C 535 -12.42 -22.56 30.02
N VAL C 536 -11.84 -23.74 29.82
CA VAL C 536 -10.40 -23.93 30.00
C VAL C 536 -9.61 -23.11 28.97
N VAL C 537 -10.03 -23.21 27.71
CA VAL C 537 -9.35 -22.55 26.61
C VAL C 537 -9.37 -21.02 26.77
N ARG C 538 -10.47 -20.48 27.29
CA ARG C 538 -10.59 -19.06 27.56
C ARG C 538 -9.53 -18.54 28.50
N THR C 539 -9.34 -19.24 29.61
CA THR C 539 -8.36 -18.82 30.60
C THR C 539 -6.95 -19.00 30.08
N ILE C 540 -6.68 -20.13 29.43
CA ILE C 540 -5.34 -20.35 28.90
C ILE C 540 -4.99 -19.31 27.84
N HIS C 541 -5.92 -19.02 26.93
CA HIS C 541 -5.66 -18.01 25.91
C HIS C 541 -5.37 -16.63 26.49
N SER C 542 -5.90 -16.35 27.69
CA SER C 542 -5.72 -15.02 28.28
C SER C 542 -4.24 -14.73 28.57
N PHE C 543 -3.43 -15.78 28.73
CA PHE C 543 -2.00 -15.65 28.92
C PHE C 543 -1.23 -15.46 27.60
N ASP C 544 -1.92 -15.66 26.47
CA ASP C 544 -1.31 -15.53 25.14
C ASP C 544 -0.15 -16.54 24.99
N PRO C 545 -0.45 -17.85 25.09
CA PRO C 545 0.64 -18.84 25.08
C PRO C 545 1.43 -18.88 23.79
N MET C 547 4.34 -21.57 22.60
CA MET C 547 5.07 -22.74 23.06
C MET C 547 6.44 -22.90 22.38
N SER C 548 6.60 -22.35 21.18
CA SER C 548 7.94 -22.29 20.59
C SER C 548 8.83 -21.40 21.46
N CYS C 549 8.28 -20.29 21.92
CA CYS C 549 8.95 -19.48 22.94
C CYS C 549 9.20 -20.24 24.24
N ALA C 550 8.18 -20.91 24.75
CA ALA C 550 8.29 -21.54 26.07
C ALA C 550 9.39 -22.59 26.13
N VAL C 551 9.56 -23.33 25.02
CA VAL C 551 10.43 -24.49 24.98
C VAL C 551 11.75 -24.23 24.26
N HIS C 552 11.68 -23.50 23.15
CA HIS C 552 12.88 -23.23 22.33
C HIS C 552 13.74 -24.47 22.06
N PRO D 9 -20.05 -21.30 -4.75
CA PRO D 9 -19.08 -22.21 -5.35
C PRO D 9 -18.07 -22.72 -4.32
N GLN D 10 -17.51 -23.89 -4.60
CA GLN D 10 -16.58 -24.53 -3.68
C GLN D 10 -15.16 -24.02 -3.86
N ARG D 11 -14.45 -23.88 -2.74
CA ARG D 11 -13.06 -23.43 -2.77
C ARG D 11 -12.12 -24.62 -2.57
N PRO D 12 -10.95 -24.59 -3.23
CA PRO D 12 -9.99 -25.69 -3.09
C PRO D 12 -9.43 -25.81 -1.67
N PRO D 13 -9.42 -27.04 -1.15
CA PRO D 13 -9.04 -27.34 0.23
C PRO D 13 -7.52 -27.39 0.44
N VAL D 14 -7.10 -26.85 1.57
CA VAL D 14 -5.70 -26.84 1.95
C VAL D 14 -5.61 -27.35 3.38
N ILE D 15 -4.68 -28.25 3.63
CA ILE D 15 -4.42 -28.77 4.96
C ILE D 15 -3.00 -28.38 5.35
N TRP D 16 -2.87 -27.69 6.50
CA TRP D 16 -1.60 -27.10 6.89
C TRP D 16 -1.14 -27.76 8.17
N ILE D 17 0.01 -28.42 8.13
CA ILE D 17 0.56 -29.11 9.30
C ILE D 17 1.86 -28.47 9.79
N GLY D 18 1.90 -28.13 11.07
CA GLY D 18 3.10 -27.55 11.66
C GLY D 18 3.91 -28.60 12.40
N ALA D 19 5.16 -28.74 12.01
CA ALA D 19 6.07 -29.66 12.68
C ALA D 19 6.98 -28.86 13.61
N GLN D 20 8.29 -28.90 13.42
CA GLN D 20 9.19 -28.07 14.23
C GLN D 20 9.30 -26.67 13.65
N GLU D 21 8.30 -25.85 13.92
CA GLU D 21 8.19 -24.53 13.32
C GLU D 21 8.22 -23.43 14.38
N CYS D 22 8.50 -22.20 13.95
N CYS D 22 8.51 -22.21 13.94
CA CYS D 22 8.46 -21.06 14.86
CA CYS D 22 8.48 -21.06 14.84
C CYS D 22 7.22 -20.22 14.58
C CYS D 22 7.22 -20.22 14.58
N THR D 23 6.43 -20.67 13.62
CA THR D 23 5.16 -20.01 13.19
C THR D 23 5.38 -18.77 12.30
N GLY D 24 6.63 -18.47 11.98
CA GLY D 24 6.93 -17.36 11.09
C GLY D 24 6.32 -17.51 9.71
N CYS D 25 6.25 -18.74 9.22
N CYS D 25 6.25 -18.74 9.22
CA CYS D 25 5.68 -19.00 7.90
CA CYS D 25 5.70 -18.98 7.90
C CYS D 25 4.17 -18.72 7.86
C CYS D 25 4.18 -18.71 7.88
N THR D 26 3.47 -19.11 8.93
CA THR D 26 2.05 -18.76 9.05
C THR D 26 1.90 -17.25 9.20
N GLU D 27 2.75 -16.64 10.02
CA GLU D 27 2.69 -15.20 10.25
C GLU D 27 2.91 -14.40 8.98
N SER D 28 3.69 -14.95 8.04
CA SER D 28 3.94 -14.24 6.79
C SER D 28 2.64 -13.98 6.03
N LEU D 29 1.65 -14.86 6.20
CA LEU D 29 0.36 -14.69 5.53
C LEU D 29 -0.35 -13.42 6.00
N LEU D 30 -0.04 -13.00 7.23
CA LEU D 30 -0.66 -11.81 7.80
C LEU D 30 -0.08 -10.51 7.21
N ARG D 31 1.01 -10.63 6.44
CA ARG D 31 1.59 -9.47 5.76
C ARG D 31 1.19 -9.43 4.29
N ALA D 32 0.63 -10.54 3.80
CA ALA D 32 0.30 -10.69 2.37
C ALA D 32 -0.78 -9.69 1.94
N THR D 33 -0.75 -9.32 0.65
CA THR D 33 -1.69 -8.32 0.14
C THR D 33 -2.40 -8.80 -1.12
N HIS D 34 -1.93 -9.88 -1.71
CA HIS D 34 -2.52 -10.37 -2.96
C HIS D 34 -2.46 -11.88 -3.13
N PRO D 35 -3.31 -12.61 -2.40
CA PRO D 35 -4.37 -12.09 -1.53
C PRO D 35 -3.97 -11.79 -0.08
N THR D 36 -4.72 -10.89 0.57
CA THR D 36 -4.67 -10.76 2.03
C THR D 36 -5.15 -12.07 2.66
N VAL D 37 -4.81 -12.25 3.93
CA VAL D 37 -5.16 -13.48 4.63
C VAL D 37 -6.69 -13.68 4.70
N GLU D 38 -7.43 -12.60 4.88
CA GLU D 38 -8.88 -12.72 4.95
C GLU D 38 -9.48 -13.11 3.59
N ASN D 39 -8.95 -12.54 2.51
CA ASN D 39 -9.43 -12.94 1.20
C ASN D 39 -8.98 -14.36 0.85
N LEU D 40 -7.81 -14.73 1.36
CA LEU D 40 -7.32 -16.09 1.17
C LEU D 40 -8.28 -17.11 1.78
N VAL D 41 -8.59 -16.94 3.06
CA VAL D 41 -9.35 -17.96 3.76
C VAL D 41 -10.85 -17.92 3.46
N LEU D 42 -11.35 -16.77 3.01
CA LEU D 42 -12.78 -16.67 2.71
C LEU D 42 -13.11 -16.84 1.22
N GLU D 43 -12.17 -16.50 0.35
CA GLU D 43 -12.48 -16.44 -1.07
C GLU D 43 -11.65 -17.37 -1.95
N THR D 44 -10.37 -17.52 -1.65
CA THR D 44 -9.49 -18.22 -2.59
C THR D 44 -9.33 -19.70 -2.29
N ILE D 45 -9.17 -20.04 -1.01
CA ILE D 45 -9.07 -21.45 -0.64
C ILE D 45 -10.05 -21.77 0.48
N SER D 46 -10.18 -23.07 0.75
CA SER D 46 -10.81 -23.48 2.00
C SER D 46 -9.71 -24.03 2.89
N LEU D 47 -9.31 -23.24 3.89
CA LEU D 47 -8.32 -23.69 4.85
C LEU D 47 -9.01 -24.65 5.83
N GLU D 48 -8.90 -25.95 5.55
CA GLU D 48 -9.64 -26.97 6.29
C GLU D 48 -9.04 -27.28 7.65
N TYR D 49 -7.73 -27.06 7.79
CA TYR D 49 -7.05 -27.32 9.04
C TYR D 49 -5.84 -26.40 9.16
N HIS D 50 -5.82 -25.64 10.25
CA HIS D 50 -4.66 -24.83 10.62
C HIS D 50 -4.77 -24.51 12.10
N GLU D 51 -3.83 -25.04 12.87
CA GLU D 51 -3.90 -24.95 14.33
C GLU D 51 -3.82 -23.53 14.90
N VAL D 52 -3.21 -22.61 14.17
CA VAL D 52 -3.08 -21.24 14.64
C VAL D 52 -4.39 -20.46 14.55
N LEU D 53 -5.22 -20.77 13.55
CA LEU D 53 -6.41 -19.97 13.28
C LEU D 53 -7.74 -20.66 13.57
N SER D 54 -7.69 -21.99 13.75
CA SER D 54 -8.92 -22.78 13.92
C SER D 54 -9.73 -22.39 15.16
N ALA D 55 -11.04 -22.23 14.97
CA ALA D 55 -11.93 -21.99 16.09
C ALA D 55 -11.99 -23.24 16.97
N ALA D 56 -12.09 -24.40 16.32
CA ALA D 56 -12.12 -25.68 17.03
C ALA D 56 -10.76 -25.96 17.66
N PHE D 57 -10.78 -26.72 18.76
CA PHE D 57 -9.56 -27.16 19.42
C PHE D 57 -9.69 -28.62 19.82
N GLY D 58 -8.61 -29.19 20.33
CA GLY D 58 -8.63 -30.54 20.89
C GLY D 58 -9.26 -31.60 20.01
N HIS D 59 -10.18 -32.37 20.58
CA HIS D 59 -10.84 -33.45 19.87
C HIS D 59 -11.58 -32.98 18.61
N GLN D 60 -12.15 -31.78 18.68
CA GLN D 60 -12.92 -31.23 17.55
C GLN D 60 -12.06 -30.88 16.35
N VAL D 61 -10.85 -30.37 16.59
CA VAL D 61 -9.99 -29.96 15.47
C VAL D 61 -9.38 -31.18 14.78
N GLU D 62 -9.11 -32.24 15.53
CA GLU D 62 -8.60 -33.46 14.93
C GLU D 62 -9.73 -34.12 14.14
N GLU D 63 -10.96 -33.97 14.64
CA GLU D 63 -12.16 -34.40 13.92
C GLU D 63 -12.27 -33.66 12.58
N ASN D 64 -11.97 -32.36 12.60
CA ASN D 64 -11.94 -31.58 11.37
C ASN D 64 -10.92 -32.11 10.38
N LYS D 65 -9.73 -32.45 10.90
CA LYS D 65 -8.65 -32.94 10.05
C LYS D 65 -9.01 -34.27 9.40
N HIS D 66 -9.50 -35.22 10.21
CA HIS D 66 -9.89 -36.51 9.69
C HIS D 66 -10.98 -36.36 8.63
N ASN D 67 -12.01 -35.59 8.96
CA ASN D 67 -13.09 -35.30 8.02
C ASN D 67 -12.57 -34.71 6.71
N ALA D 68 -11.61 -33.78 6.80
CA ALA D 68 -11.04 -33.16 5.62
C ALA D 68 -10.22 -34.13 4.78
N LEU D 69 -9.35 -34.90 5.44
CA LEU D 69 -8.51 -35.88 4.75
C LEU D 69 -9.33 -36.91 3.97
N GLU D 70 -10.48 -37.30 4.52
CA GLU D 70 -11.36 -38.24 3.83
C GLU D 70 -12.19 -37.57 2.74
N LYS D 71 -12.86 -36.48 3.09
CA LYS D 71 -13.75 -35.76 2.18
C LYS D 71 -13.05 -35.28 0.92
N TYR D 72 -11.81 -34.81 1.06
CA TYR D 72 -11.08 -34.20 -0.04
C TYR D 72 -9.89 -35.03 -0.50
N LYS D 73 -9.92 -36.32 -0.23
CA LYS D 73 -8.86 -37.23 -0.66
C LYS D 73 -8.58 -37.06 -2.15
N GLY D 74 -7.30 -36.91 -2.49
CA GLY D 74 -6.91 -36.71 -3.87
C GLY D 74 -7.04 -35.28 -4.38
N GLN D 75 -7.54 -34.38 -3.54
CA GLN D 75 -7.80 -33.02 -4.02
C GLN D 75 -7.21 -31.89 -3.18
N TYR D 76 -6.80 -32.17 -1.95
CA TYR D 76 -6.26 -31.10 -1.11
C TYR D 76 -4.78 -30.82 -1.37
N VAL D 77 -4.39 -29.57 -1.14
CA VAL D 77 -2.99 -29.21 -1.07
C VAL D 77 -2.54 -29.38 0.38
N LEU D 78 -1.53 -30.20 0.59
CA LEU D 78 -0.93 -30.35 1.90
C LEU D 78 0.25 -29.38 2.00
N VAL D 79 0.25 -28.57 3.06
CA VAL D 79 1.37 -27.69 3.33
C VAL D 79 2.01 -28.10 4.65
N VAL D 80 3.33 -28.27 4.65
CA VAL D 80 4.04 -28.56 5.88
C VAL D 80 5.01 -27.43 6.19
N ASP D 81 4.91 -26.86 7.37
N ASP D 81 4.93 -26.98 7.43
CA ASP D 81 5.94 -25.92 7.82
CA ASP D 81 5.77 -25.93 7.96
C ASP D 81 6.63 -26.43 9.06
C ASP D 81 6.64 -26.53 9.08
N GLY D 82 7.96 -26.33 9.04
CA GLY D 82 8.81 -26.84 10.10
C GLY D 82 9.59 -28.08 9.71
N SER D 83 10.66 -28.36 10.46
CA SER D 83 11.46 -29.56 10.21
C SER D 83 10.86 -30.76 10.92
N ILE D 84 11.28 -31.96 10.51
CA ILE D 84 10.79 -33.20 11.10
C ILE D 84 11.94 -33.86 11.86
N PRO D 85 11.78 -34.06 13.18
CA PRO D 85 12.89 -34.60 13.98
C PRO D 85 12.94 -36.13 13.97
N LEU D 86 14.03 -36.69 13.47
CA LEU D 86 14.19 -38.15 13.38
C LEU D 86 14.75 -38.80 14.64
N LYS D 87 15.46 -38.04 15.46
CA LYS D 87 16.15 -38.61 16.62
C LYS D 87 15.16 -39.20 17.63
N ASP D 88 15.54 -40.34 18.21
CA ASP D 88 14.75 -40.96 19.26
C ASP D 88 13.30 -41.23 18.84
N ASN D 89 13.14 -41.71 17.61
CA ASN D 89 11.85 -42.21 17.14
C ASN D 89 10.74 -41.16 17.07
N GLY D 90 11.12 -39.90 16.86
CA GLY D 90 10.16 -38.85 16.55
C GLY D 90 9.53 -38.12 17.72
N ILE D 91 10.01 -38.40 18.93
CA ILE D 91 9.39 -37.85 20.13
C ILE D 91 9.59 -36.34 20.35
N TYR D 92 10.47 -35.71 19.57
CA TYR D 92 10.73 -34.28 19.78
C TYR D 92 9.65 -33.37 19.21
N CYS D 93 8.67 -33.97 18.53
CA CYS D 93 7.48 -33.24 18.09
C CYS D 93 6.30 -34.19 18.08
N MET D 94 5.46 -34.09 19.11
CA MET D 94 4.31 -34.97 19.28
C MET D 94 3.05 -34.11 19.34
N VAL D 95 2.10 -34.41 18.47
CA VAL D 95 0.81 -33.73 18.51
C VAL D 95 -0.28 -34.77 18.71
N ALA D 96 -1.21 -34.49 19.62
CA ALA D 96 -2.27 -35.43 19.96
C ALA D 96 -1.71 -36.81 20.32
N GLY D 97 -0.53 -36.82 20.93
CA GLY D 97 0.08 -38.05 21.42
C GLY D 97 0.76 -38.92 20.36
N GLU D 98 1.04 -38.33 19.21
CA GLU D 98 1.65 -39.08 18.10
C GLU D 98 2.77 -38.25 17.47
N PRO D 99 3.88 -38.89 17.07
CA PRO D 99 4.97 -38.16 16.41
C PRO D 99 4.44 -37.47 15.16
N ILE D 100 4.87 -36.24 14.92
CA ILE D 100 4.37 -35.44 13.81
C ILE D 100 4.60 -36.15 12.48
N VAL D 101 5.67 -36.93 12.40
CA VAL D 101 6.00 -37.64 11.17
C VAL D 101 4.87 -38.58 10.75
N ASP D 102 4.16 -39.13 11.71
CA ASP D 102 3.04 -40.01 11.41
C ASP D 102 1.83 -39.24 10.87
N HIS D 103 1.58 -38.06 11.43
CA HIS D 103 0.53 -37.19 10.92
C HIS D 103 0.82 -36.81 9.47
N ILE D 104 2.08 -36.48 9.21
CA ILE D 104 2.50 -36.03 7.89
C ILE D 104 2.38 -37.15 6.86
N ARG D 105 2.87 -38.34 7.21
CA ARG D 105 2.84 -39.45 6.27
C ARG D 105 1.41 -39.84 5.90
N ARG D 106 0.51 -39.79 6.88
CA ARG D 106 -0.89 -40.10 6.63
C ARG D 106 -1.54 -39.04 5.73
N ALA D 107 -1.26 -37.78 5.98
CA ALA D 107 -1.84 -36.71 5.16
C ALA D 107 -1.28 -36.71 3.74
N ALA D 108 -0.02 -37.10 3.60
CA ALA D 108 0.65 -37.08 2.30
C ALA D 108 0.04 -38.09 1.33
N GLU D 109 -0.54 -39.15 1.88
CA GLU D 109 -1.11 -40.22 1.07
C GLU D 109 -2.22 -39.76 0.12
N GLY D 110 -3.04 -38.83 0.57
CA GLY D 110 -4.17 -38.37 -0.23
C GLY D 110 -4.03 -36.96 -0.79
N ALA D 111 -2.81 -36.41 -0.73
CA ALA D 111 -2.59 -35.04 -1.20
C ALA D 111 -2.50 -34.95 -2.73
N ALA D 112 -3.10 -33.90 -3.30
CA ALA D 112 -2.98 -33.63 -4.72
C ALA D 112 -1.65 -32.94 -5.04
N ALA D 113 -1.15 -32.19 -4.06
CA ALA D 113 0.11 -31.48 -4.17
C ALA D 113 0.63 -31.32 -2.75
N ILE D 114 1.95 -31.30 -2.59
CA ILE D 114 2.55 -31.16 -1.28
C ILE D 114 3.58 -30.05 -1.34
N ILE D 115 3.46 -29.08 -0.44
CA ILE D 115 4.38 -27.96 -0.40
C ILE D 115 5.11 -27.93 0.93
N ALA D 116 6.43 -27.84 0.86
CA ALA D 116 7.24 -27.54 2.03
C ALA D 116 7.47 -26.04 2.06
N ILE D 117 6.83 -25.36 3.01
CA ILE D 117 7.01 -23.92 3.11
C ILE D 117 8.05 -23.60 4.18
N GLY D 118 9.00 -22.76 3.82
CA GLY D 118 10.06 -22.35 4.71
C GLY D 118 11.29 -23.25 4.61
N SER D 119 12.44 -22.70 4.96
CA SER D 119 13.70 -23.45 4.92
C SER D 119 13.73 -24.69 5.80
N CYS D 120 13.01 -24.66 6.92
N CYS D 120 13.01 -24.66 6.93
CA CYS D 120 12.97 -25.80 7.83
CA CYS D 120 12.98 -25.81 7.83
C CYS D 120 12.37 -27.03 7.15
C CYS D 120 12.37 -27.03 7.15
N ALA D 121 11.20 -26.85 6.55
CA ALA D 121 10.54 -27.93 5.84
C ALA D 121 11.28 -28.26 4.55
N ALA D 122 11.87 -27.25 3.93
CA ALA D 122 12.57 -27.47 2.67
C ALA D 122 13.85 -28.28 2.84
N TRP D 123 14.65 -27.96 3.87
CA TRP D 123 15.95 -28.61 4.00
C TRP D 123 16.49 -28.80 5.41
N GLY D 124 15.64 -28.57 6.42
CA GLY D 124 16.04 -28.71 7.81
C GLY D 124 16.15 -27.39 8.54
N GLY D 125 16.62 -26.37 7.83
CA GLY D 125 16.64 -25.01 8.36
C GLY D 125 17.43 -24.83 9.65
N VAL D 126 17.00 -23.88 10.46
CA VAL D 126 17.72 -23.55 11.68
C VAL D 126 17.68 -24.70 12.68
N ALA D 127 16.60 -25.47 12.68
CA ALA D 127 16.46 -26.56 13.64
C ALA D 127 17.49 -27.68 13.39
N ALA D 128 17.95 -27.78 12.16
CA ALA D 128 18.92 -28.80 11.78
C ALA D 128 20.36 -28.29 11.84
N ALA D 129 20.54 -27.02 12.23
CA ALA D 129 21.87 -26.42 12.27
C ALA D 129 22.68 -26.86 13.49
N GLY D 130 23.95 -26.46 13.52
CA GLY D 130 24.83 -26.87 14.61
C GLY D 130 24.93 -28.38 14.72
N VAL D 131 24.90 -28.86 15.96
CA VAL D 131 24.96 -30.29 16.22
C VAL D 131 23.64 -30.98 15.93
N ASN D 132 22.61 -30.20 15.60
CA ASN D 132 21.27 -30.74 15.28
C ASN D 132 20.75 -31.64 16.39
N PRO D 133 20.33 -31.04 17.51
CA PRO D 133 19.95 -31.79 18.71
C PRO D 133 18.81 -32.80 18.53
N THR D 134 17.94 -32.60 17.56
CA THR D 134 16.76 -33.46 17.41
C THR D 134 16.78 -34.28 16.13
N GLY D 135 17.88 -34.21 15.39
CA GLY D 135 17.98 -34.92 14.13
C GLY D 135 16.93 -34.44 13.14
N ALA D 136 16.72 -33.13 13.11
CA ALA D 136 15.73 -32.51 12.23
C ALA D 136 16.12 -32.66 10.75
N VAL D 137 15.13 -32.96 9.92
CA VAL D 137 15.33 -33.04 8.48
C VAL D 137 14.18 -32.36 7.71
N GLY D 138 14.38 -32.15 6.41
CA GLY D 138 13.38 -31.58 5.54
C GLY D 138 12.30 -32.57 5.12
N LEU D 139 11.22 -32.06 4.52
CA LEU D 139 10.06 -32.89 4.20
C LEU D 139 10.35 -33.98 3.17
N GLN D 140 11.14 -33.66 2.15
CA GLN D 140 11.45 -34.62 1.09
C GLN D 140 12.09 -35.89 1.65
N GLU D 141 12.90 -35.73 2.71
CA GLU D 141 13.59 -36.86 3.30
C GLU D 141 12.60 -37.81 4.00
N VAL D 142 11.49 -37.27 4.46
CA VAL D 142 10.45 -38.03 5.15
C VAL D 142 9.47 -38.68 4.17
N LEU D 143 9.35 -38.09 2.98
CA LEU D 143 8.46 -38.59 1.93
C LEU D 143 9.24 -38.85 0.66
N PRO D 144 10.14 -39.86 0.67
CA PRO D 144 11.06 -40.07 -0.45
C PRO D 144 10.38 -40.36 -1.80
N GLY D 145 9.19 -40.94 -1.79
CA GLY D 145 8.52 -41.29 -3.02
C GLY D 145 7.60 -40.22 -3.58
N LYS D 146 7.58 -39.07 -2.92
CA LYS D 146 6.64 -38.00 -3.29
C LYS D 146 7.35 -36.82 -3.95
N THR D 147 6.62 -36.11 -4.82
CA THR D 147 7.11 -34.86 -5.38
C THR D 147 6.78 -33.72 -4.42
N ILE D 148 7.80 -33.12 -3.83
CA ILE D 148 7.59 -32.02 -2.92
C ILE D 148 7.98 -30.70 -3.58
N ILE D 149 7.11 -29.69 -3.47
CA ILE D 149 7.43 -28.35 -3.95
C ILE D 149 8.06 -27.57 -2.80
N ASN D 150 9.30 -27.13 -2.98
CA ASN D 150 10.02 -26.43 -1.92
C ASN D 150 9.96 -24.91 -2.07
N ILE D 151 9.59 -24.23 -1.00
CA ILE D 151 9.47 -22.77 -1.01
C ILE D 151 10.26 -22.21 0.16
N PRO D 152 11.59 -22.16 0.01
CA PRO D 152 12.45 -21.86 1.16
C PRO D 152 12.51 -20.36 1.50
N GLY D 153 13.21 -20.07 2.59
CA GLY D 153 13.18 -18.74 3.17
C GLY D 153 12.76 -18.86 4.61
N CYS D 154 13.15 -17.89 5.43
N CYS D 154 13.18 -17.91 5.43
CA CYS D 154 12.94 -17.97 6.86
CA CYS D 154 12.91 -18.00 6.86
C CYS D 154 12.34 -16.67 7.41
C CYS D 154 12.33 -16.69 7.42
N PRO D 155 11.07 -16.38 7.08
CA PRO D 155 10.18 -17.11 6.17
C PRO D 155 10.26 -16.54 4.75
N PRO D 156 9.77 -17.30 3.75
CA PRO D 156 9.70 -16.75 2.39
C PRO D 156 8.71 -15.59 2.33
N ASN D 157 8.83 -14.73 1.33
CA ASN D 157 7.76 -13.80 1.02
C ASN D 157 6.50 -14.63 0.84
N PRO D 158 5.40 -14.25 1.50
CA PRO D 158 4.21 -15.11 1.46
C PRO D 158 3.72 -15.34 0.04
N HIS D 159 3.99 -14.40 -0.87
CA HIS D 159 3.49 -14.54 -2.23
C HIS D 159 4.26 -15.58 -3.05
N ASN D 160 5.44 -15.98 -2.56
CA ASN D 160 6.13 -17.10 -3.18
C ASN D 160 5.31 -18.38 -2.99
N PHE D 161 4.65 -18.46 -1.84
CA PHE D 161 3.72 -19.53 -1.56
C PHE D 161 2.37 -19.31 -2.26
N LEU D 162 1.80 -18.13 -2.12
CA LEU D 162 0.45 -17.87 -2.63
C LEU D 162 0.35 -17.96 -4.15
N ALA D 163 1.38 -17.49 -4.86
CA ALA D 163 1.38 -17.57 -6.32
C ALA D 163 1.61 -19.01 -6.80
N THR D 164 2.28 -19.82 -5.99
CA THR D 164 2.44 -21.23 -6.31
C THR D 164 1.10 -21.93 -6.21
N VAL D 165 0.38 -21.67 -5.12
CA VAL D 165 -0.94 -22.23 -4.92
C VAL D 165 -1.91 -21.73 -6.00
N ALA D 166 -1.81 -20.46 -6.34
CA ALA D 166 -2.65 -19.89 -7.38
C ALA D 166 -2.41 -20.58 -8.72
N HIS D 167 -1.15 -20.91 -9.02
CA HIS D 167 -0.82 -21.57 -10.28
C HIS D 167 -1.48 -22.95 -10.35
N ILE D 168 -1.41 -23.69 -9.25
CA ILE D 168 -2.10 -24.98 -9.15
C ILE D 168 -3.61 -24.82 -9.34
N ILE D 169 -4.19 -23.85 -8.66
CA ILE D 169 -5.63 -23.61 -8.78
C ILE D 169 -6.06 -23.16 -10.18
N THR D 170 -5.38 -22.16 -10.73
CA THR D 170 -5.80 -21.52 -11.96
C THR D 170 -5.50 -22.32 -13.23
N TYR D 171 -4.30 -22.88 -13.31
CA TYR D 171 -3.88 -23.62 -14.49
C TYR D 171 -3.79 -25.13 -14.29
N GLY D 172 -4.07 -25.60 -13.08
CA GLY D 172 -4.18 -27.03 -12.82
C GLY D 172 -2.89 -27.83 -12.74
N LYS D 173 -1.77 -27.16 -12.49
CA LYS D 173 -0.47 -27.81 -12.41
C LYS D 173 0.45 -26.90 -11.61
N PRO D 174 1.50 -27.46 -11.01
CA PRO D 174 2.46 -26.61 -10.31
C PRO D 174 3.19 -25.70 -11.28
N PRO D 175 3.77 -24.61 -10.76
CA PRO D 175 4.63 -23.75 -11.59
C PRO D 175 5.89 -24.52 -12.00
N LYS D 176 6.63 -23.99 -12.95
CA LYS D 176 7.90 -24.59 -13.34
C LYS D 176 8.87 -24.60 -12.15
N LEU D 177 9.55 -25.72 -11.95
CA LEU D 177 10.45 -25.89 -10.80
C LEU D 177 11.89 -26.10 -11.26
N ASP D 178 12.83 -25.71 -10.41
CA ASP D 178 14.24 -25.99 -10.68
C ASP D 178 14.63 -27.39 -10.24
N ALA D 179 15.92 -27.69 -10.25
CA ALA D 179 16.41 -29.02 -9.90
C ALA D 179 16.20 -29.36 -8.42
N LYS D 180 15.98 -28.33 -7.59
CA LYS D 180 15.70 -28.54 -6.18
C LYS D 180 14.19 -28.41 -5.88
N ASN D 181 13.38 -28.51 -6.93
CA ASN D 181 11.93 -28.40 -6.83
C ASN D 181 11.41 -27.08 -6.27
N ARG D 182 12.16 -26.00 -6.52
CA ARG D 182 11.77 -24.65 -6.12
C ARG D 182 11.18 -23.95 -7.34
N PRO D 183 10.07 -23.22 -7.15
CA PRO D 183 9.49 -22.52 -8.31
C PRO D 183 10.45 -21.49 -8.91
N THR D 184 10.62 -21.55 -10.22
CA THR D 184 11.61 -20.73 -10.90
C THR D 184 11.27 -19.25 -10.86
N PHE D 185 9.99 -18.90 -10.77
CA PHE D 185 9.63 -17.47 -10.76
C PHE D 185 10.18 -16.78 -9.53
N ALA D 186 10.44 -17.55 -8.48
CA ALA D 186 10.89 -17.00 -7.21
C ALA D 186 12.32 -17.38 -6.83
N TYR D 187 12.80 -18.53 -7.31
CA TYR D 187 14.11 -19.03 -6.89
C TYR D 187 15.03 -19.37 -8.05
N GLY D 188 14.68 -18.90 -9.25
CA GLY D 188 15.41 -19.29 -10.44
C GLY D 188 16.70 -18.54 -10.71
N ARG D 189 17.07 -17.62 -9.82
CA ARG D 189 18.26 -16.78 -10.02
C ARG D 189 18.90 -16.44 -8.68
N LEU D 190 20.23 -16.33 -8.66
CA LEU D 190 20.94 -15.87 -7.47
C LEU D 190 20.55 -14.44 -7.17
N ILE D 191 20.45 -14.11 -5.89
CA ILE D 191 20.16 -12.74 -5.50
C ILE D 191 21.20 -11.78 -6.09
N HIS D 192 22.47 -12.18 -6.05
CA HIS D 192 23.60 -11.38 -6.54
C HIS D 192 23.54 -11.16 -8.06
N GLU D 193 22.81 -12.04 -8.74
CA GLU D 193 22.64 -11.92 -10.18
C GLU D 193 21.41 -11.08 -10.55
N HIS D 194 20.80 -10.45 -9.56
CA HIS D 194 19.74 -9.47 -9.84
C HIS D 194 19.65 -8.44 -8.71
N CYS D 195 20.81 -8.02 -8.21
CA CYS D 195 20.89 -7.10 -7.07
C CYS D 195 21.24 -5.69 -7.53
N GLU D 196 20.48 -4.71 -7.03
CA GLU D 196 20.68 -3.32 -7.39
C GLU D 196 22.02 -2.72 -6.91
N ARG D 197 22.71 -3.40 -6.00
CA ARG D 197 24.02 -2.92 -5.57
C ARG D 197 25.18 -3.55 -6.34
N ARG D 198 24.85 -4.37 -7.33
CA ARG D 198 25.89 -4.96 -8.18
C ARG D 198 26.86 -3.93 -8.79
N PRO D 199 26.36 -2.74 -9.20
CA PRO D 199 27.35 -1.79 -9.73
C PRO D 199 28.43 -1.41 -8.71
N HIS D 200 28.07 -1.37 -7.43
CA HIS D 200 29.02 -1.05 -6.37
C HIS D 200 30.02 -2.18 -6.18
N PHE D 201 29.52 -3.41 -6.16
CA PHE D 201 30.37 -4.60 -6.16
C PHE D 201 31.39 -4.58 -7.30
N ASP D 202 30.92 -4.29 -8.51
CA ASP D 202 31.77 -4.27 -9.70
C ASP D 202 32.87 -3.21 -9.61
N ALA D 203 32.54 -2.08 -9.00
CA ALA D 203 33.45 -0.95 -8.90
C ALA D 203 34.42 -1.06 -7.72
N GLY D 204 34.10 -1.91 -6.75
CA GLY D 204 34.90 -2.03 -5.55
C GLY D 204 34.43 -1.10 -4.44
N ARG D 205 33.20 -0.62 -4.57
CA ARG D 205 32.59 0.26 -3.57
C ARG D 205 31.88 -0.59 -2.50
N PHE D 206 32.55 -0.78 -1.37
CA PHE D 206 32.06 -1.67 -0.33
C PHE D 206 31.94 -1.00 1.02
N ALA D 207 30.85 -1.27 1.74
CA ALA D 207 30.79 -0.95 3.16
C ALA D 207 31.73 -1.87 3.92
N LYS D 208 32.45 -1.33 4.90
CA LYS D 208 33.34 -2.17 5.71
C LYS D 208 32.87 -2.35 7.15
N GLU D 209 32.12 -1.37 7.65
CA GLU D 209 31.52 -1.44 8.99
C GLU D 209 30.17 -0.75 8.93
N PHE D 210 29.20 -1.24 9.69
CA PHE D 210 27.93 -0.51 9.81
C PHE D 210 28.22 0.93 10.24
N GLY D 211 27.57 1.87 9.59
CA GLY D 211 27.70 3.28 9.93
C GLY D 211 28.88 3.99 9.28
N ASP D 212 29.69 3.27 8.51
CA ASP D 212 30.79 3.94 7.83
C ASP D 212 30.33 4.70 6.58
N GLU D 213 31.24 5.37 5.91
CA GLU D 213 30.86 6.23 4.80
C GLU D 213 30.21 5.46 3.65
N GLY D 214 30.79 4.32 3.29
CA GLY D 214 30.26 3.53 2.20
C GLY D 214 28.90 2.95 2.53
N HIS D 215 28.74 2.51 3.76
CA HIS D 215 27.48 1.97 4.24
C HIS D 215 26.40 3.05 4.14
N ARG D 216 26.76 4.27 4.53
CA ARG D 216 25.81 5.38 4.52
C ARG D 216 25.56 5.95 3.13
N GLU D 217 26.25 5.40 2.13
CA GLU D 217 25.96 5.73 0.74
C GLU D 217 25.24 4.59 -0.01
N GLY D 218 24.93 3.50 0.70
CA GLY D 218 24.21 2.40 0.08
C GLY D 218 25.06 1.52 -0.83
N TRP D 219 26.34 1.38 -0.49
CA TRP D 219 27.25 0.57 -1.29
C TRP D 219 27.03 -0.92 -1.04
N CYS D 220 27.76 -1.75 -1.79
CA CYS D 220 27.63 -3.20 -1.69
C CYS D 220 28.03 -3.71 -0.31
N LEU D 221 27.33 -4.74 0.17
CA LEU D 221 27.52 -5.28 1.51
C LEU D 221 28.34 -6.58 1.52
N TYR D 222 28.99 -6.92 0.41
CA TYR D 222 29.79 -8.15 0.32
C TYR D 222 30.74 -8.34 1.51
N HIS D 223 31.51 -7.30 1.82
CA HIS D 223 32.53 -7.41 2.86
C HIS D 223 31.99 -7.27 4.27
N LEU D 224 30.67 -7.12 4.39
CA LEU D 224 30.00 -7.27 5.67
C LEU D 224 29.49 -8.70 5.83
N GLY D 225 29.68 -9.52 4.79
CA GLY D 225 29.26 -10.92 4.83
C GLY D 225 28.05 -11.27 3.96
N CYS D 226 27.76 -10.46 2.96
CA CYS D 226 26.57 -10.72 2.16
C CYS D 226 26.61 -12.07 1.45
N LYS D 227 25.57 -12.86 1.65
CA LYS D 227 25.50 -14.20 1.04
C LYS D 227 24.70 -14.22 -0.27
N GLY D 228 24.33 -13.04 -0.76
CA GLY D 228 23.70 -12.94 -2.08
C GLY D 228 24.37 -13.72 -3.22
N PRO D 229 25.71 -13.73 -3.27
CA PRO D 229 26.43 -14.49 -4.31
C PRO D 229 26.21 -16.01 -4.31
N GLU D 230 25.67 -16.57 -3.23
CA GLU D 230 25.46 -18.01 -3.18
C GLU D 230 24.05 -18.39 -2.76
N THR D 231 23.11 -17.44 -2.84
CA THR D 231 21.73 -17.67 -2.41
C THR D 231 20.72 -17.43 -3.53
N TYR D 232 19.90 -18.43 -3.83
CA TYR D 232 18.83 -18.29 -4.84
C TYR D 232 17.57 -17.74 -4.20
N GLY D 233 16.95 -16.76 -4.87
CA GLY D 233 15.73 -16.15 -4.35
C GLY D 233 15.34 -14.91 -5.11
N ASN D 234 14.29 -14.26 -4.64
CA ASN D 234 13.78 -13.06 -5.29
C ASN D 234 13.74 -11.88 -4.33
N CYS D 235 14.58 -11.92 -3.31
CA CYS D 235 14.57 -10.89 -2.28
C CYS D 235 14.89 -9.50 -2.78
N SER D 236 15.70 -9.42 -3.83
CA SER D 236 16.12 -8.13 -4.36
C SER D 236 15.06 -7.53 -5.29
N THR D 237 14.15 -8.37 -5.78
CA THR D 237 13.15 -7.90 -6.75
C THR D 237 11.76 -7.84 -6.16
N LEU D 238 11.24 -9.00 -5.76
CA LEU D 238 9.95 -9.02 -5.09
C LEU D 238 10.04 -8.32 -3.75
N GLN D 239 11.17 -8.49 -3.07
CA GLN D 239 11.40 -7.85 -1.79
C GLN D 239 10.35 -8.29 -0.76
N PHE D 240 10.04 -7.45 0.21
CA PHE D 240 9.11 -7.85 1.27
C PHE D 240 8.08 -6.79 1.60
N CYS D 241 6.88 -7.26 1.95
CA CYS D 241 5.84 -6.44 2.56
C CYS D 241 5.15 -5.46 1.62
N ASP D 242 5.54 -5.45 0.35
CA ASP D 242 4.82 -4.70 -0.70
C ASP D 242 4.72 -3.18 -0.50
N VAL D 243 5.67 -2.58 0.23
CA VAL D 243 5.66 -1.14 0.42
C VAL D 243 6.69 -0.44 -0.45
N GLY D 244 7.59 -1.24 -1.02
CA GLY D 244 8.62 -0.75 -1.90
C GLY D 244 9.94 -0.50 -1.20
N GLY D 245 10.99 -1.15 -1.72
CA GLY D 245 12.35 -0.91 -1.27
C GLY D 245 12.75 -1.61 0.01
N VAL D 246 11.97 -2.59 0.45
CA VAL D 246 12.24 -3.27 1.71
C VAL D 246 12.73 -4.71 1.56
N TRP D 247 14.04 -4.88 1.75
CA TRP D 247 14.65 -6.20 1.91
C TRP D 247 15.89 -5.99 2.76
N PRO D 248 16.49 -7.07 3.29
CA PRO D 248 17.60 -6.83 4.22
C PRO D 248 18.74 -5.96 3.68
N VAL D 249 19.19 -6.19 2.46
CA VAL D 249 20.29 -5.39 1.91
C VAL D 249 19.89 -3.92 1.75
N ALA D 250 18.68 -3.66 1.28
CA ALA D 250 18.22 -2.29 1.12
C ALA D 250 18.18 -1.56 2.45
N ILE D 251 17.90 -2.31 3.52
CA ILE D 251 17.83 -1.70 4.85
C ILE D 251 19.22 -1.46 5.44
N GLY D 252 20.22 -2.15 4.89
CA GLY D 252 21.60 -1.95 5.27
C GLY D 252 22.31 -3.16 5.86
N HIS D 253 21.70 -4.34 5.81
CA HIS D 253 22.30 -5.55 6.39
C HIS D 253 22.54 -6.60 5.30
N PRO D 254 23.68 -7.29 5.35
CA PRO D 254 23.92 -8.32 4.35
C PRO D 254 22.88 -9.44 4.36
N CYS D 255 22.67 -10.04 3.19
CA CYS D 255 21.94 -11.30 3.11
C CYS D 255 22.71 -12.34 3.93
N TYR D 256 21.97 -13.17 4.67
CA TYR D 256 22.51 -14.20 5.57
C TYR D 256 22.38 -15.57 4.93
N GLY D 257 21.72 -15.62 3.78
CA GLY D 257 21.53 -16.85 3.03
C GLY D 257 20.47 -17.77 3.62
N CYS D 258 19.44 -17.20 4.24
CA CYS D 258 18.46 -18.02 4.93
C CYS D 258 17.69 -18.96 3.99
N ASN D 259 17.60 -18.61 2.70
CA ASN D 259 16.96 -19.50 1.72
C ASN D 259 17.74 -20.77 1.47
N GLU D 260 19.05 -20.73 1.68
CA GLU D 260 19.96 -21.69 1.05
C GLU D 260 20.63 -22.66 2.03
N GLU D 261 20.43 -23.95 1.78
CA GLU D 261 20.99 -25.01 2.61
C GLU D 261 22.50 -24.89 2.70
N GLY D 262 23.03 -24.96 3.92
CA GLY D 262 24.46 -24.88 4.13
C GLY D 262 25.04 -23.48 4.20
N ILE D 263 24.20 -22.47 3.96
CA ILE D 263 24.62 -21.07 4.05
C ILE D 263 23.98 -20.45 5.29
N GLY D 264 22.70 -20.15 5.21
CA GLY D 264 21.95 -19.66 6.37
C GLY D 264 22.09 -20.59 7.56
N PHE D 265 22.33 -20.00 8.73
CA PHE D 265 22.46 -20.72 10.00
C PHE D 265 23.72 -21.58 10.11
N HIS D 266 24.56 -21.55 9.09
CA HIS D 266 25.81 -22.29 9.09
C HIS D 266 26.99 -21.32 9.05
N LYS D 267 27.04 -20.50 8.01
CA LYS D 267 28.05 -19.46 7.91
C LYS D 267 27.76 -18.31 8.86
N GLY D 268 28.82 -17.73 9.42
CA GLY D 268 28.68 -16.57 10.28
C GLY D 268 28.14 -15.38 9.52
N ILE D 269 27.48 -14.46 10.22
CA ILE D 269 26.94 -13.26 9.58
C ILE D 269 28.01 -12.55 8.76
N HIS D 270 29.19 -12.38 9.34
CA HIS D 270 30.23 -11.58 8.73
C HIS D 270 31.27 -12.42 7.97
N GLN D 271 31.05 -13.73 7.92
CA GLN D 271 31.88 -14.62 7.12
C GLN D 271 31.60 -14.32 5.65
N LEU D 272 32.64 -14.20 4.84
CA LEU D 272 32.46 -13.82 3.44
C LEU D 272 31.92 -14.97 2.60
N ALA D 273 31.22 -14.62 1.52
CA ALA D 273 30.61 -15.64 0.67
C ALA D 273 31.63 -16.61 0.05
N HIS D 274 32.85 -16.15 -0.21
CA HIS D 274 33.88 -17.02 -0.76
C HIS D 274 34.68 -17.76 0.31
N VAL D 275 34.36 -17.49 1.58
CA VAL D 275 35.03 -18.15 2.69
C VAL D 275 34.20 -19.34 3.15
N GLU D 276 34.84 -20.52 3.20
CA GLU D 276 34.13 -21.75 3.49
C GLU D 276 34.68 -22.40 4.76
N ASN D 277 35.30 -21.61 5.62
CA ASN D 277 35.81 -22.13 6.89
C ASN D 277 34.91 -21.80 8.08
#